data_6ERG
#
_entry.id   6ERG
#
_cell.length_a   111.710
_cell.length_b   114.260
_cell.length_c   127.170
_cell.angle_alpha   90.000
_cell.angle_beta   93.140
_cell.angle_gamma   90.000
#
_symmetry.space_group_name_H-M   'P 1 21 1'
#
loop_
_entity.id
_entity.type
_entity.pdbx_description
1 polymer 'X-ray repair cross-complementing protein 6'
2 polymer 'X-ray repair cross-complementing protein 5'
3 polymer 'Non-homologous end-joining factor 1'
4 polymer 'DNA (21-MER)'
5 polymer 'DNA (34-MER)'
6 non-polymer 'SULFATE ION'
7 water water
#
loop_
_entity_poly.entity_id
_entity_poly.type
_entity_poly.pdbx_seq_one_letter_code
_entity_poly.pdbx_strand_id
1 'polypeptide(L)'
;MSGWESYYKTEGDEEAEEEQEENLEASGDYKYSGRDSLIFLVDASKAMFESQSEDELTPFDMSIQCIQSVYISKIISSDR
DLLAVVFYGTEKDKNSVNFKNIYVLQELDNPGAKRILELDQFKGQQGQKRFQDMMGHGSDYSLSEVLWVCANLFSDVQFK
MSHKRIMLFTNEDNPHGNDSAKASRARTKAGDLRDTGIFLDLMHLKKPGGFDISLFYRDIISIAEDEDLRVHFEESSKLE
DLLRKVRAKETRKRALSRLKLKLNKDIVISVGIYNLVQKALKPPPIKLYRETNEPVKTKTRTFNTSTGGLLLPSDTKRSQ
IYGSRQIILEKEETEELKRFDDPGLMLMGFKPLVLLKKHHYLRPSLFVYPEESLVIGSSTLFSALLIKCLEKEVAALCRY
TPRRNIPPYFVALVPQEEELDDQKIQVTPPGFQLVFLPFADDKRKMPFTEKIMATPEQVGKMKAIVEKLRFTYRSDSFEN
PVLQQHFRNLEALALDLMEPEQAVDLTLPKVEAMNKRLGSLVDEFKELVYPPDYNPEGKVTKRK
;
A,D
2 'polypeptide(L)'
;MHHHHHHHHHHENLYFQGVRSGNKAAVVLCMDVGFTMSNSIPGIESPFEQAKKVITMFVQRQVFAENKDEIALVLFGTDG
TDNPLSGGDQYQNITVHRHLMLPDFDLLEDIESKIQPGSQQADFLDALIVSMDVIQHETIGKKFEKRHIEIFTDLSSRFS
KSQLDIIIHSLKKCDISLQFFLPFSLGKEDGSGDRGDGPFRLGGHGPSFPLKGITEQQKEGLEIVKMVMISLEGEDGLDE
IYSFSESLRKLCVFKKIERHSIHWPCRLTIGSNLSIRIAAYKSILQERVKKTWTVVDAKTLKKEDIQKETVYCLNDDDET
EVLKEDIIQGFRYGSDIVPFSKVDEEQMKYKSEGKCFSVLGFCKSSQVQRRFFMGNQVLKVFAARDDEAAAVALSSLIHA
LDDLDMVAIVRYAYDKRANPQVGVAFPHIKHNYECLVYVQLPFMEDLRQYMFSSLKNSKKYAPTEAQLNAVDALIDSMSL
AKKDEKTDTLEDLFPTTKIPNPRFQRLFQCLLHRALHPREPLPPIQQHIWNMLNPPAEVTTKSQIPLSKIKTLFPLIEAK
KKDQVTAQEIFQ
;
B,E
3 'polypeptide(L)' SKVKRKKPRGLFS C,F
4 'polydeoxyribonucleotide'
;(DG)(DT)(DT)(DT)(DT)(DT)(DA)(DG)(DT)(DT)(DT)(DA)(DT)(DT)(DG)(DG)(DG)(DC)(DG)(DC)
(DG)
;
H,K
5 'polydeoxyribonucleotide'
;(DC)(DG)(DC)(DG)(DC)(DC)(DC)(DA)(DG)(DC)(DT)(DT)(DT)(DC)(DC)(DC)(DA)(DG)(DC)(DT)
(DA)(DA)(DT)(DA)(DA)(DA)(DC)(DT)(DA)(DA)(DA)(DA)(DA)(DC)
;
M,R
#
loop_
_chem_comp.id
_chem_comp.type
_chem_comp.name
_chem_comp.formula
DA DNA linking 2'-DEOXYADENOSINE-5'-MONOPHOSPHATE 'C10 H14 N5 O6 P'
DC DNA linking 2'-DEOXYCYTIDINE-5'-MONOPHOSPHATE 'C9 H14 N3 O7 P'
DG DNA linking 2'-DEOXYGUANOSINE-5'-MONOPHOSPHATE 'C10 H14 N5 O7 P'
DT DNA linking THYMIDINE-5'-MONOPHOSPHATE 'C10 H15 N2 O8 P'
SO4 non-polymer 'SULFATE ION' 'O4 S -2'
#
# COMPACT_ATOMS: atom_id res chain seq x y z
N GLY A 34 -16.32 21.37 9.62
CA GLY A 34 -16.72 22.22 10.75
C GLY A 34 -15.72 23.28 11.15
N ARG A 35 -15.87 23.78 12.40
CA ARG A 35 -15.02 24.79 13.05
C ARG A 35 -14.21 24.08 14.12
N ASP A 36 -12.90 24.35 14.24
CA ASP A 36 -12.10 23.72 15.28
C ASP A 36 -12.39 24.38 16.65
N SER A 37 -12.19 23.62 17.74
CA SER A 37 -12.46 24.09 19.10
C SER A 37 -11.28 23.98 20.02
N LEU A 38 -11.03 25.07 20.75
CA LEU A 38 -9.92 25.16 21.70
C LEU A 38 -10.39 25.71 23.02
N ILE A 39 -10.20 24.93 24.09
CA ILE A 39 -10.57 25.31 25.45
C ILE A 39 -9.30 25.62 26.20
N PHE A 40 -9.20 26.83 26.76
CA PHE A 40 -8.07 27.21 27.58
C PHE A 40 -8.42 26.95 29.04
N LEU A 41 -7.71 26.01 29.65
CA LEU A 41 -7.94 25.60 31.03
C LEU A 41 -6.80 26.14 31.89
N VAL A 42 -7.13 27.04 32.85
CA VAL A 42 -6.12 27.69 33.68
C VAL A 42 -6.24 27.29 35.14
N ASP A 43 -5.10 26.88 35.73
CA ASP A 43 -5.01 26.53 37.14
C ASP A 43 -5.03 27.81 37.97
N ALA A 44 -5.84 27.85 39.04
CA ALA A 44 -5.94 29.02 39.91
C ALA A 44 -5.41 28.70 41.32
N SER A 45 -4.51 27.70 41.43
CA SER A 45 -3.90 27.31 42.68
C SER A 45 -2.92 28.39 43.16
N LYS A 46 -2.51 28.33 44.44
CA LYS A 46 -1.59 29.26 45.09
C LYS A 46 -0.31 29.52 44.28
N ALA A 47 0.32 28.44 43.76
CA ALA A 47 1.56 28.46 42.99
C ALA A 47 1.47 29.23 41.67
N MET A 48 0.27 29.35 41.09
CA MET A 48 0.06 30.05 39.82
C MET A 48 0.27 31.56 39.93
N PHE A 49 0.14 32.11 41.15
CA PHE A 49 0.30 33.54 41.41
C PHE A 49 1.66 33.86 42.04
N GLU A 50 2.58 32.87 42.07
CA GLU A 50 3.91 32.99 42.65
C GLU A 50 4.96 33.08 41.54
N SER A 51 5.64 34.22 41.44
CA SER A 51 6.69 34.42 40.44
C SER A 51 8.00 33.77 40.90
N GLN A 52 8.71 33.10 39.98
CA GLN A 52 10.00 32.45 40.25
C GLN A 52 11.07 33.56 40.35
N SER A 53 10.98 34.53 39.43
CA SER A 53 11.82 35.72 39.36
C SER A 53 10.88 36.91 39.51
N GLU A 54 11.22 37.84 40.43
CA GLU A 54 10.45 39.04 40.73
C GLU A 54 10.15 39.91 39.48
N ASP A 55 11.11 40.00 38.54
CA ASP A 55 10.99 40.72 37.28
C ASP A 55 10.12 39.97 36.27
N GLU A 56 10.07 38.62 36.39
CA GLU A 56 9.30 37.74 35.52
C GLU A 56 7.84 37.63 35.94
N LEU A 57 6.94 37.48 34.96
CA LEU A 57 5.50 37.37 35.20
C LEU A 57 5.16 36.06 35.90
N THR A 58 4.07 36.04 36.67
CA THR A 58 3.59 34.84 37.37
C THR A 58 3.07 33.87 36.32
N PRO A 59 3.09 32.54 36.57
CA PRO A 59 2.55 31.61 35.57
C PRO A 59 1.11 31.92 35.14
N PHE A 60 0.30 32.49 36.06
CA PHE A 60 -1.08 32.90 35.78
C PHE A 60 -1.13 34.07 34.79
N ASP A 61 -0.37 35.15 35.08
CA ASP A 61 -0.30 36.34 34.24
C ASP A 61 0.19 35.95 32.85
N MET A 62 1.19 35.06 32.80
CA MET A 62 1.78 34.51 31.57
C MET A 62 0.70 33.81 30.76
N SER A 63 -0.14 32.97 31.44
CA SER A 63 -1.24 32.23 30.84
C SER A 63 -2.29 33.17 30.26
N ILE A 64 -2.79 34.13 31.08
CA ILE A 64 -3.78 35.13 30.67
C ILE A 64 -3.30 35.87 29.41
N GLN A 65 -2.08 36.42 29.47
CA GLN A 65 -1.47 37.16 28.37
C GLN A 65 -1.32 36.32 27.11
N CYS A 66 -0.97 35.03 27.26
CA CYS A 66 -0.84 34.10 26.15
C CYS A 66 -2.19 33.83 25.49
N ILE A 67 -3.25 33.66 26.31
CA ILE A 67 -4.62 33.41 25.84
C ILE A 67 -5.15 34.61 25.07
N GLN A 68 -4.95 35.82 25.62
CA GLN A 68 -5.36 37.08 25.00
C GLN A 68 -4.72 37.17 23.60
N SER A 69 -3.42 36.85 23.51
CA SER A 69 -2.65 36.87 22.26
C SER A 69 -3.28 35.98 21.20
N VAL A 70 -3.66 34.74 21.58
CA VAL A 70 -4.29 33.80 20.68
C VAL A 70 -5.62 34.36 20.20
N TYR A 71 -6.41 34.93 21.13
CA TYR A 71 -7.69 35.56 20.82
C TYR A 71 -7.50 36.65 19.75
N ILE A 72 -6.50 37.54 19.93
CA ILE A 72 -6.19 38.63 18.99
C ILE A 72 -5.70 38.10 17.63
N SER A 73 -4.76 37.14 17.64
CA SER A 73 -4.20 36.50 16.44
C SER A 73 -5.30 35.87 15.61
N LYS A 74 -6.26 35.18 16.27
CA LYS A 74 -7.40 34.54 15.62
C LYS A 74 -8.31 35.57 14.96
N ILE A 75 -8.29 36.82 15.47
CA ILE A 75 -9.07 37.91 14.90
C ILE A 75 -8.31 38.48 13.70
N ILE A 76 -6.99 38.71 13.84
CA ILE A 76 -6.12 39.24 12.77
C ILE A 76 -6.26 38.38 11.51
N SER A 77 -6.25 37.04 11.66
CA SER A 77 -6.32 36.10 10.54
C SER A 77 -7.74 35.66 10.16
N SER A 78 -8.79 36.33 10.71
CA SER A 78 -10.21 36.04 10.45
C SER A 78 -10.54 34.53 10.59
N ASP A 79 -9.97 33.91 11.65
CA ASP A 79 -10.15 32.49 11.94
C ASP A 79 -11.54 32.23 12.49
N ARG A 80 -12.16 31.14 12.04
CA ARG A 80 -13.52 30.75 12.45
C ARG A 80 -13.56 29.82 13.67
N ASP A 81 -12.40 29.55 14.30
CA ASP A 81 -12.34 28.65 15.46
C ASP A 81 -13.05 29.20 16.69
N LEU A 82 -13.52 28.29 17.55
CA LEU A 82 -14.23 28.64 18.78
C LEU A 82 -13.32 28.51 19.97
N LEU A 83 -13.32 29.53 20.82
CA LEU A 83 -12.45 29.57 21.98
C LEU A 83 -13.24 29.59 23.28
N ALA A 84 -12.68 28.99 24.33
CA ALA A 84 -13.28 28.93 25.66
C ALA A 84 -12.25 29.17 26.73
N VAL A 85 -12.67 29.73 27.87
CA VAL A 85 -11.79 30.02 29.00
C VAL A 85 -12.38 29.47 30.30
N VAL A 86 -11.69 28.48 30.87
CA VAL A 86 -12.11 27.83 32.11
C VAL A 86 -11.00 27.95 33.14
N PHE A 87 -11.38 28.10 34.40
CA PHE A 87 -10.47 28.17 35.55
C PHE A 87 -10.88 27.11 36.56
N TYR A 88 -9.90 26.53 37.24
CA TYR A 88 -10.18 25.53 38.28
C TYR A 88 -9.33 25.82 39.51
N GLY A 89 -9.84 25.43 40.67
CA GLY A 89 -9.16 25.69 41.93
C GLY A 89 -9.64 27.00 42.53
N THR A 90 -10.66 27.61 41.88
CA THR A 90 -11.28 28.84 42.33
C THR A 90 -12.27 28.53 43.44
N GLU A 91 -12.53 29.48 44.35
CA GLU A 91 -13.49 29.27 45.44
C GLU A 91 -14.91 29.29 44.85
N LYS A 92 -15.12 30.13 43.82
CA LYS A 92 -16.40 30.29 43.13
C LYS A 92 -16.51 29.31 41.98
N ASP A 93 -17.71 28.80 41.73
CA ASP A 93 -17.97 27.88 40.64
C ASP A 93 -19.06 28.40 39.71
N LYS A 94 -18.87 28.22 38.40
CA LYS A 94 -19.82 28.65 37.38
C LYS A 94 -19.80 27.65 36.23
N ASN A 95 -20.68 26.64 36.28
CA ASN A 95 -20.78 25.60 35.26
C ASN A 95 -22.12 24.87 35.34
N SER A 96 -22.51 24.27 34.22
CA SER A 96 -23.80 23.62 34.01
C SER A 96 -24.31 22.58 35.03
N VAL A 97 -23.46 21.74 35.65
CA VAL A 97 -23.80 20.69 36.62
C VAL A 97 -23.40 21.11 38.04
N ASN A 98 -23.00 22.38 38.20
CA ASN A 98 -22.61 22.99 39.49
C ASN A 98 -21.49 22.24 40.21
N PHE A 99 -20.50 21.75 39.43
CA PHE A 99 -19.32 21.08 39.97
C PHE A 99 -18.54 22.15 40.72
N LYS A 100 -18.09 21.83 41.93
CA LYS A 100 -17.38 22.78 42.78
C LYS A 100 -15.99 23.14 42.27
N ASN A 101 -15.61 24.40 42.50
CA ASN A 101 -14.28 24.98 42.21
C ASN A 101 -13.87 24.98 40.73
N ILE A 102 -14.85 25.12 39.83
CA ILE A 102 -14.63 25.19 38.38
C ILE A 102 -15.41 26.39 37.87
N TYR A 103 -14.71 27.33 37.24
CA TYR A 103 -15.33 28.55 36.75
C TYR A 103 -15.21 28.70 35.24
N VAL A 104 -16.33 28.58 34.54
CA VAL A 104 -16.36 28.76 33.08
C VAL A 104 -16.54 30.26 32.82
N LEU A 105 -15.41 30.95 32.61
CA LEU A 105 -15.40 32.38 32.33
C LEU A 105 -16.04 32.62 30.96
N GLN A 106 -15.58 31.90 29.94
CA GLN A 106 -16.08 32.03 28.57
C GLN A 106 -16.38 30.67 27.96
N GLU A 107 -17.65 30.46 27.57
CA GLU A 107 -18.09 29.24 26.90
C GLU A 107 -17.49 29.22 25.48
N LEU A 108 -17.57 28.07 24.77
CA LEU A 108 -17.05 27.99 23.41
C LEU A 108 -17.82 28.90 22.45
N ASP A 109 -17.11 29.89 21.87
CA ASP A 109 -17.69 30.86 20.93
C ASP A 109 -16.58 31.61 20.17
N ASN A 110 -16.96 32.32 19.09
CA ASN A 110 -16.06 33.13 18.28
C ASN A 110 -15.48 34.25 19.15
N PRO A 111 -14.16 34.54 19.02
CA PRO A 111 -13.57 35.62 19.82
C PRO A 111 -14.10 37.00 19.39
N GLY A 112 -14.07 37.96 20.32
CA GLY A 112 -14.53 39.32 20.07
C GLY A 112 -13.85 40.34 20.95
N ALA A 113 -14.26 41.61 20.84
CA ALA A 113 -13.69 42.72 21.61
C ALA A 113 -13.94 42.59 23.10
N LYS A 114 -15.21 42.35 23.51
CA LYS A 114 -15.63 42.20 24.90
C LYS A 114 -14.93 41.04 25.62
N ARG A 115 -14.80 39.89 24.94
CA ARG A 115 -14.13 38.71 25.50
C ARG A 115 -12.64 38.99 25.75
N ILE A 116 -11.98 39.73 24.83
CA ILE A 116 -10.57 40.14 24.98
C ILE A 116 -10.46 41.13 26.15
N LEU A 117 -11.38 42.11 26.22
CA LEU A 117 -11.43 43.10 27.30
C LEU A 117 -11.59 42.40 28.65
N GLU A 118 -12.43 41.35 28.71
CA GLU A 118 -12.67 40.57 29.92
C GLU A 118 -11.39 39.91 30.43
N LEU A 119 -10.59 39.35 29.51
CA LEU A 119 -9.33 38.70 29.83
C LEU A 119 -8.30 39.71 30.35
N ASP A 120 -8.35 40.95 29.82
CA ASP A 120 -7.46 42.06 30.21
C ASP A 120 -7.65 42.48 31.67
N GLN A 121 -8.81 42.15 32.26
CA GLN A 121 -9.12 42.45 33.66
C GLN A 121 -8.30 41.63 34.64
N PHE A 122 -7.67 40.54 34.17
CA PHE A 122 -6.87 39.64 35.00
C PHE A 122 -5.37 39.75 34.70
N LYS A 123 -5.01 40.70 33.84
CA LYS A 123 -3.64 41.00 33.41
C LYS A 123 -2.89 41.77 34.49
N GLY A 124 -1.63 41.40 34.70
CA GLY A 124 -0.74 42.05 35.67
C GLY A 124 -1.08 41.81 37.14
N GLN A 125 -0.45 42.60 38.01
CA GLN A 125 -0.61 42.55 39.47
C GLN A 125 -2.00 43.02 39.91
N GLN A 126 -2.54 44.05 39.25
CA GLN A 126 -3.87 44.60 39.53
C GLN A 126 -4.92 43.55 39.16
N GLY A 127 -4.68 42.88 38.03
CA GLY A 127 -5.53 41.81 37.52
C GLY A 127 -5.61 40.62 38.44
N GLN A 128 -4.45 40.22 39.03
CA GLN A 128 -4.34 39.13 39.98
C GLN A 128 -5.30 39.37 41.15
N LYS A 129 -5.37 40.63 41.62
CA LYS A 129 -6.25 41.06 42.70
C LYS A 129 -7.71 40.98 42.26
N ARG A 130 -8.02 41.43 41.01
CA ARG A 130 -9.36 41.39 40.43
C ARG A 130 -9.88 39.97 40.33
N PHE A 131 -9.03 39.02 39.88
CA PHE A 131 -9.37 37.61 39.74
C PHE A 131 -9.68 36.96 41.10
N GLN A 132 -8.72 37.06 42.04
CA GLN A 132 -8.83 36.47 43.38
C GLN A 132 -10.01 37.00 44.18
N ASP A 133 -10.37 38.27 44.02
CA ASP A 133 -11.51 38.83 44.75
C ASP A 133 -12.83 38.52 44.05
N MET A 134 -12.79 38.27 42.73
CA MET A 134 -13.96 37.96 41.91
C MET A 134 -14.33 36.49 42.01
N MET A 135 -13.32 35.59 42.05
CA MET A 135 -13.53 34.14 42.04
C MET A 135 -12.87 33.36 43.17
N GLY A 136 -11.87 33.94 43.80
CA GLY A 136 -11.13 33.23 44.84
C GLY A 136 -10.08 32.35 44.21
N HIS A 137 -9.27 31.68 45.04
CA HIS A 137 -8.20 30.81 44.59
C HIS A 137 -7.75 29.85 45.69
N GLY A 138 -6.84 28.94 45.31
CA GLY A 138 -6.25 27.95 46.19
C GLY A 138 -7.19 26.89 46.75
N SER A 139 -8.45 26.87 46.32
CA SER A 139 -9.42 25.88 46.80
C SER A 139 -9.17 24.50 46.18
N ASP A 140 -9.65 23.44 46.85
CA ASP A 140 -9.48 22.05 46.40
C ASP A 140 -10.34 21.76 45.20
N TYR A 141 -9.88 20.85 44.33
CA TYR A 141 -10.53 20.48 43.08
C TYR A 141 -10.25 19.01 42.75
N SER A 142 -10.88 18.51 41.68
CA SER A 142 -10.66 17.15 41.18
C SER A 142 -10.65 17.20 39.66
N LEU A 143 -9.45 17.02 39.06
CA LEU A 143 -9.23 17.09 37.62
C LEU A 143 -10.27 16.36 36.78
N SER A 144 -10.81 15.24 37.30
CA SER A 144 -11.86 14.47 36.64
C SER A 144 -13.10 15.34 36.41
N GLU A 145 -13.56 16.06 37.45
CA GLU A 145 -14.70 16.97 37.37
C GLU A 145 -14.39 18.12 36.42
N VAL A 146 -13.14 18.61 36.44
CA VAL A 146 -12.64 19.70 35.60
C VAL A 146 -12.73 19.32 34.13
N LEU A 147 -12.28 18.09 33.80
CA LEU A 147 -12.32 17.59 32.43
C LEU A 147 -13.73 17.32 31.94
N TRP A 148 -14.64 16.90 32.86
CA TRP A 148 -16.04 16.68 32.51
C TRP A 148 -16.65 17.97 32.02
N VAL A 149 -16.43 19.08 32.77
CA VAL A 149 -16.94 20.42 32.45
C VAL A 149 -16.46 20.84 31.07
N CYS A 150 -15.17 20.63 30.78
CA CYS A 150 -14.56 20.97 29.50
C CYS A 150 -15.15 20.16 28.35
N ALA A 151 -15.24 18.83 28.52
CA ALA A 151 -15.81 17.93 27.51
C ALA A 151 -17.25 18.34 27.19
N ASN A 152 -18.02 18.73 28.22
CA ASN A 152 -19.40 19.17 28.09
C ASN A 152 -19.53 20.44 27.25
N LEU A 153 -18.52 21.34 27.30
CA LEU A 153 -18.54 22.58 26.52
C LEU A 153 -18.51 22.29 25.02
N PHE A 154 -17.83 21.19 24.63
CA PHE A 154 -17.77 20.73 23.25
C PHE A 154 -19.15 20.22 22.81
N SER A 155 -19.83 19.49 23.70
CA SER A 155 -21.16 18.93 23.46
C SER A 155 -22.25 19.98 23.27
N ASP A 156 -22.17 21.10 24.01
CA ASP A 156 -23.14 22.19 23.94
C ASP A 156 -23.11 22.99 22.64
N VAL A 157 -22.01 22.88 21.86
CA VAL A 157 -21.85 23.59 20.60
C VAL A 157 -22.83 23.06 19.54
N GLN A 158 -23.71 23.96 19.05
CA GLN A 158 -24.73 23.67 18.04
C GLN A 158 -24.12 23.30 16.68
N PHE A 159 -23.07 24.02 16.24
CA PHE A 159 -22.37 23.74 14.98
C PHE A 159 -21.46 22.54 15.17
N LYS A 160 -21.19 21.77 14.09
CA LYS A 160 -20.32 20.59 14.14
C LYS A 160 -18.86 21.04 14.23
N MET A 161 -18.04 20.26 14.94
CA MET A 161 -16.63 20.58 15.14
C MET A 161 -15.69 19.52 14.60
N SER A 162 -14.62 19.97 13.94
CA SER A 162 -13.61 19.10 13.35
C SER A 162 -12.65 18.61 14.43
N HIS A 163 -11.96 19.56 15.10
CA HIS A 163 -11.01 19.26 16.16
C HIS A 163 -11.49 19.80 17.49
N LYS A 164 -11.33 19.00 18.54
CA LYS A 164 -11.71 19.36 19.91
C LYS A 164 -10.43 19.29 20.73
N ARG A 165 -9.96 20.44 21.21
CA ARG A 165 -8.69 20.51 21.93
C ARG A 165 -8.77 21.26 23.26
N ILE A 166 -8.19 20.67 24.32
CA ILE A 166 -8.10 21.24 25.67
C ILE A 166 -6.64 21.56 25.94
N MET A 167 -6.36 22.82 26.27
CA MET A 167 -5.02 23.30 26.55
C MET A 167 -4.94 23.65 28.04
N LEU A 168 -4.15 22.87 28.79
CA LEU A 168 -4.01 23.06 30.24
C LEU A 168 -2.78 23.87 30.65
N PHE A 169 -2.99 24.95 31.40
CA PHE A 169 -1.92 25.82 31.89
C PHE A 169 -1.78 25.62 33.40
N THR A 170 -0.64 25.06 33.83
CA THR A 170 -0.35 24.78 35.24
C THR A 170 1.15 24.64 35.49
N ASN A 171 1.57 24.93 36.72
CA ASN A 171 2.95 24.78 37.15
C ASN A 171 3.00 23.71 38.25
N GLU A 172 1.90 22.93 38.35
CA GLU A 172 1.74 21.84 39.32
C GLU A 172 1.86 20.52 38.55
N ASP A 173 2.91 19.74 38.84
CA ASP A 173 3.17 18.47 38.15
C ASP A 173 2.59 17.22 38.85
N ASN A 174 1.98 17.39 40.04
CA ASN A 174 1.38 16.30 40.79
C ASN A 174 0.13 16.77 41.59
N PRO A 175 -0.97 17.08 40.88
CA PRO A 175 -2.19 17.59 41.54
C PRO A 175 -2.82 16.70 42.59
N HIS A 176 -2.89 15.40 42.32
CA HIS A 176 -3.52 14.47 43.25
C HIS A 176 -2.55 13.41 43.79
N GLY A 177 -1.33 13.85 44.11
CA GLY A 177 -0.30 13.00 44.69
C GLY A 177 -0.57 12.62 46.14
N ASN A 178 -1.68 13.15 46.69
CA ASN A 178 -2.14 12.94 48.06
C ASN A 178 -3.53 12.28 48.08
N ASP A 179 -4.19 12.16 46.90
CA ASP A 179 -5.51 11.59 46.79
C ASP A 179 -5.62 10.62 45.60
N SER A 180 -5.36 9.33 45.85
CA SER A 180 -5.42 8.26 44.85
C SER A 180 -6.77 8.20 44.15
N ALA A 181 -7.88 8.34 44.93
CA ALA A 181 -9.26 8.33 44.44
C ALA A 181 -9.48 9.39 43.35
N LYS A 182 -8.86 10.57 43.51
CA LYS A 182 -8.97 11.66 42.53
C LYS A 182 -8.05 11.40 41.34
N ALA A 183 -6.78 11.02 41.62
CA ALA A 183 -5.78 10.73 40.58
C ALA A 183 -6.27 9.66 39.62
N SER A 184 -6.86 8.56 40.15
CA SER A 184 -7.40 7.45 39.37
C SER A 184 -8.58 7.88 38.50
N ARG A 185 -9.53 8.66 39.07
CA ARG A 185 -10.70 9.17 38.33
C ARG A 185 -10.26 10.07 37.19
N ALA A 186 -9.21 10.89 37.43
CA ALA A 186 -8.65 11.81 36.43
C ALA A 186 -8.08 11.04 35.23
N ARG A 187 -7.34 9.95 35.48
CA ARG A 187 -6.74 9.11 34.44
C ARG A 187 -7.82 8.47 33.58
N THR A 188 -8.86 7.92 34.21
CA THR A 188 -10.01 7.28 33.55
C THR A 188 -10.71 8.29 32.64
N LYS A 189 -11.05 9.48 33.20
CA LYS A 189 -11.70 10.55 32.47
C LYS A 189 -10.82 11.04 31.32
N ALA A 190 -9.51 11.23 31.57
CA ALA A 190 -8.55 11.67 30.56
C ALA A 190 -8.50 10.64 29.43
N GLY A 191 -8.50 9.36 29.79
CA GLY A 191 -8.52 8.23 28.86
C GLY A 191 -9.75 8.27 27.99
N ASP A 192 -10.92 8.50 28.62
CA ASP A 192 -12.22 8.57 27.95
C ASP A 192 -12.25 9.69 26.91
N LEU A 193 -11.67 10.86 27.23
CA LEU A 193 -11.60 12.02 26.34
C LEU A 193 -10.77 11.72 25.11
N ARG A 194 -9.56 11.15 25.32
CA ARG A 194 -8.62 10.77 24.28
C ARG A 194 -9.27 9.77 23.31
N ASP A 195 -10.05 8.80 23.85
CA ASP A 195 -10.77 7.82 23.05
C ASP A 195 -11.91 8.48 22.26
N THR A 196 -12.55 9.52 22.85
CA THR A 196 -13.65 10.27 22.21
C THR A 196 -13.16 11.07 20.99
N GLY A 197 -11.92 11.53 21.02
CA GLY A 197 -11.32 12.33 19.96
C GLY A 197 -11.00 13.73 20.40
N ILE A 198 -10.98 13.95 21.73
CA ILE A 198 -10.64 15.24 22.34
C ILE A 198 -9.17 15.19 22.70
N PHE A 199 -8.38 16.16 22.22
CA PHE A 199 -6.95 16.22 22.49
C PHE A 199 -6.71 17.04 23.75
N LEU A 200 -5.86 16.52 24.66
CA LEU A 200 -5.50 17.20 25.90
C LEU A 200 -4.02 17.57 25.85
N ASP A 201 -3.71 18.85 25.64
CA ASP A 201 -2.33 19.31 25.57
C ASP A 201 -1.93 20.04 26.84
N LEU A 202 -0.72 19.77 27.33
CA LEU A 202 -0.19 20.39 28.55
C LEU A 202 0.78 21.52 28.25
N MET A 203 0.47 22.68 28.80
CA MET A 203 1.29 23.89 28.72
C MET A 203 1.87 24.12 30.10
N HIS A 204 2.75 23.20 30.49
CA HIS A 204 3.43 23.21 31.78
C HIS A 204 4.34 24.42 31.96
N LEU A 205 4.15 25.10 33.10
CA LEU A 205 4.86 26.30 33.45
C LEU A 205 5.91 26.04 34.54
N LYS A 206 6.92 26.93 34.66
CA LYS A 206 8.03 26.79 35.60
C LYS A 206 7.62 26.56 37.07
N LYS A 207 8.32 25.63 37.71
CA LYS A 207 8.14 25.21 39.10
C LYS A 207 9.54 25.02 39.71
N PRO A 208 9.78 25.39 40.99
CA PRO A 208 11.12 25.18 41.58
C PRO A 208 11.46 23.68 41.63
N GLY A 209 12.61 23.34 41.07
CA GLY A 209 13.06 21.96 40.94
C GLY A 209 12.61 21.34 39.63
N GLY A 210 12.05 22.17 38.75
CA GLY A 210 11.55 21.78 37.44
C GLY A 210 10.18 21.13 37.44
N PHE A 211 9.56 21.03 36.25
CA PHE A 211 8.26 20.39 36.05
C PHE A 211 8.50 18.99 35.49
N ASP A 212 8.07 17.95 36.24
CA ASP A 212 8.22 16.56 35.81
C ASP A 212 6.90 15.99 35.31
N ILE A 213 6.82 15.81 33.98
CA ILE A 213 5.64 15.27 33.30
C ILE A 213 5.41 13.80 33.65
N SER A 214 6.50 13.01 33.80
CA SER A 214 6.42 11.58 34.08
C SER A 214 5.72 11.22 35.40
N LEU A 215 5.65 12.17 36.36
CA LEU A 215 5.01 11.96 37.67
C LEU A 215 3.50 11.74 37.58
N PHE A 216 2.80 12.48 36.71
CA PHE A 216 1.34 12.34 36.60
C PHE A 216 0.77 12.57 35.20
N TYR A 217 1.06 13.73 34.58
CA TYR A 217 0.51 14.13 33.28
C TYR A 217 0.90 13.26 32.10
N ARG A 218 1.92 12.41 32.24
CA ARG A 218 2.39 11.49 31.21
C ARG A 218 1.24 10.57 30.75
N ASP A 219 0.33 10.26 31.68
CA ASP A 219 -0.83 9.39 31.46
C ASP A 219 -2.11 10.15 31.09
N ILE A 220 -2.09 11.49 31.14
CA ILE A 220 -3.25 12.35 30.85
C ILE A 220 -3.16 12.95 29.44
N ILE A 221 -2.01 13.57 29.12
CA ILE A 221 -1.75 14.26 27.86
C ILE A 221 -1.88 13.34 26.65
N SER A 222 -2.38 13.90 25.55
CA SER A 222 -2.53 13.21 24.29
C SER A 222 -1.17 13.11 23.61
N ILE A 223 -0.75 11.85 23.35
CA ILE A 223 0.52 11.53 22.71
C ILE A 223 0.28 10.90 21.34
N ALA A 224 0.89 11.47 20.29
CA ALA A 224 0.81 10.95 18.92
C ALA A 224 1.70 9.72 18.82
N GLU A 225 1.25 8.72 18.05
CA GLU A 225 1.87 7.40 17.90
C GLU A 225 3.34 7.37 17.42
N ASP A 226 3.83 8.39 16.69
CA ASP A 226 5.22 8.40 16.21
C ASP A 226 6.14 9.40 16.98
N GLU A 227 5.62 10.05 18.04
CA GLU A 227 6.39 11.02 18.85
C GLU A 227 7.35 10.36 19.85
N ASP A 228 6.80 9.48 20.72
CA ASP A 228 7.48 8.75 21.79
C ASP A 228 8.18 9.67 22.82
N LEU A 229 7.46 10.74 23.23
CA LEU A 229 7.81 11.74 24.27
C LEU A 229 9.01 12.66 23.93
N ARG A 230 9.68 12.46 22.78
CA ARG A 230 10.81 13.28 22.32
C ARG A 230 10.33 14.64 21.84
N VAL A 231 9.17 14.66 21.17
CA VAL A 231 8.51 15.84 20.60
C VAL A 231 7.96 16.79 21.69
N HIS A 232 7.84 16.34 22.97
CA HIS A 232 7.31 17.24 23.99
C HIS A 232 8.26 18.34 24.38
N PHE A 233 7.71 19.55 24.38
CA PHE A 233 8.36 20.82 24.69
C PHE A 233 8.79 20.87 26.12
N GLU A 234 9.76 21.75 26.40
CA GLU A 234 10.28 21.99 27.74
C GLU A 234 9.29 22.88 28.49
N GLU A 235 9.47 23.06 29.81
CA GLU A 235 8.61 23.94 30.61
C GLU A 235 8.76 25.39 30.14
N SER A 236 7.69 26.19 30.21
CA SER A 236 7.76 27.60 29.80
C SER A 236 8.08 28.49 30.98
N SER A 237 9.03 29.43 30.79
CA SER A 237 9.45 30.38 31.82
C SER A 237 9.32 31.82 31.32
N LYS A 238 9.10 31.98 30.01
CA LYS A 238 8.93 33.27 29.33
C LYS A 238 7.62 33.21 28.55
N LEU A 239 6.90 34.35 28.49
CA LEU A 239 5.65 34.46 27.75
C LEU A 239 5.85 34.08 26.28
N GLU A 240 6.95 34.58 25.69
CA GLU A 240 7.36 34.35 24.30
C GLU A 240 7.37 32.87 23.93
N ASP A 241 7.97 32.03 24.80
CA ASP A 241 8.05 30.58 24.62
C ASP A 241 6.68 29.92 24.76
N LEU A 242 5.92 30.28 25.82
CA LEU A 242 4.57 29.74 26.05
C LEU A 242 3.67 30.04 24.85
N LEU A 243 3.80 31.25 24.29
CA LEU A 243 3.04 31.71 23.14
C LEU A 243 3.27 30.85 21.89
N ARG A 244 4.56 30.63 21.52
CA ARG A 244 4.93 29.82 20.35
C ARG A 244 4.47 28.39 20.51
N LYS A 245 4.68 27.80 21.70
CA LYS A 245 4.28 26.43 22.03
C LYS A 245 2.77 26.28 21.87
N VAL A 246 2.00 27.29 22.30
CA VAL A 246 0.54 27.29 22.18
C VAL A 246 0.15 27.42 20.72
N ARG A 247 0.74 28.42 20.01
CA ARG A 247 0.50 28.70 18.59
C ARG A 247 0.80 27.49 17.71
N ALA A 248 1.82 26.70 18.10
CA ALA A 248 2.27 25.51 17.39
C ALA A 248 1.24 24.39 17.38
N LYS A 249 0.47 24.25 18.46
CA LYS A 249 -0.56 23.22 18.60
C LYS A 249 -1.96 23.72 18.21
N GLU A 250 -2.22 25.03 18.35
CA GLU A 250 -3.48 25.72 18.07
C GLU A 250 -3.92 25.59 16.61
N THR A 251 -2.96 25.69 15.67
CA THR A 251 -3.28 25.63 14.24
C THR A 251 -2.83 24.31 13.60
N ARG A 252 -3.73 23.72 12.81
CA ARG A 252 -3.51 22.49 12.06
C ARG A 252 -2.94 22.81 10.68
N LYS A 253 -2.12 21.87 10.16
CA LYS A 253 -1.51 21.94 8.82
C LYS A 253 -2.62 22.09 7.78
N ARG A 254 -2.41 22.96 6.80
CA ARG A 254 -3.39 23.17 5.74
C ARG A 254 -2.66 23.22 4.41
N ALA A 255 -2.68 22.09 3.67
CA ALA A 255 -2.02 21.97 2.38
C ALA A 255 -2.64 22.86 1.33
N LEU A 256 -1.80 23.47 0.52
CA LEU A 256 -2.17 24.36 -0.58
C LEU A 256 -2.60 23.49 -1.77
N SER A 257 -1.99 22.29 -1.89
CA SER A 257 -2.26 21.30 -2.93
C SER A 257 -1.55 19.99 -2.63
N ARG A 258 -2.16 18.88 -3.02
CA ARG A 258 -1.60 17.55 -2.90
C ARG A 258 -1.25 17.16 -4.34
N LEU A 259 0.06 17.03 -4.61
CA LEU A 259 0.53 16.75 -5.96
C LEU A 259 1.39 15.51 -6.04
N LYS A 260 1.61 15.07 -7.27
CA LYS A 260 2.44 13.93 -7.57
C LYS A 260 3.83 14.45 -7.91
N LEU A 261 4.89 13.83 -7.37
CA LEU A 261 6.27 14.17 -7.69
C LEU A 261 6.78 13.01 -8.52
N LYS A 262 6.82 13.22 -9.84
CA LYS A 262 7.20 12.21 -10.83
C LYS A 262 8.71 12.18 -11.12
N LEU A 263 9.37 11.08 -10.73
CA LEU A 263 10.79 10.87 -10.99
C LEU A 263 10.91 10.48 -12.46
N ASN A 264 9.84 9.84 -12.96
CA ASN A 264 9.57 9.47 -14.34
C ASN A 264 8.06 9.15 -14.44
N LYS A 265 7.58 8.71 -15.60
CA LYS A 265 6.17 8.37 -15.85
C LYS A 265 5.63 7.31 -14.87
N ASP A 266 6.47 6.31 -14.52
CA ASP A 266 6.12 5.16 -13.67
C ASP A 266 6.34 5.36 -12.17
N ILE A 267 7.41 6.06 -11.77
CA ILE A 267 7.80 6.31 -10.39
C ILE A 267 7.21 7.63 -9.91
N VAL A 268 6.07 7.55 -9.24
CA VAL A 268 5.34 8.72 -8.75
C VAL A 268 5.12 8.62 -7.25
N ILE A 269 5.53 9.67 -6.52
CA ILE A 269 5.32 9.76 -5.07
C ILE A 269 4.33 10.89 -4.82
N SER A 270 3.60 10.82 -3.71
CA SER A 270 2.64 11.87 -3.41
C SER A 270 3.24 12.83 -2.42
N VAL A 271 3.01 14.13 -2.63
CA VAL A 271 3.52 15.19 -1.77
C VAL A 271 2.46 16.24 -1.46
N GLY A 272 2.63 16.89 -0.33
CA GLY A 272 1.80 18.00 0.11
C GLY A 272 2.60 19.26 -0.06
N ILE A 273 1.96 20.31 -0.57
CA ILE A 273 2.61 21.61 -0.79
C ILE A 273 2.03 22.55 0.25
N TYR A 274 2.88 23.19 1.05
CA TYR A 274 2.44 24.07 2.11
C TYR A 274 3.09 25.44 2.00
N ASN A 275 2.36 26.48 2.43
CA ASN A 275 2.86 27.84 2.40
C ASN A 275 3.36 28.20 3.78
N LEU A 276 4.69 28.26 3.94
CA LEU A 276 5.38 28.58 5.20
C LEU A 276 5.11 30.03 5.61
N VAL A 277 5.09 30.94 4.62
CA VAL A 277 4.86 32.37 4.82
C VAL A 277 3.73 32.84 3.92
N GLN A 278 2.67 33.42 4.51
CA GLN A 278 1.51 33.91 3.77
C GLN A 278 1.21 35.34 4.22
N LYS A 279 1.28 36.28 3.28
CA LYS A 279 1.06 37.70 3.53
C LYS A 279 -0.27 38.00 4.20
N ALA A 280 -0.20 38.43 5.47
CA ALA A 280 -1.39 38.82 6.24
C ALA A 280 -1.77 40.21 5.76
N LEU A 281 -2.93 40.30 5.11
CA LEU A 281 -3.44 41.54 4.54
C LEU A 281 -4.53 42.16 5.39
N LYS A 282 -4.72 43.49 5.22
CA LYS A 282 -5.77 44.27 5.88
C LYS A 282 -7.09 43.69 5.39
N PRO A 283 -7.92 43.08 6.26
CA PRO A 283 -9.17 42.47 5.77
C PRO A 283 -10.02 43.42 4.93
N PRO A 284 -10.57 42.95 3.80
CA PRO A 284 -11.36 43.84 2.94
C PRO A 284 -12.65 44.30 3.62
N PRO A 285 -13.14 45.51 3.29
CA PRO A 285 -14.39 46.00 3.90
C PRO A 285 -15.60 45.15 3.54
N ILE A 286 -16.65 45.23 4.35
CA ILE A 286 -17.89 44.49 4.14
C ILE A 286 -19.06 45.46 4.11
N LYS A 287 -19.93 45.30 3.12
CA LYS A 287 -21.10 46.16 2.91
C LYS A 287 -22.23 45.85 3.88
N LEU A 288 -22.72 46.88 4.60
CA LEU A 288 -23.78 46.75 5.61
C LEU A 288 -24.89 47.77 5.40
N TYR A 289 -26.10 47.48 5.92
CA TYR A 289 -27.20 48.46 5.90
C TYR A 289 -27.03 49.28 7.22
N ARG A 290 -27.12 50.62 7.17
CA ARG A 290 -26.99 51.47 8.36
C ARG A 290 -28.03 51.18 9.45
N GLU A 291 -29.32 51.04 9.07
CA GLU A 291 -30.44 50.78 9.99
C GLU A 291 -30.43 49.39 10.63
N THR A 292 -30.02 48.34 9.87
CA THR A 292 -30.01 46.96 10.37
C THR A 292 -28.64 46.49 10.89
N ASN A 293 -27.53 47.15 10.44
CA ASN A 293 -26.13 46.83 10.78
C ASN A 293 -25.81 45.37 10.50
N GLU A 294 -26.39 44.85 9.40
CA GLU A 294 -26.26 43.48 8.96
C GLU A 294 -25.53 43.39 7.63
N PRO A 295 -24.63 42.39 7.47
CA PRO A 295 -23.91 42.24 6.19
C PRO A 295 -24.83 41.96 5.01
N VAL A 296 -24.44 42.45 3.84
CA VAL A 296 -25.21 42.31 2.60
C VAL A 296 -24.46 41.45 1.58
N LYS A 297 -25.16 40.49 0.97
CA LYS A 297 -24.68 39.58 -0.06
C LYS A 297 -24.55 40.34 -1.39
N THR A 298 -23.58 39.95 -2.23
CA THR A 298 -23.37 40.60 -3.52
C THR A 298 -23.31 39.58 -4.66
N LYS A 299 -24.22 39.76 -5.65
CA LYS A 299 -24.30 38.89 -6.83
C LYS A 299 -23.86 39.66 -8.08
N THR A 300 -22.84 39.16 -8.79
CA THR A 300 -22.33 39.77 -10.01
C THR A 300 -22.75 38.95 -11.22
N ARG A 301 -23.64 39.50 -12.06
CA ARG A 301 -24.15 38.83 -13.25
C ARG A 301 -23.68 39.54 -14.53
N THR A 302 -23.74 38.83 -15.67
CA THR A 302 -23.37 39.33 -17.01
C THR A 302 -24.61 39.24 -17.89
N PHE A 303 -25.01 40.37 -18.50
CA PHE A 303 -26.21 40.41 -19.34
C PHE A 303 -25.99 41.19 -20.61
N ASN A 304 -26.71 40.81 -21.69
CA ASN A 304 -26.62 41.51 -22.96
C ASN A 304 -27.20 42.91 -22.74
N THR A 305 -26.50 43.95 -23.21
CA THR A 305 -26.92 45.34 -23.06
C THR A 305 -28.26 45.63 -23.76
N SER A 306 -28.42 45.13 -25.00
CA SER A 306 -29.63 45.32 -25.81
C SER A 306 -30.84 44.55 -25.30
N THR A 307 -30.74 43.21 -25.19
CA THR A 307 -31.82 42.32 -24.75
C THR A 307 -32.11 42.43 -23.25
N GLY A 308 -31.04 42.59 -22.46
CA GLY A 308 -31.13 42.65 -21.00
C GLY A 308 -31.09 41.29 -20.34
N GLY A 309 -31.05 40.25 -21.16
CA GLY A 309 -31.04 38.86 -20.71
C GLY A 309 -29.69 38.38 -20.21
N LEU A 310 -29.74 37.47 -19.21
CA LEU A 310 -28.58 36.84 -18.59
C LEU A 310 -27.75 36.10 -19.65
N LEU A 311 -26.42 36.24 -19.57
CA LEU A 311 -25.49 35.63 -20.52
C LEU A 311 -24.85 34.35 -20.01
N LEU A 312 -25.10 33.24 -20.73
CA LEU A 312 -24.52 31.94 -20.42
C LEU A 312 -23.05 31.96 -20.86
N PRO A 313 -22.16 31.16 -20.24
CA PRO A 313 -20.75 31.15 -20.69
C PRO A 313 -20.59 30.69 -22.15
N SER A 314 -21.60 29.96 -22.66
CA SER A 314 -21.68 29.45 -24.03
C SER A 314 -22.26 30.51 -25.01
N ASP A 315 -22.56 31.72 -24.50
CA ASP A 315 -23.11 32.82 -25.29
C ASP A 315 -22.06 33.92 -25.55
N THR A 316 -20.82 33.68 -25.12
CA THR A 316 -19.71 34.63 -25.25
C THR A 316 -18.42 33.95 -25.74
N LYS A 317 -17.58 34.72 -26.45
CA LYS A 317 -16.29 34.25 -26.98
C LYS A 317 -15.15 35.16 -26.52
N ARG A 318 -13.89 34.74 -26.75
CA ARG A 318 -12.71 35.49 -26.35
C ARG A 318 -12.00 36.12 -27.54
N SER A 319 -11.67 37.43 -27.42
CA SER A 319 -11.03 38.19 -28.48
C SER A 319 -9.74 38.87 -28.04
N GLN A 320 -8.84 39.07 -29.01
CA GLN A 320 -7.55 39.76 -28.90
C GLN A 320 -7.22 40.39 -30.24
N ILE A 321 -6.77 41.65 -30.22
CA ILE A 321 -6.50 42.40 -31.46
C ILE A 321 -5.00 42.61 -31.68
N TYR A 322 -4.49 42.04 -32.78
CA TYR A 322 -3.10 42.18 -33.19
C TYR A 322 -3.05 42.46 -34.67
N GLY A 323 -2.07 43.25 -35.09
CA GLY A 323 -1.87 43.64 -36.49
C GLY A 323 -3.14 43.91 -37.28
N SER A 324 -3.94 44.90 -36.82
CA SER A 324 -5.23 45.36 -37.36
C SER A 324 -6.22 44.21 -37.68
N ARG A 325 -6.21 43.17 -36.81
CA ARG A 325 -7.07 42.00 -36.96
C ARG A 325 -7.63 41.54 -35.64
N GLN A 326 -8.88 41.07 -35.66
CA GLN A 326 -9.51 40.51 -34.47
C GLN A 326 -9.35 39.00 -34.52
N ILE A 327 -8.71 38.44 -33.49
CA ILE A 327 -8.44 37.02 -33.36
C ILE A 327 -9.42 36.47 -32.33
N ILE A 328 -10.31 35.56 -32.75
CA ILE A 328 -11.33 35.00 -31.86
C ILE A 328 -11.03 33.55 -31.48
N LEU A 329 -11.08 33.26 -30.17
CA LEU A 329 -10.92 31.92 -29.63
C LEU A 329 -12.12 31.62 -28.73
N GLU A 330 -12.41 30.33 -28.53
CA GLU A 330 -13.47 29.89 -27.62
C GLU A 330 -12.90 29.90 -26.22
N LYS A 331 -13.75 29.95 -25.17
CA LYS A 331 -13.26 29.94 -23.78
C LYS A 331 -12.40 28.68 -23.58
N GLU A 332 -12.87 27.54 -24.06
CA GLU A 332 -12.22 26.23 -24.02
C GLU A 332 -10.81 26.27 -24.62
N GLU A 333 -10.63 27.06 -25.69
CA GLU A 333 -9.35 27.19 -26.39
C GLU A 333 -8.35 28.05 -25.65
N THR A 334 -8.82 29.07 -24.92
CA THR A 334 -7.96 29.96 -24.13
C THR A 334 -7.38 29.20 -22.95
N GLU A 335 -8.03 28.10 -22.57
CA GLU A 335 -7.57 27.23 -21.49
C GLU A 335 -6.60 26.21 -22.09
N GLU A 336 -6.96 25.62 -23.24
CA GLU A 336 -6.16 24.62 -23.95
C GLU A 336 -4.76 25.14 -24.33
N LEU A 337 -4.68 26.40 -24.75
CA LEU A 337 -3.43 27.04 -25.13
C LEU A 337 -2.53 27.29 -23.92
N LYS A 338 -3.05 27.07 -22.70
CA LYS A 338 -2.30 27.23 -21.46
C LYS A 338 -1.79 25.89 -20.95
N ARG A 339 -2.31 24.79 -21.50
CA ARG A 339 -1.95 23.42 -21.09
C ARG A 339 -0.61 22.94 -21.67
N PHE A 340 0.25 22.45 -20.77
CA PHE A 340 1.56 21.88 -21.08
C PHE A 340 1.64 20.53 -20.37
N ASP A 341 2.04 20.53 -19.09
CA ASP A 341 2.15 19.32 -18.27
C ASP A 341 0.87 19.08 -17.48
N ASP A 342 0.69 17.83 -17.03
CA ASP A 342 -0.41 17.49 -16.14
C ASP A 342 0.01 18.02 -14.76
N PRO A 343 -0.93 18.35 -13.83
CA PRO A 343 -0.49 18.90 -12.54
C PRO A 343 0.49 18.02 -11.78
N GLY A 344 1.49 18.66 -11.18
CA GLY A 344 2.51 17.99 -10.39
C GLY A 344 3.89 18.57 -10.51
N LEU A 345 4.89 17.77 -10.10
CA LEU A 345 6.29 18.14 -10.14
C LEU A 345 7.04 17.08 -10.94
N MET A 346 7.63 17.48 -12.06
CA MET A 346 8.37 16.56 -12.92
C MET A 346 9.86 16.76 -12.71
N LEU A 347 10.54 15.71 -12.25
CA LEU A 347 11.97 15.76 -11.99
C LEU A 347 12.77 15.93 -13.28
N MET A 348 13.57 17.00 -13.31
CA MET A 348 14.43 17.35 -14.43
C MET A 348 15.83 16.80 -14.17
N GLY A 349 16.26 16.87 -12.92
CA GLY A 349 17.56 16.40 -12.50
C GLY A 349 18.01 17.05 -11.21
N PHE A 350 19.31 16.98 -10.94
CA PHE A 350 19.88 17.52 -9.70
C PHE A 350 20.95 18.53 -10.00
N LYS A 351 20.77 19.73 -9.43
CA LYS A 351 21.67 20.85 -9.61
C LYS A 351 22.32 21.26 -8.29
N PRO A 352 23.68 21.38 -8.24
CA PRO A 352 24.35 21.81 -6.99
C PRO A 352 23.85 23.17 -6.51
N LEU A 353 23.58 23.27 -5.20
CA LEU A 353 23.04 24.47 -4.52
C LEU A 353 23.78 25.78 -4.82
N VAL A 354 25.11 25.71 -5.05
CA VAL A 354 25.95 26.88 -5.37
C VAL A 354 25.53 27.58 -6.66
N LEU A 355 24.84 26.84 -7.55
CA LEU A 355 24.35 27.36 -8.82
C LEU A 355 23.03 28.09 -8.70
N LEU A 356 22.41 28.06 -7.51
CA LEU A 356 21.14 28.74 -7.28
C LEU A 356 21.43 30.07 -6.61
N LYS A 357 21.14 31.16 -7.33
CA LYS A 357 21.41 32.51 -6.89
C LYS A 357 20.38 33.05 -5.91
N LYS A 358 20.88 33.68 -4.84
CA LYS A 358 20.10 34.30 -3.77
C LYS A 358 19.27 35.45 -4.31
N HIS A 359 19.81 36.19 -5.29
CA HIS A 359 19.17 37.33 -5.91
C HIS A 359 18.20 36.97 -7.05
N HIS A 360 17.90 35.67 -7.22
CA HIS A 360 16.96 35.22 -8.26
C HIS A 360 15.63 34.85 -7.63
N TYR A 361 15.26 35.62 -6.61
CA TYR A 361 13.99 35.46 -5.93
C TYR A 361 12.91 35.99 -6.87
N LEU A 362 11.81 35.27 -7.00
CA LEU A 362 10.73 35.69 -7.88
C LEU A 362 9.44 35.92 -7.09
N ARG A 363 9.08 34.91 -6.28
CA ARG A 363 7.87 34.87 -5.46
C ARG A 363 8.12 33.96 -4.24
N PRO A 364 7.36 34.11 -3.13
CA PRO A 364 7.63 33.29 -1.93
C PRO A 364 7.67 31.78 -2.16
N SER A 365 8.69 31.14 -1.57
CA SER A 365 8.94 29.72 -1.68
C SER A 365 7.91 28.93 -0.88
N LEU A 366 7.69 27.67 -1.30
CA LEU A 366 6.74 26.78 -0.65
C LEU A 366 7.48 25.66 0.08
N PHE A 367 6.73 24.77 0.75
CA PHE A 367 7.31 23.64 1.47
C PHE A 367 6.72 22.33 0.99
N VAL A 368 7.59 21.34 0.71
CA VAL A 368 7.18 20.03 0.21
C VAL A 368 7.38 18.95 1.27
N TYR A 369 6.32 18.20 1.55
CA TYR A 369 6.32 17.14 2.54
C TYR A 369 5.58 15.91 1.99
N PRO A 370 6.02 14.66 2.27
CA PRO A 370 5.33 13.49 1.71
C PRO A 370 3.91 13.27 2.23
N GLU A 371 3.02 12.80 1.33
CA GLU A 371 1.63 12.50 1.65
C GLU A 371 1.42 10.98 1.56
N GLU A 372 1.64 10.28 2.67
CA GLU A 372 1.53 8.82 2.76
C GLU A 372 0.12 8.28 2.51
N SER A 373 -0.91 9.10 2.78
CA SER A 373 -2.31 8.74 2.60
C SER A 373 -2.73 8.48 1.14
N LEU A 374 -2.00 9.05 0.16
CA LEU A 374 -2.33 8.87 -1.25
C LEU A 374 -1.52 7.76 -1.91
N VAL A 375 -0.17 7.85 -1.85
CA VAL A 375 0.72 6.84 -2.42
C VAL A 375 1.54 6.21 -1.29
N ILE A 376 1.29 4.93 -1.00
CA ILE A 376 2.02 4.21 0.04
C ILE A 376 3.46 3.97 -0.44
N GLY A 377 4.42 4.36 0.38
CA GLY A 377 5.83 4.23 0.07
C GLY A 377 6.50 5.56 -0.23
N SER A 378 5.69 6.63 -0.33
CA SER A 378 6.13 8.00 -0.63
C SER A 378 7.17 8.53 0.37
N SER A 379 6.90 8.38 1.69
CA SER A 379 7.76 8.87 2.76
C SER A 379 9.16 8.27 2.75
N THR A 380 9.28 6.94 2.50
CA THR A 380 10.56 6.24 2.43
C THR A 380 11.43 6.83 1.31
N LEU A 381 10.89 6.91 0.08
CA LEU A 381 11.58 7.46 -1.09
C LEU A 381 11.93 8.92 -0.86
N PHE A 382 10.97 9.68 -0.28
CA PHE A 382 11.15 11.09 0.05
C PHE A 382 12.33 11.26 0.99
N SER A 383 12.35 10.49 2.11
CA SER A 383 13.41 10.50 3.12
C SER A 383 14.78 10.22 2.51
N ALA A 384 14.84 9.23 1.60
CA ALA A 384 16.06 8.83 0.89
C ALA A 384 16.58 9.98 0.04
N LEU A 385 15.68 10.62 -0.74
CA LEU A 385 16.01 11.76 -1.59
C LEU A 385 16.53 12.91 -0.77
N LEU A 386 15.86 13.19 0.36
CA LEU A 386 16.22 14.24 1.30
C LEU A 386 17.59 14.00 1.92
N ILE A 387 17.85 12.76 2.41
CA ILE A 387 19.12 12.39 3.03
C ILE A 387 20.28 12.61 2.05
N LYS A 388 20.13 12.10 0.82
CA LYS A 388 21.18 12.18 -0.20
C LYS A 388 21.35 13.57 -0.80
N CYS A 389 20.27 14.35 -0.95
CA CYS A 389 20.37 15.72 -1.47
C CYS A 389 21.17 16.58 -0.47
N LEU A 390 20.97 16.32 0.82
CA LEU A 390 21.66 17.02 1.89
C LEU A 390 23.15 16.70 1.89
N GLU A 391 23.50 15.40 1.82
CA GLU A 391 24.88 14.91 1.79
C GLU A 391 25.67 15.46 0.60
N LYS A 392 25.01 15.57 -0.55
CA LYS A 392 25.65 16.03 -1.78
C LYS A 392 25.54 17.52 -2.04
N GLU A 393 24.81 18.25 -1.17
CA GLU A 393 24.59 19.70 -1.27
C GLU A 393 24.05 20.06 -2.66
N VAL A 394 23.03 19.30 -3.07
CA VAL A 394 22.39 19.39 -4.38
C VAL A 394 20.88 19.61 -4.23
N ALA A 395 20.26 20.25 -5.24
CA ALA A 395 18.82 20.50 -5.30
C ALA A 395 18.16 19.73 -6.44
N ALA A 396 16.92 19.28 -6.23
CA ALA A 396 16.15 18.56 -7.24
C ALA A 396 15.41 19.56 -8.12
N LEU A 397 15.90 19.78 -9.35
CA LEU A 397 15.25 20.70 -10.28
C LEU A 397 14.00 20.04 -10.88
N CYS A 398 12.87 20.75 -10.85
CA CYS A 398 11.59 20.25 -11.33
C CYS A 398 10.85 21.24 -12.19
N ARG A 399 9.96 20.71 -13.04
CA ARG A 399 9.04 21.49 -13.85
C ARG A 399 7.71 21.41 -13.09
N TYR A 400 7.25 22.55 -12.56
CA TYR A 400 6.10 22.63 -11.66
C TYR A 400 4.81 23.16 -12.32
N THR A 401 3.71 22.39 -12.13
CA THR A 401 2.37 22.68 -12.63
C THR A 401 1.41 22.56 -11.43
N PRO A 402 1.06 23.71 -10.78
CA PRO A 402 0.21 23.66 -9.58
C PRO A 402 -1.20 23.13 -9.76
N ARG A 403 -1.80 23.37 -10.93
CA ARG A 403 -3.16 22.95 -11.23
C ARG A 403 -3.32 22.71 -12.72
N ARG A 404 -4.49 22.22 -13.15
CA ARG A 404 -4.76 21.96 -14.56
C ARG A 404 -4.77 23.26 -15.34
N ASN A 405 -4.37 23.18 -16.63
CA ASN A 405 -4.35 24.29 -17.57
C ASN A 405 -3.56 25.51 -17.09
N ILE A 406 -2.29 25.28 -16.73
CA ILE A 406 -1.35 26.32 -16.31
C ILE A 406 0.05 26.00 -16.88
N PRO A 407 0.71 26.98 -17.50
CA PRO A 407 2.05 26.74 -18.05
C PRO A 407 3.05 26.41 -16.95
N PRO A 408 4.14 25.68 -17.26
CA PRO A 408 5.08 25.29 -16.21
C PRO A 408 6.07 26.36 -15.80
N TYR A 409 6.68 26.15 -14.63
CA TYR A 409 7.70 26.99 -14.05
C TYR A 409 8.77 26.10 -13.48
N PHE A 410 10.03 26.49 -13.63
CA PHE A 410 11.11 25.69 -13.08
C PHE A 410 11.30 26.03 -11.62
N VAL A 411 11.39 25.00 -10.79
CA VAL A 411 11.55 25.17 -9.35
C VAL A 411 12.68 24.30 -8.86
N ALA A 412 13.38 24.74 -7.82
CA ALA A 412 14.46 23.98 -7.23
C ALA A 412 14.02 23.51 -5.86
N LEU A 413 13.95 22.18 -5.67
CA LEU A 413 13.57 21.63 -4.37
C LEU A 413 14.83 21.59 -3.53
N VAL A 414 14.94 22.55 -2.61
CA VAL A 414 16.11 22.70 -1.77
C VAL A 414 15.98 21.85 -0.51
N PRO A 415 16.92 20.88 -0.30
CA PRO A 415 16.87 20.05 0.90
C PRO A 415 16.91 20.87 2.18
N GLN A 416 16.00 20.55 3.10
CA GLN A 416 15.85 21.25 4.36
C GLN A 416 15.86 20.27 5.53
N GLU A 417 16.90 20.37 6.37
CA GLU A 417 17.07 19.52 7.55
C GLU A 417 16.29 20.12 8.73
N GLU A 418 15.68 19.24 9.53
CA GLU A 418 14.92 19.60 10.73
C GLU A 418 15.80 20.29 11.76
N GLU A 419 15.22 21.29 12.46
CA GLU A 419 15.90 22.03 13.52
C GLU A 419 14.94 22.36 14.66
N LEU A 420 15.34 22.02 15.89
CA LEU A 420 14.57 22.29 17.10
C LEU A 420 15.38 23.24 17.97
N ASP A 421 14.72 24.23 18.61
CA ASP A 421 15.41 25.19 19.46
C ASP A 421 15.59 24.67 20.89
N ASP A 422 16.08 25.53 21.79
CA ASP A 422 16.31 25.24 23.21
C ASP A 422 15.05 24.75 23.94
N GLN A 423 13.86 25.20 23.48
CA GLN A 423 12.57 24.85 24.08
C GLN A 423 11.95 23.60 23.46
N LYS A 424 12.63 23.02 22.44
CA LYS A 424 12.22 21.82 21.69
C LYS A 424 11.11 22.14 20.67
N ILE A 425 11.01 23.41 20.24
CA ILE A 425 10.04 23.89 19.24
C ILE A 425 10.68 23.67 17.85
N GLN A 426 9.90 23.18 16.88
CA GLN A 426 10.38 22.95 15.52
C GLN A 426 10.55 24.27 14.78
N VAL A 427 11.79 24.77 14.76
CA VAL A 427 12.15 26.02 14.08
C VAL A 427 12.15 25.80 12.57
N THR A 428 12.72 24.67 12.13
CA THR A 428 12.81 24.31 10.71
C THR A 428 12.25 22.91 10.47
N PRO A 429 11.16 22.76 9.69
CA PRO A 429 10.61 21.42 9.43
C PRO A 429 11.43 20.63 8.41
N PRO A 430 11.52 19.28 8.52
CA PRO A 430 12.29 18.52 7.53
C PRO A 430 11.52 18.30 6.22
N GLY A 431 12.18 18.60 5.10
CA GLY A 431 11.58 18.46 3.77
C GLY A 431 12.31 19.22 2.68
N PHE A 432 11.58 19.73 1.68
CA PHE A 432 12.16 20.49 0.58
C PHE A 432 11.56 21.87 0.45
N GLN A 433 12.42 22.86 0.25
CA GLN A 433 12.01 24.23 0.04
C GLN A 433 11.79 24.38 -1.46
N LEU A 434 10.52 24.58 -1.85
CA LEU A 434 10.19 24.75 -3.27
C LEU A 434 10.54 26.19 -3.65
N VAL A 435 11.70 26.36 -4.30
CA VAL A 435 12.21 27.68 -4.72
C VAL A 435 11.88 27.92 -6.19
N PHE A 436 11.05 28.94 -6.47
CA PHE A 436 10.69 29.32 -7.84
C PHE A 436 11.87 29.96 -8.55
N LEU A 437 12.12 29.52 -9.79
CA LEU A 437 13.21 30.04 -10.62
C LEU A 437 12.67 30.93 -11.74
N PRO A 438 13.22 32.15 -11.92
CA PRO A 438 12.69 33.04 -12.96
C PRO A 438 13.08 32.64 -14.38
N PHE A 439 12.20 32.94 -15.36
CA PHE A 439 12.48 32.71 -16.78
C PHE A 439 13.21 33.95 -17.24
N ALA A 440 13.80 33.91 -18.44
CA ALA A 440 14.52 35.05 -19.00
C ALA A 440 13.69 36.36 -18.99
N ASP A 441 12.37 36.24 -19.19
CA ASP A 441 11.42 37.36 -19.23
C ASP A 441 11.31 38.08 -17.88
N ASP A 442 11.44 37.31 -16.78
CA ASP A 442 11.31 37.82 -15.41
C ASP A 442 12.50 38.62 -14.94
N LYS A 443 13.64 38.49 -15.63
CA LYS A 443 14.87 39.19 -15.32
C LYS A 443 14.92 40.54 -16.01
N ARG A 444 15.52 41.52 -15.33
CA ARG A 444 15.64 42.86 -15.88
C ARG A 444 17.08 43.33 -15.89
N LYS A 445 17.53 43.83 -17.05
CA LYS A 445 18.89 44.34 -17.25
C LYS A 445 19.04 45.67 -16.52
N MET A 446 20.20 45.87 -15.89
CA MET A 446 20.47 47.07 -15.11
C MET A 446 21.09 48.19 -15.92
N PRO A 447 20.80 49.48 -15.60
CA PRO A 447 21.41 50.57 -16.37
C PRO A 447 22.93 50.65 -16.16
N PHE A 448 23.66 51.10 -17.18
CA PHE A 448 25.12 51.16 -17.08
C PHE A 448 25.60 52.15 -16.03
N THR A 449 26.43 51.64 -15.09
CA THR A 449 27.04 52.41 -14.01
C THR A 449 28.52 52.06 -14.01
N GLU A 450 29.38 53.10 -14.06
CA GLU A 450 30.83 52.90 -14.01
C GLU A 450 31.18 52.38 -12.62
N LYS A 451 32.06 51.38 -12.54
CA LYS A 451 32.43 50.80 -11.24
C LYS A 451 33.40 51.72 -10.48
N ILE A 452 33.01 52.13 -9.27
CA ILE A 452 33.79 52.97 -8.37
C ILE A 452 33.94 52.20 -7.06
N MET A 453 35.19 51.89 -6.67
CA MET A 453 35.45 51.13 -5.44
C MET A 453 36.10 51.97 -4.34
N ALA A 454 35.73 51.66 -3.09
CA ALA A 454 36.24 52.34 -1.90
C ALA A 454 37.62 51.79 -1.49
N THR A 455 38.41 52.61 -0.78
CA THR A 455 39.74 52.26 -0.31
C THR A 455 39.64 51.39 0.97
N PRO A 456 40.69 50.61 1.34
CA PRO A 456 40.60 49.82 2.58
C PRO A 456 40.35 50.65 3.84
N GLU A 457 40.83 51.91 3.85
CA GLU A 457 40.66 52.86 4.95
C GLU A 457 39.18 53.22 5.14
N GLN A 458 38.45 53.40 4.03
CA GLN A 458 37.02 53.73 4.03
C GLN A 458 36.20 52.50 4.43
N VAL A 459 36.53 51.32 3.85
CA VAL A 459 35.88 50.03 4.13
C VAL A 459 36.05 49.70 5.62
N GLY A 460 37.24 50.00 6.14
CA GLY A 460 37.59 49.80 7.55
C GLY A 460 36.69 50.58 8.47
N LYS A 461 36.46 51.88 8.14
CA LYS A 461 35.57 52.74 8.92
C LYS A 461 34.15 52.22 8.90
N MET A 462 33.68 51.76 7.73
CA MET A 462 32.35 51.20 7.56
C MET A 462 32.20 49.89 8.34
N LYS A 463 33.25 49.04 8.33
CA LYS A 463 33.29 47.78 9.06
C LYS A 463 33.02 48.05 10.54
N ALA A 464 33.72 49.05 11.11
CA ALA A 464 33.57 49.47 12.51
C ALA A 464 32.15 49.94 12.80
N ILE A 465 31.51 50.61 11.82
CA ILE A 465 30.12 51.08 11.93
C ILE A 465 29.18 49.88 11.94
N VAL A 466 29.39 48.95 10.99
CA VAL A 466 28.61 47.73 10.85
C VAL A 466 28.63 46.92 12.16
N GLU A 467 29.83 46.74 12.74
CA GLU A 467 30.03 45.99 13.99
C GLU A 467 29.35 46.67 15.18
N LYS A 468 29.22 48.01 15.15
CA LYS A 468 28.58 48.78 16.22
C LYS A 468 27.06 48.55 16.25
N LEU A 469 26.44 48.45 15.07
CA LEU A 469 24.98 48.26 14.93
C LEU A 469 24.57 46.81 14.69
N ARG A 470 25.39 45.87 15.19
CA ARG A 470 25.15 44.43 15.08
C ARG A 470 24.02 44.04 16.02
N PHE A 471 23.14 43.14 15.58
CA PHE A 471 22.02 42.66 16.39
C PHE A 471 21.61 41.25 15.97
N THR A 472 20.84 40.56 16.80
CA THR A 472 20.38 39.20 16.50
C THR A 472 19.02 39.25 15.83
N TYR A 473 18.98 38.85 14.56
CA TYR A 473 17.76 38.83 13.78
C TYR A 473 16.96 37.55 14.02
N ARG A 474 15.65 37.72 14.23
CA ARG A 474 14.67 36.65 14.42
C ARG A 474 13.50 37.00 13.49
N SER A 475 13.05 36.02 12.69
CA SER A 475 11.95 36.20 11.73
C SER A 475 10.64 36.78 12.32
N ASP A 476 10.45 36.68 13.65
CA ASP A 476 9.26 37.15 14.36
C ASP A 476 9.46 38.45 15.17
N SER A 477 10.53 39.21 14.88
CA SER A 477 10.86 40.45 15.60
C SER A 477 9.96 41.64 15.27
N PHE A 478 9.43 41.69 14.03
CA PHE A 478 8.63 42.82 13.60
C PHE A 478 7.16 42.51 13.37
N GLU A 479 6.31 43.43 13.81
CA GLU A 479 4.86 43.35 13.64
C GLU A 479 4.49 44.35 12.55
N ASN A 480 3.42 44.05 11.78
CA ASN A 480 2.95 44.93 10.70
C ASN A 480 2.29 46.16 11.32
N PRO A 481 2.92 47.35 11.19
CA PRO A 481 2.34 48.57 11.80
C PRO A 481 0.94 48.87 11.32
N VAL A 482 0.69 48.68 10.01
CA VAL A 482 -0.60 48.92 9.37
C VAL A 482 -1.68 48.02 9.93
N LEU A 483 -1.41 46.70 9.99
CA LEU A 483 -2.38 45.72 10.52
C LEU A 483 -2.69 46.00 11.98
N GLN A 484 -1.65 46.16 12.82
CA GLN A 484 -1.78 46.43 14.24
C GLN A 484 -2.67 47.64 14.49
N GLN A 485 -2.37 48.77 13.83
CA GLN A 485 -3.16 49.99 13.97
C GLN A 485 -4.61 49.81 13.55
N HIS A 486 -4.85 49.06 12.44
CA HIS A 486 -6.19 48.81 11.92
C HIS A 486 -7.08 48.13 12.94
N PHE A 487 -6.54 47.12 13.66
CA PHE A 487 -7.30 46.38 14.65
C PHE A 487 -7.39 47.13 15.97
N ARG A 488 -6.40 47.98 16.29
CA ARG A 488 -6.47 48.82 17.48
C ARG A 488 -7.64 49.79 17.27
N ASN A 489 -7.78 50.29 16.02
CA ASN A 489 -8.87 51.18 15.62
C ASN A 489 -10.22 50.49 15.76
N LEU A 490 -10.32 49.24 15.30
CA LEU A 490 -11.55 48.46 15.40
C LEU A 490 -11.94 48.18 16.85
N GLU A 491 -10.93 47.95 17.73
CA GLU A 491 -11.12 47.70 19.16
C GLU A 491 -11.83 48.88 19.82
N ALA A 492 -11.33 50.10 19.55
CA ALA A 492 -11.87 51.35 20.07
C ALA A 492 -13.31 51.57 19.63
N LEU A 493 -13.63 51.19 18.38
CA LEU A 493 -14.98 51.37 17.86
C LEU A 493 -15.98 50.33 18.34
N ALA A 494 -15.52 49.08 18.54
CA ALA A 494 -16.36 47.98 19.00
C ALA A 494 -16.67 48.05 20.49
N LEU A 495 -15.76 48.63 21.28
CA LEU A 495 -15.90 48.78 22.72
C LEU A 495 -16.34 50.19 23.14
N ASP A 496 -16.58 51.05 22.12
CA ASP A 496 -17.01 52.45 22.25
C ASP A 496 -16.05 53.29 23.09
N LEU A 497 -14.74 53.03 22.91
CA LEU A 497 -13.66 53.76 23.57
C LEU A 497 -13.59 55.13 22.94
N MET A 498 -13.30 56.12 23.77
CA MET A 498 -13.19 57.51 23.37
C MET A 498 -11.96 57.72 22.47
N GLU A 499 -10.85 56.98 22.73
CA GLU A 499 -9.65 57.08 21.93
C GLU A 499 -9.09 55.74 21.47
N PRO A 500 -8.65 55.64 20.18
CA PRO A 500 -8.03 54.39 19.72
C PRO A 500 -6.62 54.23 20.25
N GLU A 501 -6.27 52.99 20.60
CA GLU A 501 -4.94 52.63 21.11
C GLU A 501 -3.92 52.86 20.00
N GLN A 502 -2.74 53.39 20.35
CA GLN A 502 -1.72 53.65 19.35
C GLN A 502 -0.66 52.56 19.34
N ALA A 503 -0.46 51.93 18.17
CA ALA A 503 0.55 50.89 17.98
C ALA A 503 1.95 51.51 17.96
N VAL A 504 2.96 50.74 18.42
CA VAL A 504 4.36 51.18 18.44
C VAL A 504 5.03 50.65 17.18
N ASP A 505 5.45 51.56 16.28
CA ASP A 505 6.11 51.18 15.04
C ASP A 505 7.48 50.59 15.31
N LEU A 506 7.56 49.25 15.29
CA LEU A 506 8.78 48.48 15.53
C LEU A 506 9.72 48.55 14.32
N THR A 507 9.20 49.00 13.16
CA THR A 507 9.97 49.08 11.91
C THR A 507 10.84 50.33 11.84
N LEU A 508 10.54 51.35 12.65
CA LEU A 508 11.31 52.58 12.65
C LEU A 508 12.62 52.40 13.41
N PRO A 509 13.76 52.86 12.84
CA PRO A 509 15.04 52.69 13.54
C PRO A 509 15.14 53.48 14.83
N LYS A 510 15.84 52.91 15.82
CA LYS A 510 16.05 53.53 17.13
C LYS A 510 17.19 54.56 16.95
N VAL A 511 16.88 55.64 16.22
CA VAL A 511 17.78 56.74 15.84
C VAL A 511 18.70 57.23 16.98
N GLU A 512 18.14 57.75 18.08
CA GLU A 512 18.87 58.29 19.24
C GLU A 512 19.92 57.31 19.76
N ALA A 513 19.49 56.05 20.02
CA ALA A 513 20.33 54.98 20.52
C ALA A 513 21.47 54.71 19.55
N MET A 514 21.15 54.60 18.24
CA MET A 514 22.12 54.36 17.17
C MET A 514 23.18 55.43 17.11
N ASN A 515 22.76 56.71 17.18
CA ASN A 515 23.66 57.87 17.15
C ASN A 515 24.68 57.82 18.28
N LYS A 516 24.20 57.56 19.53
CA LYS A 516 25.04 57.45 20.72
C LYS A 516 26.01 56.26 20.59
N ARG A 517 25.48 55.12 20.09
CA ARG A 517 26.23 53.88 19.86
C ARG A 517 27.36 54.07 18.84
N LEU A 518 27.13 54.95 17.84
CA LEU A 518 28.13 55.22 16.79
C LEU A 518 29.14 56.28 17.18
N GLY A 519 28.70 57.29 17.92
CA GLY A 519 29.56 58.40 18.37
C GLY A 519 30.14 59.20 17.22
N SER A 520 31.47 59.27 17.17
CA SER A 520 32.23 60.01 16.15
C SER A 520 32.51 59.24 14.86
N LEU A 521 32.22 57.92 14.83
CA LEU A 521 32.42 57.05 13.67
C LEU A 521 31.80 57.60 12.39
N VAL A 522 30.62 58.24 12.52
CA VAL A 522 29.87 58.86 11.42
C VAL A 522 30.68 60.00 10.84
N ASP A 523 31.10 60.96 11.69
CA ASP A 523 31.89 62.12 11.28
C ASP A 523 33.24 61.68 10.69
N GLU A 524 33.81 60.58 11.22
CA GLU A 524 35.06 60.00 10.74
C GLU A 524 34.89 59.49 9.31
N PHE A 525 33.83 58.70 9.07
CA PHE A 525 33.50 58.14 7.75
C PHE A 525 33.31 59.26 6.73
N LYS A 526 32.55 60.31 7.11
CA LYS A 526 32.26 61.48 6.26
C LYS A 526 33.53 62.18 5.77
N GLU A 527 34.52 62.39 6.67
CA GLU A 527 35.79 63.04 6.33
C GLU A 527 36.56 62.24 5.28
N LEU A 528 36.43 60.90 5.32
CA LEU A 528 37.10 60.01 4.37
C LEU A 528 36.39 59.91 3.02
N VAL A 529 35.08 60.22 2.96
CA VAL A 529 34.30 60.06 1.74
C VAL A 529 33.72 61.36 1.15
N TYR A 530 32.96 62.13 1.96
CA TYR A 530 32.29 63.34 1.48
C TYR A 530 33.14 64.61 1.54
N PRO A 531 33.35 65.29 0.39
CA PRO A 531 34.09 66.55 0.40
C PRO A 531 33.29 67.61 1.15
N PRO A 532 33.93 68.58 1.84
CA PRO A 532 33.15 69.62 2.54
C PRO A 532 32.23 70.39 1.59
N ASP A 533 32.56 70.35 0.29
CA ASP A 533 31.80 70.96 -0.79
C ASP A 533 30.87 69.91 -1.42
N TYR A 534 29.94 69.38 -0.62
CA TYR A 534 28.98 68.36 -1.07
C TYR A 534 27.53 68.83 -0.88
N MET B 1 22.99 43.68 -16.60
CA MET B 1 23.80 44.86 -16.87
C MET B 1 23.79 45.20 -18.37
N HIS B 2 23.39 46.45 -18.68
CA HIS B 2 23.31 47.01 -20.02
C HIS B 2 24.66 47.48 -20.56
N HIS B 3 24.70 47.85 -21.84
CA HIS B 3 25.86 48.41 -22.53
C HIS B 3 25.99 49.89 -22.12
N HIS B 4 27.18 50.49 -22.30
CA HIS B 4 27.40 51.90 -21.92
C HIS B 4 26.65 52.90 -22.82
N HIS B 5 26.35 52.49 -24.08
CA HIS B 5 25.61 53.32 -25.05
C HIS B 5 24.14 53.50 -24.68
N HIS B 6 23.58 52.55 -23.89
CA HIS B 6 22.21 52.58 -23.41
C HIS B 6 22.07 53.69 -22.35
N HIS B 7 21.30 54.74 -22.67
CA HIS B 7 21.08 55.91 -21.81
C HIS B 7 20.20 55.59 -20.61
N HIS B 8 20.47 56.28 -19.48
CA HIS B 8 19.70 56.13 -18.24
C HIS B 8 18.29 56.70 -18.38
N HIS B 9 18.08 57.58 -19.38
CA HIS B 9 16.79 58.21 -19.69
C HIS B 9 15.67 57.20 -19.78
N HIS B 10 15.95 56.04 -20.41
CA HIS B 10 15.01 54.92 -20.59
C HIS B 10 14.45 54.38 -19.28
N HIS B 11 15.13 54.64 -18.14
CA HIS B 11 14.73 54.18 -16.82
C HIS B 11 14.05 55.25 -15.96
N GLU B 12 14.14 56.54 -16.29
CA GLU B 12 13.51 57.58 -15.47
C GLU B 12 12.13 58.02 -15.98
N ASN B 13 11.15 58.05 -15.06
CA ASN B 13 9.74 58.44 -15.33
C ASN B 13 9.58 59.95 -15.46
N LEU B 14 9.27 60.39 -16.70
CA LEU B 14 9.04 61.78 -17.06
C LEU B 14 7.81 61.83 -17.97
N TYR B 15 7.10 62.98 -18.02
CA TYR B 15 5.88 63.18 -18.84
C TYR B 15 6.16 62.98 -20.34
N PHE B 16 5.81 61.77 -20.85
CA PHE B 16 6.00 61.31 -22.23
C PHE B 16 7.46 61.37 -22.67
N GLN B 17 8.35 61.13 -21.69
CA GLN B 17 9.81 61.13 -21.81
C GLN B 17 10.39 59.97 -21.00
N GLY B 18 11.58 59.53 -21.40
CA GLY B 18 12.29 58.44 -20.73
C GLY B 18 11.64 57.10 -20.97
N VAL B 19 11.03 56.52 -19.91
CA VAL B 19 10.31 55.25 -19.99
C VAL B 19 9.02 55.48 -20.75
N ARG B 20 8.35 56.60 -20.45
CA ARG B 20 7.09 57.00 -21.07
C ARG B 20 7.27 57.43 -22.53
N SER B 21 8.48 57.85 -22.96
CA SER B 21 8.69 58.24 -24.36
C SER B 21 8.65 57.02 -25.25
N GLY B 22 7.81 57.06 -26.27
CA GLY B 22 7.66 55.95 -27.19
C GLY B 22 8.95 55.72 -27.96
N ASN B 23 9.63 54.59 -27.67
CA ASN B 23 10.86 54.23 -28.37
C ASN B 23 10.43 53.58 -29.67
N LYS B 24 10.43 54.37 -30.76
CA LYS B 24 10.00 53.93 -32.08
C LYS B 24 11.18 53.81 -33.03
N ALA B 25 11.12 52.82 -33.94
CA ALA B 25 12.18 52.59 -34.93
C ALA B 25 11.61 52.35 -36.33
N ALA B 26 12.30 52.88 -37.34
CA ALA B 26 11.91 52.74 -38.75
C ALA B 26 12.82 51.73 -39.39
N VAL B 27 12.24 50.67 -39.96
CA VAL B 27 13.00 49.58 -40.58
C VAL B 27 12.57 49.38 -42.04
N VAL B 28 13.53 49.38 -42.96
CA VAL B 28 13.28 49.11 -44.37
C VAL B 28 13.95 47.80 -44.70
N LEU B 29 13.15 46.79 -45.07
CA LEU B 29 13.67 45.50 -45.44
C LEU B 29 13.86 45.56 -46.94
N CYS B 30 15.12 45.47 -47.38
CA CYS B 30 15.51 45.57 -48.78
C CYS B 30 15.84 44.17 -49.29
N MET B 31 14.86 43.51 -49.92
CA MET B 31 15.00 42.13 -50.37
C MET B 31 15.33 41.98 -51.85
N ASP B 32 16.27 41.06 -52.15
CA ASP B 32 16.66 40.70 -53.50
C ASP B 32 15.75 39.57 -53.95
N VAL B 33 14.97 39.81 -55.00
CA VAL B 33 14.08 38.79 -55.58
C VAL B 33 14.51 38.48 -57.01
N GLY B 34 15.73 38.88 -57.37
CA GLY B 34 16.32 38.67 -58.69
C GLY B 34 16.46 37.22 -59.09
N PHE B 35 16.56 36.96 -60.40
CA PHE B 35 16.67 35.62 -60.99
C PHE B 35 17.56 34.66 -60.19
N THR B 36 18.82 35.04 -59.93
CA THR B 36 19.81 34.25 -59.20
C THR B 36 19.40 33.84 -57.78
N MET B 37 18.52 34.65 -57.13
CA MET B 37 18.03 34.35 -55.78
C MET B 37 17.26 33.03 -55.73
N SER B 38 16.75 32.57 -56.88
CA SER B 38 15.98 31.34 -56.99
C SER B 38 16.89 30.15 -57.31
N ASN B 39 18.09 30.42 -57.87
CA ASN B 39 19.08 29.41 -58.23
C ASN B 39 19.77 28.94 -56.95
N SER B 40 19.72 27.63 -56.71
CA SER B 40 20.31 27.00 -55.54
C SER B 40 20.90 25.63 -55.89
N ILE B 41 21.71 25.10 -54.97
CA ILE B 41 22.30 23.77 -55.10
C ILE B 41 21.20 22.79 -54.65
N PRO B 42 20.97 21.66 -55.39
CA PRO B 42 19.90 20.72 -55.01
C PRO B 42 19.79 20.31 -53.54
N GLY B 43 20.87 20.45 -52.77
CA GLY B 43 20.91 20.12 -51.34
C GLY B 43 20.37 21.18 -50.39
N ILE B 44 20.59 22.48 -50.71
CA ILE B 44 20.16 23.59 -49.84
C ILE B 44 19.10 24.49 -50.49
N GLU B 45 18.21 25.08 -49.64
CA GLU B 45 17.14 26.03 -49.97
C GLU B 45 17.68 27.24 -50.73
N SER B 46 16.87 27.77 -51.65
CA SER B 46 17.28 28.94 -52.44
C SER B 46 17.42 30.17 -51.57
N PRO B 47 18.35 31.10 -51.89
CA PRO B 47 18.48 32.32 -51.09
C PRO B 47 17.15 33.06 -50.95
N PHE B 48 16.32 33.05 -52.01
CA PHE B 48 15.00 33.69 -52.02
C PHE B 48 14.09 33.13 -50.94
N GLU B 49 14.01 31.80 -50.83
CA GLU B 49 13.20 31.11 -49.83
C GLU B 49 13.75 31.34 -48.44
N GLN B 50 15.08 31.31 -48.29
CA GLN B 50 15.77 31.54 -47.02
C GLN B 50 15.50 32.95 -46.51
N ALA B 51 15.71 33.96 -47.38
CA ALA B 51 15.49 35.36 -47.06
C ALA B 51 14.03 35.61 -46.74
N LYS B 52 13.11 34.93 -47.44
CA LYS B 52 11.67 35.05 -47.23
C LYS B 52 11.27 34.59 -45.83
N LYS B 53 11.90 33.52 -45.35
CA LYS B 53 11.64 32.96 -44.02
C LYS B 53 12.16 33.86 -42.91
N VAL B 54 13.33 34.48 -43.13
CA VAL B 54 13.97 35.41 -42.18
C VAL B 54 13.03 36.60 -42.00
N ILE B 55 12.57 37.19 -43.12
CA ILE B 55 11.68 38.34 -43.15
C ILE B 55 10.36 38.02 -42.47
N THR B 56 9.78 36.84 -42.74
CA THR B 56 8.53 36.40 -42.11
C THR B 56 8.75 36.32 -40.59
N MET B 57 9.83 35.66 -40.15
CA MET B 57 10.19 35.54 -38.73
C MET B 57 10.28 36.90 -38.09
N PHE B 58 10.98 37.86 -38.72
CA PHE B 58 11.12 39.22 -38.22
C PHE B 58 9.77 39.92 -38.08
N VAL B 59 8.96 39.93 -39.15
CA VAL B 59 7.64 40.57 -39.15
C VAL B 59 6.71 39.93 -38.11
N GLN B 60 6.69 38.58 -38.00
CA GLN B 60 5.88 37.83 -37.03
C GLN B 60 6.15 38.28 -35.60
N ARG B 61 7.45 38.36 -35.24
CA ARG B 61 7.93 38.78 -33.92
C ARG B 61 7.49 40.21 -33.64
N GLN B 62 7.54 41.08 -34.66
CA GLN B 62 7.17 42.48 -34.53
C GLN B 62 5.68 42.68 -34.35
N VAL B 63 4.86 41.82 -34.97
CA VAL B 63 3.40 41.91 -34.88
C VAL B 63 2.93 41.77 -33.42
N PHE B 64 3.51 40.80 -32.69
CA PHE B 64 3.16 40.53 -31.30
C PHE B 64 3.93 41.36 -30.27
N ALA B 65 5.02 42.01 -30.68
CA ALA B 65 5.80 42.84 -29.77
C ALA B 65 5.11 44.19 -29.48
N GLU B 66 5.42 44.83 -28.34
CA GLU B 66 4.84 46.11 -27.94
C GLU B 66 5.52 47.35 -28.59
N ASN B 67 6.72 47.18 -29.17
CA ASN B 67 7.60 48.20 -29.75
C ASN B 67 6.93 49.36 -30.53
N LYS B 68 5.95 49.09 -31.42
CA LYS B 68 5.28 50.10 -32.29
C LYS B 68 6.20 50.61 -33.43
N ASP B 69 7.26 49.84 -33.74
CA ASP B 69 8.21 50.12 -34.82
C ASP B 69 7.49 50.02 -36.15
N GLU B 70 7.94 50.82 -37.12
CA GLU B 70 7.34 50.85 -38.45
C GLU B 70 8.21 50.10 -39.44
N ILE B 71 7.58 49.32 -40.35
CA ILE B 71 8.30 48.49 -41.31
C ILE B 71 7.87 48.74 -42.75
N ALA B 72 8.86 48.90 -43.64
CA ALA B 72 8.68 49.08 -45.08
C ALA B 72 9.40 47.95 -45.81
N LEU B 73 8.94 47.61 -47.02
CA LEU B 73 9.55 46.54 -47.79
C LEU B 73 9.82 46.93 -49.25
N VAL B 74 11.12 46.94 -49.61
CA VAL B 74 11.62 47.26 -50.94
C VAL B 74 12.15 45.96 -51.54
N LEU B 75 11.75 45.67 -52.79
CA LEU B 75 12.15 44.48 -53.49
C LEU B 75 12.95 44.84 -54.72
N PHE B 76 14.02 44.10 -55.03
CA PHE B 76 14.80 44.41 -56.22
C PHE B 76 15.14 43.16 -57.03
N GLY B 77 15.00 43.29 -58.34
CA GLY B 77 15.18 42.18 -59.27
C GLY B 77 13.84 41.72 -59.78
N THR B 78 12.79 42.53 -59.49
CA THR B 78 11.40 42.28 -59.90
C THR B 78 11.25 42.59 -61.38
N ASP B 79 10.23 42.00 -62.02
CA ASP B 79 9.95 42.22 -63.45
C ASP B 79 9.51 43.66 -63.71
N GLY B 80 8.66 44.21 -62.84
CA GLY B 80 8.19 45.58 -62.94
C GLY B 80 9.07 46.59 -62.23
N THR B 81 8.65 47.87 -62.27
CA THR B 81 9.35 48.97 -61.60
C THR B 81 8.34 49.95 -61.01
N ASP B 82 8.38 50.14 -59.68
CA ASP B 82 7.54 51.07 -58.93
C ASP B 82 8.43 51.81 -57.92
N ASN B 83 8.87 53.00 -58.31
CA ASN B 83 9.80 53.83 -57.56
C ASN B 83 9.46 55.30 -57.59
N PRO B 84 9.70 56.03 -56.48
CA PRO B 84 9.56 57.49 -56.53
C PRO B 84 10.80 58.15 -57.17
N LEU B 85 11.83 57.33 -57.50
CA LEU B 85 13.12 57.71 -58.11
C LEU B 85 13.33 57.18 -59.53
N SER B 86 12.36 56.39 -60.04
CA SER B 86 12.40 55.75 -61.36
C SER B 86 12.70 56.70 -62.51
N GLY B 87 12.06 57.87 -62.50
CA GLY B 87 12.20 58.88 -63.54
C GLY B 87 11.82 58.31 -64.89
N GLY B 88 12.82 58.14 -65.75
CA GLY B 88 12.65 57.59 -67.09
C GLY B 88 13.22 56.20 -67.21
N ASP B 89 14.56 56.09 -67.10
CA ASP B 89 15.27 54.81 -67.20
C ASP B 89 16.30 54.60 -66.07
N GLN B 90 16.00 55.11 -64.86
CA GLN B 90 16.85 54.96 -63.69
C GLN B 90 16.20 54.06 -62.66
N TYR B 91 17.01 53.49 -61.74
CA TYR B 91 16.57 52.61 -60.65
C TYR B 91 15.50 51.63 -61.14
N GLN B 92 15.81 50.90 -62.22
CA GLN B 92 14.86 49.96 -62.80
C GLN B 92 14.82 48.65 -62.03
N ASN B 93 13.67 47.96 -62.08
CA ASN B 93 13.41 46.66 -61.45
C ASN B 93 13.51 46.68 -59.91
N ILE B 94 13.18 47.84 -59.32
CA ILE B 94 13.18 48.06 -57.87
C ILE B 94 11.76 48.49 -57.51
N THR B 95 11.11 47.74 -56.61
CA THR B 95 9.72 47.97 -56.21
C THR B 95 9.55 48.24 -54.72
N VAL B 96 8.81 49.30 -54.37
CA VAL B 96 8.47 49.61 -52.99
C VAL B 96 7.15 48.86 -52.75
N HIS B 97 7.27 47.61 -52.33
CA HIS B 97 6.14 46.72 -52.06
C HIS B 97 5.26 47.24 -50.93
N ARG B 98 5.89 47.73 -49.84
CA ARG B 98 5.19 48.21 -48.65
C ARG B 98 5.83 49.51 -48.16
N HIS B 99 5.01 50.50 -47.86
CA HIS B 99 5.50 51.78 -47.35
C HIS B 99 5.59 51.70 -45.83
N LEU B 100 6.37 52.62 -45.21
CA LEU B 100 6.56 52.68 -43.75
C LEU B 100 5.24 52.76 -43.00
N MET B 101 4.95 51.72 -42.22
CA MET B 101 3.74 51.59 -41.40
C MET B 101 3.86 50.40 -40.47
N LEU B 102 3.03 50.38 -39.42
CA LEU B 102 2.98 49.30 -38.44
C LEU B 102 2.78 47.97 -39.16
N PRO B 103 3.51 46.90 -38.78
CA PRO B 103 3.30 45.61 -39.43
C PRO B 103 1.97 45.01 -39.03
N ASP B 104 1.37 44.21 -39.91
CA ASP B 104 0.08 43.57 -39.65
C ASP B 104 0.00 42.19 -40.28
N PHE B 105 -1.11 41.46 -40.05
CA PHE B 105 -1.30 40.14 -40.62
C PHE B 105 -1.54 40.20 -42.12
N ASP B 106 -2.02 41.36 -42.62
CA ASP B 106 -2.25 41.57 -44.04
C ASP B 106 -0.89 41.58 -44.76
N LEU B 107 0.18 42.11 -44.11
CA LEU B 107 1.55 42.12 -44.65
C LEU B 107 2.07 40.70 -44.71
N LEU B 108 1.98 39.93 -43.60
CA LEU B 108 2.46 38.54 -43.52
C LEU B 108 1.81 37.65 -44.57
N GLU B 109 0.49 37.80 -44.76
CA GLU B 109 -0.29 37.03 -45.73
C GLU B 109 0.16 37.38 -47.15
N ASP B 110 0.44 38.67 -47.38
CA ASP B 110 0.94 39.29 -48.60
C ASP B 110 2.33 38.70 -48.94
N ILE B 111 3.24 38.63 -47.94
CA ILE B 111 4.59 38.08 -48.07
C ILE B 111 4.49 36.65 -48.57
N GLU B 112 3.66 35.84 -47.89
CA GLU B 112 3.46 34.42 -48.16
C GLU B 112 2.88 34.10 -49.54
N SER B 113 1.91 34.89 -50.03
CA SER B 113 1.25 34.57 -51.29
C SER B 113 1.53 35.50 -52.48
N LYS B 114 1.59 36.82 -52.25
CA LYS B 114 1.80 37.79 -53.33
C LYS B 114 3.24 37.93 -53.83
N ILE B 115 4.26 37.86 -52.93
CA ILE B 115 5.66 37.99 -53.37
C ILE B 115 6.12 36.71 -54.09
N GLN B 116 6.41 36.87 -55.38
CA GLN B 116 6.92 35.81 -56.24
C GLN B 116 8.34 36.15 -56.71
N PRO B 117 9.20 35.15 -57.00
CA PRO B 117 10.56 35.47 -57.44
C PRO B 117 10.57 36.12 -58.82
N GLY B 118 11.46 37.09 -58.99
CA GLY B 118 11.64 37.85 -60.22
C GLY B 118 12.48 37.13 -61.25
N SER B 119 12.44 37.65 -62.49
CA SER B 119 13.17 37.10 -63.64
C SER B 119 14.32 38.04 -64.05
N GLN B 120 14.41 39.21 -63.41
CA GLN B 120 15.41 40.23 -63.68
C GLN B 120 16.51 40.27 -62.63
N GLN B 121 17.35 41.31 -62.68
CA GLN B 121 18.46 41.57 -61.77
C GLN B 121 18.59 43.07 -61.58
N ALA B 122 18.75 43.52 -60.34
CA ALA B 122 18.89 44.95 -60.08
C ALA B 122 20.20 45.29 -59.34
N ASP B 123 20.57 46.57 -59.37
CA ASP B 123 21.76 47.10 -58.71
C ASP B 123 21.39 47.20 -57.23
N PHE B 124 22.09 46.46 -56.35
CA PHE B 124 21.76 46.48 -54.92
C PHE B 124 22.04 47.83 -54.26
N LEU B 125 23.05 48.56 -54.76
CA LEU B 125 23.35 49.88 -54.24
C LEU B 125 22.28 50.88 -54.66
N ASP B 126 21.61 50.65 -55.81
CA ASP B 126 20.50 51.48 -56.29
C ASP B 126 19.28 51.20 -55.41
N ALA B 127 19.08 49.93 -55.03
CA ALA B 127 17.99 49.49 -54.16
C ALA B 127 18.15 50.10 -52.77
N LEU B 128 19.40 50.23 -52.31
CA LEU B 128 19.74 50.84 -51.04
C LEU B 128 19.39 52.32 -51.08
N ILE B 129 19.63 53.01 -52.21
CA ILE B 129 19.30 54.43 -52.40
C ILE B 129 17.79 54.65 -52.31
N VAL B 130 17.02 53.74 -52.94
CA VAL B 130 15.56 53.76 -52.90
C VAL B 130 15.09 53.54 -51.46
N SER B 131 15.77 52.62 -50.73
CA SER B 131 15.47 52.31 -49.33
C SER B 131 15.72 53.53 -48.47
N MET B 132 16.82 54.26 -48.72
CA MET B 132 17.15 55.46 -47.98
C MET B 132 16.12 56.56 -48.24
N ASP B 133 15.57 56.59 -49.47
CA ASP B 133 14.53 57.55 -49.86
C ASP B 133 13.26 57.31 -49.05
N VAL B 134 12.90 56.03 -48.80
CA VAL B 134 11.73 55.64 -48.02
C VAL B 134 11.83 56.22 -46.60
N ILE B 135 13.00 56.06 -45.96
CA ILE B 135 13.25 56.59 -44.62
C ILE B 135 13.24 58.11 -44.64
N GLN B 136 13.87 58.73 -45.63
CA GLN B 136 13.93 60.19 -45.72
C GLN B 136 12.58 60.87 -45.94
N HIS B 137 11.74 60.30 -46.81
CA HIS B 137 10.44 60.87 -47.16
C HIS B 137 9.25 60.46 -46.28
N GLU B 138 9.40 59.38 -45.48
CA GLU B 138 8.28 58.89 -44.66
C GLU B 138 8.48 59.01 -43.14
N THR B 139 9.68 59.34 -42.68
CA THR B 139 9.91 59.56 -41.24
C THR B 139 9.46 60.98 -40.87
N ILE B 140 9.05 61.77 -41.89
CA ILE B 140 8.55 63.15 -41.75
C ILE B 140 7.38 63.22 -40.75
N GLY B 141 7.53 64.07 -39.73
CA GLY B 141 6.53 64.24 -38.67
C GLY B 141 6.59 63.17 -37.60
N LYS B 142 6.70 61.90 -38.00
CA LYS B 142 6.78 60.76 -37.07
C LYS B 142 8.10 60.84 -36.30
N LYS B 143 8.07 60.47 -35.02
CA LYS B 143 9.27 60.52 -34.20
C LYS B 143 9.92 59.13 -34.12
N PHE B 144 11.11 58.99 -34.71
CA PHE B 144 11.86 57.73 -34.69
C PHE B 144 13.20 57.93 -34.00
N GLU B 145 13.47 57.09 -32.99
CA GLU B 145 14.73 57.11 -32.27
C GLU B 145 15.80 56.47 -33.14
N LYS B 146 15.41 55.45 -33.93
CA LYS B 146 16.31 54.68 -34.80
C LYS B 146 15.77 54.46 -36.20
N ARG B 147 16.68 54.41 -37.18
CA ARG B 147 16.36 54.17 -38.59
C ARG B 147 17.32 53.07 -39.07
N HIS B 148 16.78 51.94 -39.57
CA HIS B 148 17.60 50.82 -40.04
C HIS B 148 17.18 50.32 -41.42
N ILE B 149 18.16 49.83 -42.19
CA ILE B 149 17.94 49.23 -43.51
C ILE B 149 18.61 47.87 -43.51
N GLU B 150 17.80 46.82 -43.74
CA GLU B 150 18.26 45.44 -43.76
C GLU B 150 18.25 44.91 -45.18
N ILE B 151 19.44 44.60 -45.73
CA ILE B 151 19.59 44.13 -47.11
C ILE B 151 19.81 42.63 -47.18
N PHE B 152 18.94 41.94 -47.94
CA PHE B 152 18.97 40.49 -48.13
C PHE B 152 19.28 40.26 -49.59
N THR B 153 20.50 39.81 -49.90
CA THR B 153 20.97 39.59 -51.27
C THR B 153 21.97 38.44 -51.34
N ASP B 154 22.27 37.97 -52.56
CA ASP B 154 23.25 36.92 -52.81
C ASP B 154 24.52 37.51 -53.41
N LEU B 155 24.51 38.83 -53.71
CA LEU B 155 25.61 39.60 -54.30
C LEU B 155 26.11 38.99 -55.63
N SER B 156 25.23 38.28 -56.34
CA SER B 156 25.54 37.57 -57.58
C SER B 156 25.67 38.45 -58.82
N SER B 157 24.91 39.57 -58.88
CA SER B 157 24.87 40.43 -60.05
C SER B 157 25.78 41.67 -60.02
N ARG B 158 26.01 42.25 -61.22
CA ARG B 158 26.81 43.45 -61.45
C ARG B 158 26.09 44.66 -60.87
N PHE B 159 26.85 45.71 -60.56
CA PHE B 159 26.34 46.94 -59.98
C PHE B 159 27.35 48.07 -60.20
N SER B 160 26.87 49.33 -60.11
CA SER B 160 27.70 50.52 -60.26
C SER B 160 28.25 50.92 -58.89
N LYS B 161 29.50 51.38 -58.88
CA LYS B 161 30.20 51.83 -57.66
C LYS B 161 30.30 53.36 -57.61
N SER B 162 29.65 54.03 -58.57
CA SER B 162 29.63 55.48 -58.72
C SER B 162 28.92 56.24 -57.58
N GLN B 163 27.92 55.62 -56.95
CA GLN B 163 27.12 56.26 -55.90
C GLN B 163 27.55 55.91 -54.47
N LEU B 164 28.70 55.23 -54.31
CA LEU B 164 29.21 54.85 -53.00
C LEU B 164 29.35 56.01 -52.03
N ASP B 165 29.90 57.14 -52.48
CA ASP B 165 30.09 58.32 -51.65
C ASP B 165 28.79 58.98 -51.24
N ILE B 166 27.80 59.06 -52.16
CA ILE B 166 26.50 59.64 -51.79
C ILE B 166 25.76 58.70 -50.84
N ILE B 167 25.94 57.38 -51.00
CA ILE B 167 25.33 56.36 -50.13
C ILE B 167 25.84 56.53 -48.69
N ILE B 168 27.16 56.55 -48.51
CA ILE B 168 27.80 56.67 -47.21
C ILE B 168 27.47 58.00 -46.54
N HIS B 169 27.54 59.11 -47.31
CA HIS B 169 27.24 60.44 -46.80
C HIS B 169 25.80 60.55 -46.28
N SER B 170 24.82 59.98 -47.01
CA SER B 170 23.43 60.03 -46.60
C SER B 170 23.12 59.14 -45.40
N LEU B 171 23.79 58.00 -45.29
CA LEU B 171 23.59 57.09 -44.16
C LEU B 171 24.12 57.72 -42.87
N LYS B 172 25.28 58.38 -42.96
CA LYS B 172 25.93 59.05 -41.83
C LYS B 172 25.11 60.28 -41.39
N LYS B 173 24.73 61.13 -42.35
CA LYS B 173 23.95 62.34 -42.09
C LYS B 173 22.57 62.06 -41.51
N CYS B 174 21.89 61.03 -42.05
CA CYS B 174 20.55 60.67 -41.60
C CYS B 174 20.55 59.68 -40.44
N ASP B 175 21.75 59.29 -39.95
CA ASP B 175 21.95 58.33 -38.86
C ASP B 175 21.14 57.06 -39.10
N ILE B 176 21.38 56.44 -40.25
CA ILE B 176 20.74 55.21 -40.68
C ILE B 176 21.76 54.10 -40.54
N SER B 177 21.42 53.04 -39.80
CA SER B 177 22.31 51.92 -39.62
C SER B 177 22.01 50.86 -40.68
N LEU B 178 23.03 50.08 -41.03
CA LEU B 178 22.91 49.07 -42.07
C LEU B 178 23.24 47.68 -41.57
N GLN B 179 22.59 46.67 -42.16
CA GLN B 179 22.80 45.25 -41.87
C GLN B 179 22.64 44.46 -43.15
N PHE B 180 23.55 43.51 -43.40
CA PHE B 180 23.53 42.68 -44.59
C PHE B 180 23.24 41.24 -44.26
N PHE B 181 22.44 40.60 -45.10
CA PHE B 181 22.04 39.20 -44.92
C PHE B 181 22.30 38.46 -46.21
N LEU B 182 23.23 37.50 -46.15
CA LEU B 182 23.68 36.76 -47.33
C LEU B 182 23.46 35.25 -47.20
N PRO B 183 23.56 34.47 -48.30
CA PRO B 183 23.37 33.02 -48.19
C PRO B 183 24.52 32.31 -47.47
N PHE B 184 25.69 32.97 -47.41
CA PHE B 184 26.91 32.47 -46.81
C PHE B 184 27.38 33.25 -45.58
N SER B 185 28.11 32.56 -44.68
CA SER B 185 28.68 33.14 -43.47
C SER B 185 30.00 33.83 -43.80
N LEU B 186 30.28 34.96 -43.12
CA LEU B 186 31.50 35.73 -43.33
C LEU B 186 32.72 35.08 -42.67
N GLY B 187 33.79 34.91 -43.46
CA GLY B 187 35.04 34.30 -43.04
C GLY B 187 35.89 35.19 -42.14
N LYS B 212 35.30 27.97 -49.64
CA LYS B 212 34.15 28.80 -50.01
C LYS B 212 34.11 29.12 -51.49
N GLY B 213 33.21 28.43 -52.18
CA GLY B 213 33.03 28.52 -53.62
C GLY B 213 32.04 29.55 -54.12
N ILE B 214 32.17 30.81 -53.67
CA ILE B 214 31.31 31.91 -54.15
C ILE B 214 31.86 32.39 -55.49
N THR B 215 31.04 32.97 -56.36
CA THR B 215 31.47 33.46 -57.67
C THR B 215 32.45 34.64 -57.53
N GLU B 216 33.04 35.06 -58.65
CA GLU B 216 33.97 36.18 -58.66
C GLU B 216 33.21 37.48 -58.44
N GLN B 217 31.97 37.56 -58.99
CA GLN B 217 31.09 38.72 -58.84
C GLN B 217 30.71 38.86 -57.38
N GLN B 218 30.46 37.73 -56.70
CA GLN B 218 30.13 37.70 -55.27
C GLN B 218 31.30 38.20 -54.44
N LYS B 219 32.55 37.88 -54.84
CA LYS B 219 33.76 38.31 -54.15
C LYS B 219 33.93 39.83 -54.27
N GLU B 220 33.59 40.39 -55.44
CA GLU B 220 33.64 41.82 -55.75
C GLU B 220 32.59 42.54 -54.92
N GLY B 221 31.35 42.05 -54.99
CA GLY B 221 30.22 42.58 -54.24
C GLY B 221 30.48 42.60 -52.75
N LEU B 222 31.05 41.51 -52.23
CA LEU B 222 31.38 41.38 -50.81
C LEU B 222 32.40 42.40 -50.34
N GLU B 223 33.43 42.67 -51.17
CA GLU B 223 34.46 43.64 -50.82
C GLU B 223 33.89 45.04 -50.64
N ILE B 224 32.92 45.41 -51.50
CA ILE B 224 32.21 46.70 -51.44
C ILE B 224 31.36 46.75 -50.18
N VAL B 225 30.61 45.67 -49.89
CA VAL B 225 29.78 45.54 -48.69
C VAL B 225 30.66 45.72 -47.46
N LYS B 226 31.84 45.07 -47.44
CA LYS B 226 32.81 45.17 -46.37
C LYS B 226 33.27 46.62 -46.19
N MET B 227 33.63 47.29 -47.31
CA MET B 227 34.09 48.69 -47.32
C MET B 227 33.01 49.61 -46.73
N VAL B 228 31.76 49.44 -47.20
CA VAL B 228 30.59 50.21 -46.74
C VAL B 228 30.46 50.09 -45.23
N MET B 229 30.38 48.85 -44.73
CA MET B 229 30.24 48.57 -43.30
C MET B 229 31.38 49.14 -42.45
N ILE B 230 32.62 49.07 -42.96
CA ILE B 230 33.80 49.61 -42.27
C ILE B 230 33.77 51.13 -42.24
N SER B 231 33.30 51.76 -43.35
CA SER B 231 33.18 53.22 -43.42
C SER B 231 32.17 53.72 -42.39
N LEU B 232 31.04 53.00 -42.26
CA LEU B 232 29.96 53.34 -41.35
C LEU B 232 30.22 53.03 -39.88
N GLU B 233 30.77 51.83 -39.59
CA GLU B 233 30.94 51.39 -38.21
C GLU B 233 32.37 51.05 -37.77
N GLY B 234 33.29 50.97 -38.72
CA GLY B 234 34.67 50.62 -38.42
C GLY B 234 34.86 49.13 -38.39
N GLU B 235 35.84 48.65 -37.59
CA GLU B 235 36.14 47.23 -37.45
C GLU B 235 34.93 46.39 -37.05
N ASP B 236 34.02 46.97 -36.25
CA ASP B 236 32.79 46.33 -35.79
C ASP B 236 31.74 46.18 -36.91
N GLY B 237 31.94 46.90 -38.02
CA GLY B 237 31.05 46.85 -39.19
C GLY B 237 30.86 45.45 -39.73
N LEU B 238 31.95 44.66 -39.78
CA LEU B 238 31.99 43.28 -40.25
C LEU B 238 31.04 42.39 -39.47
N ASP B 239 30.79 42.74 -38.19
CA ASP B 239 29.87 42.02 -37.31
C ASP B 239 28.40 42.19 -37.74
N GLU B 240 28.11 43.17 -38.62
CA GLU B 240 26.76 43.42 -39.10
C GLU B 240 26.46 42.73 -40.44
N ILE B 241 27.29 41.72 -40.79
CA ILE B 241 27.12 40.91 -41.99
C ILE B 241 26.75 39.51 -41.50
N TYR B 242 25.53 39.06 -41.85
CA TYR B 242 24.99 37.78 -41.41
C TYR B 242 24.61 36.85 -42.54
N SER B 243 24.49 35.56 -42.22
CA SER B 243 24.02 34.54 -43.14
C SER B 243 22.54 34.37 -42.82
N PHE B 244 21.72 33.98 -43.81
CA PHE B 244 20.31 33.75 -43.55
C PHE B 244 20.16 32.65 -42.52
N SER B 245 21.03 31.61 -42.61
CA SER B 245 21.05 30.47 -41.70
C SER B 245 21.16 30.87 -40.23
N GLU B 246 22.13 31.74 -39.87
CA GLU B 246 22.31 32.19 -38.49
C GLU B 246 21.18 33.11 -38.03
N SER B 247 20.57 33.84 -38.98
CA SER B 247 19.46 34.75 -38.71
C SER B 247 18.17 33.98 -38.36
N LEU B 248 17.94 32.82 -38.99
CA LEU B 248 16.78 31.95 -38.73
C LEU B 248 16.90 31.27 -37.37
N ARG B 249 18.13 31.03 -36.93
CA ARG B 249 18.48 30.41 -35.66
C ARG B 249 18.14 31.34 -34.48
N LYS B 250 18.29 32.66 -34.68
CA LYS B 250 18.05 33.70 -33.67
C LYS B 250 16.62 34.24 -33.66
N LEU B 251 15.92 34.17 -34.80
CA LEU B 251 14.57 34.69 -34.96
C LEU B 251 13.44 33.66 -34.83
N CYS B 252 13.77 32.36 -34.71
CA CYS B 252 12.75 31.30 -34.62
C CYS B 252 11.86 31.41 -33.36
N VAL B 253 12.43 31.86 -32.23
CA VAL B 253 11.72 32.05 -30.96
C VAL B 253 11.05 33.44 -30.97
N PHE B 254 9.94 33.62 -30.23
CA PHE B 254 9.28 34.92 -30.14
C PHE B 254 10.06 35.83 -29.21
N LYS B 255 9.96 37.14 -29.45
CA LYS B 255 10.65 38.17 -28.69
C LYS B 255 10.29 38.11 -27.20
N LYS B 256 11.30 37.84 -26.33
CA LYS B 256 11.10 37.76 -24.87
C LYS B 256 10.63 39.12 -24.32
N ILE B 257 9.95 39.12 -23.17
CA ILE B 257 9.44 40.38 -22.61
C ILE B 257 10.57 41.17 -21.93
N GLU B 258 10.88 42.33 -22.54
CA GLU B 258 11.88 43.27 -22.06
C GLU B 258 11.19 44.59 -21.75
N ARG B 259 11.30 45.03 -20.49
CA ARG B 259 10.75 46.30 -20.00
C ARG B 259 11.85 46.98 -19.24
N HIS B 260 11.85 48.33 -19.22
CA HIS B 260 12.86 49.07 -18.49
C HIS B 260 12.37 49.37 -17.08
N SER B 261 13.16 48.99 -16.05
CA SER B 261 12.80 49.25 -14.66
C SER B 261 12.87 50.75 -14.35
N ILE B 262 11.85 51.28 -13.66
CA ILE B 262 11.83 52.70 -13.32
C ILE B 262 12.82 52.98 -12.19
N HIS B 263 13.65 54.02 -12.40
CA HIS B 263 14.67 54.50 -11.49
C HIS B 263 13.99 55.05 -10.24
N TRP B 264 14.32 54.46 -9.07
CA TRP B 264 13.75 54.86 -7.80
C TRP B 264 14.79 55.59 -6.97
N PRO B 265 14.76 56.94 -6.96
CA PRO B 265 15.73 57.69 -6.15
C PRO B 265 15.30 57.76 -4.70
N CYS B 266 16.28 57.67 -3.77
CA CYS B 266 16.05 57.72 -2.33
C CYS B 266 17.39 57.85 -1.59
N ARG B 267 17.35 57.82 -0.25
CA ARG B 267 18.53 57.93 0.59
C ARG B 267 18.57 56.76 1.58
N LEU B 268 19.68 56.02 1.59
CA LEU B 268 19.90 54.91 2.53
C LEU B 268 20.41 55.57 3.82
N THR B 269 19.64 55.46 4.90
CA THR B 269 20.02 56.09 6.16
C THR B 269 20.51 55.12 7.22
N ILE B 270 21.58 55.52 7.92
CA ILE B 270 22.18 54.80 9.04
C ILE B 270 22.15 55.81 10.19
N GLY B 271 21.14 55.68 11.05
CA GLY B 271 20.89 56.62 12.13
C GLY B 271 20.17 57.83 11.56
N SER B 272 20.49 59.04 12.04
CA SER B 272 19.89 60.27 11.52
C SER B 272 20.94 61.26 11.02
N ASN B 273 22.23 60.89 11.15
CA ASN B 273 23.33 61.74 10.72
C ASN B 273 24.05 61.23 9.47
N LEU B 274 23.82 59.96 9.07
CA LEU B 274 24.44 59.40 7.88
C LEU B 274 23.40 59.06 6.82
N SER B 275 23.52 59.71 5.66
CA SER B 275 22.63 59.53 4.52
C SER B 275 23.44 59.20 3.28
N ILE B 276 22.97 58.23 2.48
CA ILE B 276 23.65 57.82 1.24
C ILE B 276 22.66 57.88 0.10
N ARG B 277 22.89 58.77 -0.88
CA ARG B 277 22.00 58.91 -2.04
C ARG B 277 22.09 57.64 -2.88
N ILE B 278 20.94 56.99 -3.09
CA ILE B 278 20.85 55.72 -3.84
C ILE B 278 19.80 55.77 -4.93
N ALA B 279 19.87 54.81 -5.86
CA ALA B 279 18.92 54.64 -6.95
C ALA B 279 18.63 53.15 -7.09
N ALA B 280 17.37 52.76 -6.90
CA ALA B 280 16.97 51.37 -6.97
C ALA B 280 16.16 51.05 -8.22
N TYR B 281 16.28 49.81 -8.72
CA TYR B 281 15.56 49.33 -9.90
C TYR B 281 15.11 47.87 -9.64
N LYS B 282 14.00 47.44 -10.24
CA LYS B 282 13.50 46.07 -10.11
C LYS B 282 14.38 45.11 -10.91
N SER B 283 15.08 44.22 -10.21
CA SER B 283 15.97 43.22 -10.81
C SER B 283 15.14 42.05 -11.35
N ILE B 284 14.24 41.51 -10.50
CA ILE B 284 13.39 40.36 -10.82
C ILE B 284 11.94 40.68 -10.47
N LEU B 285 11.01 40.15 -11.27
CA LEU B 285 9.57 40.25 -11.07
C LEU B 285 8.84 39.23 -11.91
N GLN B 286 7.63 38.84 -11.50
CA GLN B 286 6.82 37.90 -12.28
C GLN B 286 6.26 38.67 -13.48
N GLU B 287 6.97 38.58 -14.60
CA GLU B 287 6.65 39.26 -15.84
C GLU B 287 5.42 38.68 -16.50
N ARG B 288 4.60 39.56 -17.08
CA ARG B 288 3.39 39.16 -17.78
C ARG B 288 3.11 40.02 -18.99
N VAL B 289 2.34 39.49 -19.96
CA VAL B 289 1.89 40.24 -21.13
C VAL B 289 0.79 41.19 -20.61
N LYS B 290 0.76 42.44 -21.12
CA LYS B 290 -0.24 43.42 -20.71
C LYS B 290 -1.59 43.11 -21.33
N LYS B 291 -1.61 42.90 -22.65
CA LYS B 291 -2.79 42.58 -23.46
C LYS B 291 -3.35 41.20 -23.09
N THR B 292 -4.66 41.13 -22.79
CA THR B 292 -5.34 39.88 -22.42
C THR B 292 -6.65 39.73 -23.18
N TRP B 293 -7.40 38.66 -22.87
CA TRP B 293 -8.67 38.34 -23.52
C TRP B 293 -9.79 39.30 -23.19
N THR B 294 -10.51 39.73 -24.22
CA THR B 294 -11.68 40.58 -24.11
C THR B 294 -12.88 39.69 -24.35
N VAL B 295 -13.80 39.65 -23.37
CA VAL B 295 -15.01 38.83 -23.45
C VAL B 295 -15.97 39.56 -24.38
N VAL B 296 -16.29 38.94 -25.53
CA VAL B 296 -17.16 39.52 -26.55
C VAL B 296 -18.34 38.63 -26.86
N ASP B 297 -19.43 39.21 -27.39
CA ASP B 297 -20.62 38.46 -27.77
C ASP B 297 -20.27 37.51 -28.91
N ALA B 298 -20.70 36.25 -28.81
CA ALA B 298 -20.45 35.22 -29.82
C ALA B 298 -21.02 35.55 -31.19
N LYS B 299 -22.00 36.47 -31.25
CA LYS B 299 -22.64 36.87 -32.49
C LYS B 299 -22.09 38.19 -33.04
N THR B 300 -22.16 39.28 -32.26
CA THR B 300 -21.70 40.61 -32.66
C THR B 300 -20.18 40.70 -32.68
N LEU B 301 -19.52 39.90 -31.83
CA LEU B 301 -18.08 39.85 -31.63
C LEU B 301 -17.54 41.20 -31.11
N LYS B 302 -18.38 41.91 -30.35
CA LYS B 302 -18.06 43.20 -29.75
C LYS B 302 -18.13 43.17 -28.22
N LYS B 303 -17.29 44.00 -27.57
CA LYS B 303 -17.12 44.15 -26.12
C LYS B 303 -18.29 44.87 -25.45
N GLU B 304 -18.74 45.99 -26.04
CA GLU B 304 -19.81 46.87 -25.53
C GLU B 304 -21.16 46.17 -25.35
N ASP B 305 -21.38 45.07 -26.08
CA ASP B 305 -22.61 44.29 -25.99
C ASP B 305 -22.70 43.47 -24.70
N ILE B 306 -21.61 43.43 -23.92
CA ILE B 306 -21.53 42.72 -22.65
C ILE B 306 -21.43 43.74 -21.50
N GLN B 307 -22.23 43.56 -20.44
CA GLN B 307 -22.24 44.44 -19.28
C GLN B 307 -22.45 43.64 -17.99
N LYS B 308 -21.72 44.00 -16.93
CA LYS B 308 -21.81 43.35 -15.62
C LYS B 308 -22.52 44.24 -14.60
N GLU B 309 -23.59 43.72 -13.98
CA GLU B 309 -24.37 44.42 -12.97
C GLU B 309 -24.29 43.68 -11.63
N THR B 310 -23.58 44.27 -10.67
CA THR B 310 -23.40 43.72 -9.32
C THR B 310 -24.51 44.22 -8.39
N VAL B 311 -25.44 43.32 -8.00
CA VAL B 311 -26.56 43.66 -7.13
C VAL B 311 -26.29 43.25 -5.68
N TYR B 312 -27.01 43.86 -4.72
CA TYR B 312 -26.87 43.62 -3.29
C TYR B 312 -28.17 43.10 -2.68
N CYS B 313 -28.07 42.08 -1.83
CA CYS B 313 -29.22 41.43 -1.17
C CYS B 313 -28.90 41.00 0.28
N LEU B 314 -29.93 40.81 1.12
CA LEU B 314 -29.74 40.45 2.54
C LEU B 314 -29.24 39.02 2.73
N GLU B 319 -31.51 37.53 -1.58
CA GLU B 319 -32.94 37.43 -1.39
C GLU B 319 -33.64 38.80 -1.43
N THR B 320 -33.49 39.67 -0.44
CA THR B 320 -34.15 40.97 -0.64
C THR B 320 -33.11 41.98 -1.06
N GLU B 321 -33.35 42.62 -2.21
CA GLU B 321 -32.48 43.56 -2.89
C GLU B 321 -32.29 44.84 -2.11
N VAL B 322 -31.12 45.49 -2.26
CA VAL B 322 -30.76 46.73 -1.56
C VAL B 322 -30.18 47.75 -2.55
N LEU B 323 -30.56 49.02 -2.38
CA LEU B 323 -30.07 50.12 -3.21
C LEU B 323 -28.77 50.69 -2.65
N LYS B 324 -27.86 51.11 -3.54
CA LYS B 324 -26.54 51.69 -3.24
C LYS B 324 -26.63 52.88 -2.27
N GLU B 325 -27.80 53.56 -2.25
CA GLU B 325 -28.06 54.71 -1.38
C GLU B 325 -28.42 54.27 0.06
N ASP B 326 -28.19 52.98 0.40
CA ASP B 326 -28.49 52.43 1.71
C ASP B 326 -27.36 51.56 2.29
N ILE B 327 -26.19 51.52 1.63
CA ILE B 327 -25.06 50.71 2.08
C ILE B 327 -23.91 51.55 2.64
N ILE B 328 -23.39 51.15 3.82
CA ILE B 328 -22.27 51.76 4.51
C ILE B 328 -21.11 50.75 4.64
N GLN B 329 -19.89 51.26 4.89
CA GLN B 329 -18.71 50.43 5.06
C GLN B 329 -18.59 49.93 6.49
N GLY B 330 -18.09 48.71 6.63
CA GLY B 330 -17.85 48.07 7.91
C GLY B 330 -16.74 47.04 7.86
N PHE B 331 -16.32 46.58 9.04
CA PHE B 331 -15.28 45.56 9.17
C PHE B 331 -15.65 44.59 10.27
N ARG B 332 -15.14 43.36 10.16
CA ARG B 332 -15.41 42.36 11.17
C ARG B 332 -14.25 42.32 12.14
N TYR B 333 -14.57 42.25 13.45
CA TYR B 333 -13.60 42.09 14.51
C TYR B 333 -14.10 40.85 15.24
N GLY B 334 -13.72 39.69 14.70
CA GLY B 334 -14.18 38.41 15.20
C GLY B 334 -15.67 38.29 14.97
N SER B 335 -16.44 38.15 16.06
CA SER B 335 -17.90 38.06 16.03
C SER B 335 -18.55 39.43 15.91
N ASP B 336 -17.79 40.49 16.23
CA ASP B 336 -18.27 41.88 16.17
C ASP B 336 -18.24 42.42 14.75
N ILE B 337 -19.27 43.21 14.41
CA ILE B 337 -19.39 43.89 13.13
C ILE B 337 -19.25 45.37 13.46
N VAL B 338 -18.22 46.01 12.89
CA VAL B 338 -17.87 47.39 13.20
C VAL B 338 -18.05 48.34 12.00
N PRO B 339 -19.08 49.21 12.02
CA PRO B 339 -19.22 50.19 10.92
C PRO B 339 -18.07 51.20 10.99
N PHE B 340 -17.38 51.38 9.88
CA PHE B 340 -16.22 52.26 9.79
C PHE B 340 -16.17 52.86 8.40
N SER B 341 -16.60 54.13 8.24
CA SER B 341 -16.62 54.83 6.96
C SER B 341 -15.20 55.07 6.43
N LYS B 342 -15.05 55.24 5.10
CA LYS B 342 -13.77 55.49 4.43
C LYS B 342 -13.15 56.82 4.89
N VAL B 343 -14.00 57.77 5.32
CA VAL B 343 -13.62 59.08 5.83
C VAL B 343 -12.92 58.93 7.19
N ASP B 344 -13.57 58.21 8.13
CA ASP B 344 -13.04 57.96 9.47
C ASP B 344 -11.78 57.11 9.40
N GLU B 345 -11.79 56.10 8.52
CA GLU B 345 -10.67 55.17 8.27
C GLU B 345 -9.46 55.93 7.73
N GLU B 346 -9.70 56.98 6.93
CA GLU B 346 -8.67 57.83 6.33
C GLU B 346 -7.88 58.60 7.38
N GLN B 347 -8.54 59.04 8.47
CA GLN B 347 -7.94 59.83 9.54
C GLN B 347 -7.29 59.00 10.65
N MET B 348 -7.92 57.86 11.02
CA MET B 348 -7.40 56.96 12.05
C MET B 348 -6.31 56.05 11.50
N LYS B 349 -6.19 56.00 10.15
CA LYS B 349 -5.21 55.23 9.38
C LYS B 349 -3.79 55.50 9.86
N TYR B 350 -2.97 54.44 9.94
CA TYR B 350 -1.56 54.54 10.32
C TYR B 350 -0.84 55.47 9.33
N LYS B 351 -0.11 56.47 9.83
CA LYS B 351 0.60 57.44 9.00
C LYS B 351 2.10 57.38 9.22
N SER B 352 2.84 57.15 8.15
CA SER B 352 4.29 57.06 8.14
C SER B 352 4.87 58.01 7.11
N GLU B 353 6.15 58.41 7.33
CA GLU B 353 6.91 59.25 6.40
C GLU B 353 7.21 58.34 5.19
N GLY B 354 7.00 58.87 3.99
CA GLY B 354 7.20 58.11 2.77
C GLY B 354 8.56 58.24 2.13
N LYS B 355 8.82 57.34 1.14
CA LYS B 355 10.07 57.22 0.39
C LYS B 355 11.26 57.13 1.36
N CYS B 356 11.18 56.14 2.26
CA CYS B 356 12.15 55.90 3.33
C CYS B 356 12.82 54.54 3.21
N PHE B 357 14.16 54.55 3.26
CA PHE B 357 15.02 53.37 3.20
C PHE B 357 15.98 53.52 4.38
N SER B 358 15.67 52.86 5.50
CA SER B 358 16.43 53.01 6.73
C SER B 358 16.97 51.72 7.31
N VAL B 359 18.27 51.70 7.64
CA VAL B 359 18.93 50.56 8.27
C VAL B 359 18.46 50.46 9.71
N LEU B 360 18.05 49.27 10.12
CA LEU B 360 17.61 49.00 11.49
C LEU B 360 18.76 48.40 12.28
N GLY B 361 19.61 47.67 11.55
CA GLY B 361 20.78 47.00 12.08
C GLY B 361 21.37 46.04 11.08
N PHE B 362 22.43 45.35 11.49
CA PHE B 362 23.11 44.36 10.65
C PHE B 362 23.21 43.06 11.40
N CYS B 363 23.19 41.95 10.66
CA CYS B 363 23.28 40.62 11.26
C CYS B 363 24.01 39.66 10.33
N LYS B 364 24.38 38.48 10.84
CA LYS B 364 25.03 37.42 10.07
C LYS B 364 24.06 37.02 8.96
N SER B 365 24.58 36.78 7.73
CA SER B 365 23.76 36.36 6.59
C SER B 365 23.04 35.05 6.88
N SER B 366 23.65 34.20 7.75
CA SER B 366 23.11 32.91 8.19
C SER B 366 21.77 33.08 8.94
N GLN B 367 21.60 34.21 9.65
CA GLN B 367 20.38 34.51 10.41
C GLN B 367 19.21 34.89 9.51
N VAL B 368 19.49 35.14 8.22
CA VAL B 368 18.46 35.49 7.23
C VAL B 368 18.37 34.36 6.22
N GLN B 369 17.37 33.50 6.41
CA GLN B 369 17.15 32.33 5.55
C GLN B 369 16.33 32.72 4.35
N ARG B 370 16.79 32.30 3.16
CA ARG B 370 16.12 32.61 1.89
C ARG B 370 14.68 32.07 1.84
N ARG B 371 14.37 31.06 2.68
CA ARG B 371 13.03 30.48 2.79
C ARG B 371 12.02 31.48 3.34
N PHE B 372 12.51 32.59 3.93
CA PHE B 372 11.69 33.64 4.50
C PHE B 372 11.47 34.80 3.55
N PHE B 373 12.13 34.79 2.37
CA PHE B 373 11.99 35.85 1.37
C PHE B 373 10.55 36.03 0.98
N MET B 374 10.10 37.27 1.00
CA MET B 374 8.72 37.67 0.72
C MET B 374 8.64 38.71 -0.37
N GLY B 375 7.41 38.99 -0.82
CA GLY B 375 7.19 40.00 -1.84
C GLY B 375 7.16 39.49 -3.27
N ASN B 376 6.98 40.44 -4.18
CA ASN B 376 6.85 40.18 -5.63
C ASN B 376 8.01 40.76 -6.48
N GLN B 377 9.04 41.30 -5.82
CA GLN B 377 10.16 41.93 -6.50
C GLN B 377 11.50 41.73 -5.78
N VAL B 378 12.57 42.07 -6.48
CA VAL B 378 13.94 42.08 -5.97
C VAL B 378 14.45 43.43 -6.42
N LEU B 379 15.02 44.21 -5.51
CA LEU B 379 15.54 45.52 -5.89
C LEU B 379 17.04 45.53 -5.88
N LYS B 380 17.66 46.03 -6.96
CA LYS B 380 19.10 46.21 -7.00
C LYS B 380 19.30 47.68 -6.70
N VAL B 381 20.07 47.97 -5.63
CA VAL B 381 20.31 49.32 -5.14
C VAL B 381 21.73 49.77 -5.48
N PHE B 382 21.83 50.83 -6.28
CA PHE B 382 23.12 51.43 -6.67
C PHE B 382 23.19 52.81 -6.07
N ALA B 383 24.35 53.45 -6.16
CA ALA B 383 24.51 54.82 -5.69
C ALA B 383 23.81 55.72 -6.72
N ALA B 384 23.34 56.91 -6.27
CA ALA B 384 22.67 57.88 -7.14
C ALA B 384 23.48 58.14 -8.40
N ARG B 385 22.80 58.32 -9.53
CA ARG B 385 23.43 58.55 -10.81
C ARG B 385 24.38 59.75 -10.82
N ASP B 386 25.61 59.51 -11.33
CA ASP B 386 26.71 60.46 -11.50
C ASP B 386 27.27 61.02 -10.17
N ASP B 387 26.97 60.36 -9.04
CA ASP B 387 27.45 60.78 -7.72
C ASP B 387 28.57 59.85 -7.24
N GLU B 388 29.83 60.30 -7.42
CA GLU B 388 31.03 59.54 -7.02
C GLU B 388 31.09 59.36 -5.51
N ALA B 389 30.81 60.44 -4.74
CA ALA B 389 30.83 60.41 -3.28
C ALA B 389 29.87 59.34 -2.75
N ALA B 390 28.64 59.28 -3.30
CA ALA B 390 27.64 58.29 -2.92
C ALA B 390 28.11 56.89 -3.33
N ALA B 391 28.76 56.76 -4.50
CA ALA B 391 29.28 55.50 -5.02
C ALA B 391 30.34 54.89 -4.11
N VAL B 392 31.28 55.72 -3.63
CA VAL B 392 32.36 55.32 -2.70
C VAL B 392 31.75 54.89 -1.37
N ALA B 393 30.80 55.70 -0.85
CA ALA B 393 30.10 55.46 0.41
C ALA B 393 29.37 54.12 0.38
N LEU B 394 28.63 53.86 -0.70
CA LEU B 394 27.91 52.59 -0.84
C LEU B 394 28.86 51.42 -1.02
N SER B 395 29.95 51.60 -1.81
CA SER B 395 30.96 50.57 -2.02
C SER B 395 31.59 50.15 -0.69
N SER B 396 31.71 51.10 0.26
CA SER B 396 32.24 50.84 1.59
C SER B 396 31.34 49.85 2.31
N LEU B 397 30.02 50.13 2.29
CA LEU B 397 29.00 49.29 2.92
C LEU B 397 28.98 47.89 2.33
N ILE B 398 28.90 47.79 0.98
CA ILE B 398 28.87 46.52 0.24
C ILE B 398 30.03 45.61 0.65
N HIS B 399 31.26 46.11 0.53
CA HIS B 399 32.47 45.36 0.84
C HIS B 399 32.60 45.02 2.31
N ALA B 400 32.15 45.91 3.22
CA ALA B 400 32.21 45.67 4.66
C ALA B 400 31.31 44.49 5.00
N LEU B 401 30.07 44.49 4.49
CA LEU B 401 29.10 43.42 4.72
C LEU B 401 29.60 42.10 4.14
N ASP B 402 30.19 42.16 2.93
CA ASP B 402 30.73 40.99 2.25
C ASP B 402 31.91 40.40 3.02
N ASP B 403 32.85 41.26 3.45
CA ASP B 403 34.03 40.86 4.21
C ASP B 403 33.69 40.40 5.63
N LEU B 404 32.51 40.78 6.15
CA LEU B 404 32.06 40.38 7.47
C LEU B 404 31.02 39.27 7.40
N ASP B 405 30.64 38.86 6.17
CA ASP B 405 29.61 37.84 5.91
C ASP B 405 28.32 38.22 6.66
N MET B 406 27.93 39.49 6.48
CA MET B 406 26.75 40.05 7.13
C MET B 406 25.83 40.70 6.12
N VAL B 407 24.63 41.05 6.59
CA VAL B 407 23.58 41.70 5.79
C VAL B 407 22.92 42.81 6.61
N ALA B 408 22.22 43.72 5.93
CA ALA B 408 21.51 44.81 6.57
C ALA B 408 20.03 44.47 6.63
N ILE B 409 19.39 44.83 7.75
CA ILE B 409 17.94 44.64 7.93
C ILE B 409 17.38 46.04 7.85
N VAL B 410 16.58 46.31 6.82
CA VAL B 410 16.09 47.66 6.57
C VAL B 410 14.57 47.80 6.55
N ARG B 411 14.11 49.05 6.72
CA ARG B 411 12.72 49.46 6.61
C ARG B 411 12.60 50.12 5.22
N TYR B 412 11.73 49.58 4.37
CA TYR B 412 11.53 50.10 3.02
C TYR B 412 10.10 50.55 2.80
N ALA B 413 9.93 51.75 2.24
CA ALA B 413 8.64 52.33 1.92
C ALA B 413 8.77 53.04 0.57
N TYR B 414 8.02 52.55 -0.43
CA TYR B 414 8.00 53.07 -1.80
C TYR B 414 7.70 54.58 -1.84
N ASP B 415 6.57 54.98 -1.22
CA ASP B 415 6.12 56.38 -1.13
C ASP B 415 5.39 56.66 0.19
N LYS B 416 4.81 57.86 0.32
CA LYS B 416 4.07 58.30 1.51
C LYS B 416 2.84 57.47 1.81
N ARG B 417 2.24 56.87 0.76
CA ARG B 417 1.03 56.07 0.88
C ARG B 417 1.29 54.59 1.12
N ALA B 418 2.32 54.03 0.46
CA ALA B 418 2.71 52.61 0.52
C ALA B 418 2.94 52.09 1.93
N ASN B 419 2.48 50.85 2.19
CA ASN B 419 2.65 50.17 3.46
C ASN B 419 4.13 49.85 3.65
N PRO B 420 4.74 50.26 4.79
CA PRO B 420 6.16 49.99 5.00
C PRO B 420 6.46 48.50 5.12
N GLN B 421 7.69 48.12 4.73
CA GLN B 421 8.15 46.74 4.77
C GLN B 421 9.44 46.64 5.53
N VAL B 422 9.72 45.44 6.05
CA VAL B 422 10.98 45.14 6.70
C VAL B 422 11.60 44.17 5.71
N GLY B 423 12.87 44.36 5.39
CA GLY B 423 13.56 43.50 4.45
C GLY B 423 15.05 43.40 4.67
N VAL B 424 15.71 42.64 3.79
CA VAL B 424 17.16 42.41 3.81
C VAL B 424 17.82 43.14 2.64
N ALA B 425 19.01 43.70 2.88
CA ALA B 425 19.83 44.35 1.87
C ALA B 425 21.19 43.65 1.93
N PHE B 426 21.49 42.79 0.95
CA PHE B 426 22.73 42.04 0.97
C PHE B 426 23.70 42.40 -0.16
N PRO B 427 25.03 42.28 0.09
CA PRO B 427 26.01 42.63 -0.97
C PRO B 427 25.95 41.73 -2.21
N HIS B 428 26.24 42.34 -3.37
CA HIS B 428 26.27 41.68 -4.67
C HIS B 428 27.65 41.88 -5.32
N ILE B 429 28.42 40.77 -5.32
CA ILE B 429 29.77 40.34 -5.70
C ILE B 429 30.34 40.66 -7.10
N LYS B 430 29.66 41.25 -8.10
CA LYS B 430 30.19 41.29 -9.47
C LYS B 430 31.30 42.32 -9.71
N HIS B 431 32.21 42.02 -10.65
CA HIS B 431 33.36 42.89 -11.00
C HIS B 431 32.99 44.09 -11.87
N ASN B 432 31.91 43.98 -12.67
CA ASN B 432 31.45 45.07 -13.54
C ASN B 432 30.60 46.09 -12.77
N TYR B 433 29.92 45.63 -11.71
CA TYR B 433 29.03 46.44 -10.89
C TYR B 433 28.89 45.92 -9.48
N GLU B 434 28.78 46.84 -8.54
CA GLU B 434 28.59 46.54 -7.13
C GLU B 434 27.28 47.14 -6.69
N CYS B 435 26.48 46.37 -5.95
CA CYS B 435 25.18 46.82 -5.46
C CYS B 435 24.70 46.02 -4.27
N LEU B 436 23.68 46.54 -3.60
CA LEU B 436 22.99 45.87 -2.52
C LEU B 436 21.73 45.30 -3.14
N VAL B 437 21.34 44.11 -2.73
CA VAL B 437 20.14 43.48 -3.26
C VAL B 437 19.11 43.52 -2.15
N TYR B 438 17.95 44.13 -2.43
CA TYR B 438 16.86 44.23 -1.48
C TYR B 438 15.78 43.20 -1.77
N VAL B 439 15.36 42.47 -0.72
CA VAL B 439 14.27 41.50 -0.76
C VAL B 439 13.50 41.65 0.56
N GLN B 440 12.15 41.67 0.48
CA GLN B 440 11.29 41.83 1.66
C GLN B 440 11.36 40.59 2.55
N LEU B 441 11.32 40.81 3.87
CA LEU B 441 11.30 39.76 4.87
C LEU B 441 9.91 39.72 5.50
N PRO B 442 9.52 38.64 6.23
CA PRO B 442 8.16 38.61 6.76
C PRO B 442 7.93 39.33 8.07
N PHE B 443 6.65 39.68 8.30
CA PHE B 443 6.18 40.23 9.56
C PHE B 443 5.72 39.01 10.36
N MET B 444 5.71 39.11 11.69
CA MET B 444 5.27 38.03 12.60
C MET B 444 3.90 37.44 12.16
N GLU B 445 2.98 38.30 11.73
CA GLU B 445 1.63 37.96 11.28
C GLU B 445 1.61 37.17 9.98
N ASP B 446 2.71 37.20 9.21
CA ASP B 446 2.85 36.52 7.93
C ASP B 446 3.31 35.08 8.08
N LEU B 447 4.00 34.77 9.18
CA LEU B 447 4.55 33.43 9.44
C LEU B 447 3.47 32.43 9.82
N ARG B 448 3.60 31.19 9.33
CA ARG B 448 2.66 30.11 9.62
C ARG B 448 3.40 28.97 10.32
N GLN B 449 3.08 28.82 11.62
CA GLN B 449 3.70 27.83 12.50
C GLN B 449 3.02 26.44 12.41
N TYR B 450 3.53 25.60 11.48
CA TYR B 450 3.05 24.22 11.29
C TYR B 450 4.14 23.25 11.71
N MET B 451 3.78 22.27 12.55
CA MET B 451 4.70 21.24 13.00
C MET B 451 4.59 20.03 12.11
N PHE B 452 5.75 19.47 11.71
CA PHE B 452 5.83 18.31 10.84
C PHE B 452 6.61 17.21 11.52
N SER B 453 6.21 15.95 11.31
CA SER B 453 6.87 14.79 11.90
C SER B 453 8.32 14.66 11.41
N SER B 454 9.23 14.31 12.33
CA SER B 454 10.65 14.12 12.00
C SER B 454 10.75 12.92 11.09
N LEU B 455 11.57 13.04 10.03
CA LEU B 455 11.74 11.95 9.07
C LEU B 455 13.02 11.18 9.31
N LYS B 456 14.05 11.88 9.82
CA LYS B 456 15.34 11.31 10.18
C LYS B 456 15.10 10.41 11.39
N ASN B 457 14.32 10.92 12.36
CA ASN B 457 13.94 10.21 13.59
C ASN B 457 12.65 9.39 13.38
N SER B 458 12.52 8.73 12.21
CA SER B 458 11.35 7.91 11.90
C SER B 458 11.72 6.44 11.95
N LYS B 459 10.91 5.64 12.62
CA LYS B 459 11.12 4.20 12.73
C LYS B 459 10.42 3.49 11.58
N LYS B 460 9.40 4.15 10.99
CA LYS B 460 8.56 3.63 9.91
C LYS B 460 9.09 3.82 8.50
N TYR B 461 9.65 5.01 8.21
CA TYR B 461 10.08 5.37 6.86
C TYR B 461 11.59 5.51 6.64
N ALA B 462 12.42 4.94 7.53
CA ALA B 462 13.87 4.98 7.38
C ALA B 462 14.28 4.07 6.21
N PRO B 463 14.96 4.62 5.18
CA PRO B 463 15.34 3.76 4.03
C PRO B 463 16.50 2.82 4.35
N THR B 464 16.56 1.69 3.62
CA THR B 464 17.62 0.70 3.77
C THR B 464 18.89 1.23 3.11
N GLU B 465 20.03 0.56 3.33
CA GLU B 465 21.31 0.92 2.75
C GLU B 465 21.25 0.84 1.22
N ALA B 466 20.60 -0.21 0.67
CA ALA B 466 20.44 -0.43 -0.77
C ALA B 466 19.61 0.67 -1.42
N GLN B 467 18.54 1.11 -0.74
CA GLN B 467 17.65 2.16 -1.20
C GLN B 467 18.41 3.49 -1.31
N LEU B 468 19.22 3.80 -0.29
CA LEU B 468 20.05 5.00 -0.23
C LEU B 468 21.11 5.01 -1.32
N ASN B 469 21.69 3.85 -1.64
CA ASN B 469 22.72 3.73 -2.68
C ASN B 469 22.14 3.93 -4.08
N ALA B 470 20.88 3.50 -4.29
CA ALA B 470 20.17 3.66 -5.56
C ALA B 470 19.90 5.14 -5.82
N VAL B 471 19.52 5.87 -4.76
CA VAL B 471 19.23 7.30 -4.83
C VAL B 471 20.55 8.05 -5.06
N ASP B 472 21.63 7.59 -4.41
CA ASP B 472 22.98 8.16 -4.57
C ASP B 472 23.41 8.05 -6.03
N ALA B 473 23.17 6.88 -6.66
CA ALA B 473 23.49 6.63 -8.06
C ALA B 473 22.61 7.47 -8.98
N LEU B 474 21.33 7.66 -8.59
CA LEU B 474 20.37 8.47 -9.36
C LEU B 474 20.81 9.93 -9.43
N ILE B 475 21.19 10.51 -8.28
CA ILE B 475 21.62 11.91 -8.20
C ILE B 475 22.88 12.17 -9.04
N ASP B 476 23.82 11.20 -9.07
CA ASP B 476 25.05 11.30 -9.85
C ASP B 476 24.77 11.22 -11.35
N SER B 477 23.90 10.31 -11.77
CA SER B 477 23.52 10.12 -13.18
C SER B 477 22.78 11.34 -13.72
N MET B 478 21.85 11.88 -12.91
CA MET B 478 21.02 13.03 -13.26
C MET B 478 21.65 14.40 -12.97
N SER B 479 23.00 14.48 -12.91
CA SER B 479 23.67 15.75 -12.64
C SER B 479 23.45 16.74 -13.77
N LEU B 480 23.03 17.95 -13.41
CA LEU B 480 22.76 19.04 -14.36
C LEU B 480 23.91 20.03 -14.41
N ALA B 481 25.10 19.62 -13.92
CA ALA B 481 26.29 20.44 -13.89
C ALA B 481 27.53 19.63 -14.30
N LYS B 482 28.61 20.33 -14.71
CA LYS B 482 29.88 19.74 -15.17
C LYS B 482 31.05 20.70 -14.94
N LYS B 483 32.18 20.18 -14.44
CA LYS B 483 33.39 20.96 -14.15
C LYS B 483 34.32 21.02 -15.38
N ASP B 484 34.60 22.25 -15.88
CA ASP B 484 35.45 22.46 -17.06
C ASP B 484 36.92 22.73 -16.72
N GLU B 485 37.83 22.14 -17.53
CA GLU B 485 39.30 22.27 -17.50
C GLU B 485 39.91 22.13 -16.08
N LYS B 486 39.21 21.41 -15.16
CA LYS B 486 39.63 21.17 -13.76
C LYS B 486 39.93 22.48 -13.00
N THR B 487 39.18 23.56 -13.30
CA THR B 487 39.32 24.89 -12.71
C THR B 487 38.41 25.08 -11.50
N ASP B 488 37.80 23.96 -11.03
CA ASP B 488 36.86 23.88 -9.91
C ASP B 488 35.65 24.82 -10.12
N THR B 489 35.34 25.09 -11.41
CA THR B 489 34.22 25.92 -11.86
C THR B 489 33.12 25.04 -12.44
N LEU B 490 31.90 25.22 -11.95
CA LEU B 490 30.75 24.43 -12.36
C LEU B 490 29.99 25.07 -13.50
N GLU B 491 29.82 24.31 -14.60
CA GLU B 491 29.09 24.76 -15.79
C GLU B 491 27.72 24.13 -15.78
N ASP B 492 26.69 24.98 -15.72
CA ASP B 492 25.30 24.57 -15.67
C ASP B 492 24.85 24.03 -17.03
N LEU B 493 24.46 22.76 -17.06
CA LEU B 493 23.99 22.09 -18.27
C LEU B 493 22.52 22.37 -18.59
N PHE B 494 21.77 22.94 -17.63
CA PHE B 494 20.37 23.26 -17.82
C PHE B 494 20.01 24.56 -17.08
N PRO B 495 20.43 25.74 -17.62
CA PRO B 495 20.25 27.02 -16.91
C PRO B 495 18.84 27.46 -16.47
N THR B 496 17.80 27.27 -17.32
CA THR B 496 16.38 27.60 -17.07
C THR B 496 16.10 29.13 -16.95
N THR B 497 17.03 29.94 -16.38
CA THR B 497 16.85 31.40 -16.26
C THR B 497 17.12 32.14 -17.58
N LYS B 498 17.67 31.42 -18.57
CA LYS B 498 17.97 31.95 -19.90
C LYS B 498 16.81 31.61 -20.85
N ILE B 499 16.00 30.63 -20.46
CA ILE B 499 14.85 30.16 -21.22
C ILE B 499 13.70 31.16 -21.15
N PRO B 500 13.10 31.53 -22.30
CA PRO B 500 11.93 32.42 -22.25
C PRO B 500 10.69 31.65 -21.75
N ASN B 501 9.79 32.35 -21.04
CA ASN B 501 8.57 31.77 -20.51
C ASN B 501 7.75 31.17 -21.65
N PRO B 502 7.54 29.83 -21.63
CA PRO B 502 6.79 29.18 -22.72
C PRO B 502 5.34 29.62 -22.89
N ARG B 503 4.71 30.17 -21.85
CA ARG B 503 3.31 30.65 -21.90
C ARG B 503 3.12 31.68 -23.02
N PHE B 504 4.03 32.66 -23.10
CA PHE B 504 3.98 33.73 -24.09
C PHE B 504 4.19 33.21 -25.50
N GLN B 505 5.23 32.38 -25.69
CA GLN B 505 5.58 31.73 -26.96
C GLN B 505 4.40 30.94 -27.47
N ARG B 506 3.72 30.24 -26.56
CA ARG B 506 2.57 29.41 -26.89
C ARG B 506 1.38 30.26 -27.26
N LEU B 507 1.11 31.32 -26.48
CA LEU B 507 -0.01 32.23 -26.72
C LEU B 507 0.14 32.85 -28.12
N PHE B 508 1.35 33.35 -28.42
CA PHE B 508 1.68 33.99 -29.67
C PHE B 508 1.57 33.06 -30.87
N GLN B 509 2.05 31.82 -30.74
CA GLN B 509 1.98 30.82 -31.80
C GLN B 509 0.50 30.60 -32.18
N CYS B 510 -0.37 30.46 -31.16
CA CYS B 510 -1.80 30.24 -31.31
C CYS B 510 -2.51 31.44 -31.90
N LEU B 511 -2.22 32.65 -31.38
CA LEU B 511 -2.80 33.89 -31.86
C LEU B 511 -2.47 34.12 -33.33
N LEU B 512 -1.23 33.78 -33.74
CA LEU B 512 -0.76 33.89 -35.12
C LEU B 512 -1.47 32.84 -35.97
N HIS B 513 -1.52 31.59 -35.49
CA HIS B 513 -2.17 30.50 -36.20
C HIS B 513 -3.65 30.79 -36.47
N ARG B 514 -4.37 31.33 -35.48
CA ARG B 514 -5.78 31.69 -35.65
C ARG B 514 -5.95 32.86 -36.64
N ALA B 515 -4.96 33.77 -36.70
CA ALA B 515 -5.02 34.92 -37.58
C ALA B 515 -4.82 34.53 -39.03
N LEU B 516 -3.84 33.66 -39.31
CA LEU B 516 -3.53 33.22 -40.67
C LEU B 516 -4.42 32.09 -41.17
N HIS B 517 -4.92 31.23 -40.25
CA HIS B 517 -5.77 30.07 -40.57
C HIS B 517 -6.99 30.03 -39.63
N PRO B 518 -8.03 30.86 -39.87
CA PRO B 518 -9.18 30.91 -38.97
C PRO B 518 -10.03 29.64 -38.87
N ARG B 519 -10.09 28.85 -39.96
CA ARG B 519 -10.87 27.62 -40.02
C ARG B 519 -10.19 26.44 -39.31
N GLU B 520 -8.84 26.44 -39.27
CA GLU B 520 -8.04 25.40 -38.66
C GLU B 520 -8.10 25.40 -37.14
N PRO B 521 -8.14 24.24 -36.45
CA PRO B 521 -8.09 24.26 -34.98
C PRO B 521 -6.71 24.68 -34.49
N LEU B 522 -6.56 24.89 -33.16
CA LEU B 522 -5.29 25.32 -32.60
C LEU B 522 -4.16 24.31 -32.82
N PRO B 523 -2.94 24.77 -33.16
CA PRO B 523 -1.85 23.83 -33.42
C PRO B 523 -1.25 23.23 -32.15
N PRO B 524 -0.53 22.09 -32.23
CA PRO B 524 0.09 21.54 -31.03
C PRO B 524 1.36 22.32 -30.66
N ILE B 525 1.86 22.13 -29.42
CA ILE B 525 3.06 22.80 -28.94
C ILE B 525 4.24 22.46 -29.83
N GLN B 526 4.97 23.49 -30.29
CA GLN B 526 6.13 23.36 -31.16
C GLN B 526 7.24 22.60 -30.45
N GLN B 527 7.87 21.66 -31.17
CA GLN B 527 8.93 20.81 -30.65
C GLN B 527 10.07 21.55 -30.00
N HIS B 528 10.56 22.65 -30.61
CA HIS B 528 11.66 23.42 -30.02
C HIS B 528 11.33 23.92 -28.61
N ILE B 529 10.05 24.26 -28.36
CA ILE B 529 9.57 24.70 -27.04
C ILE B 529 9.77 23.55 -26.07
N TRP B 530 9.28 22.35 -26.43
CA TRP B 530 9.45 21.17 -25.58
C TRP B 530 10.93 20.86 -25.40
N ASN B 531 11.73 20.99 -26.47
CA ASN B 531 13.17 20.75 -26.45
C ASN B 531 13.90 21.64 -25.46
N MET B 532 13.47 22.90 -25.32
CA MET B 532 14.12 23.80 -24.38
C MET B 532 13.65 23.60 -22.94
N LEU B 533 12.44 23.03 -22.75
CA LEU B 533 11.88 22.76 -21.43
C LEU B 533 12.37 21.44 -20.83
N ASN B 534 13.04 20.61 -21.63
CA ASN B 534 13.56 19.31 -21.20
C ASN B 534 15.07 19.35 -20.96
N PRO B 535 15.60 18.52 -20.03
CA PRO B 535 17.05 18.53 -19.77
C PRO B 535 17.84 17.90 -20.93
N PRO B 536 19.18 18.09 -20.99
CA PRO B 536 19.96 17.46 -22.08
C PRO B 536 19.68 15.96 -22.22
N ALA B 537 19.55 15.48 -23.46
CA ALA B 537 19.26 14.07 -23.79
C ALA B 537 20.23 13.10 -23.13
N GLU B 538 21.45 13.57 -22.84
CA GLU B 538 22.51 12.83 -22.17
C GLU B 538 22.03 12.41 -20.77
N VAL B 539 21.46 13.40 -20.03
CA VAL B 539 20.92 13.25 -18.67
C VAL B 539 19.82 12.19 -18.61
N THR B 540 18.90 12.20 -19.59
CA THR B 540 17.77 11.27 -19.70
C THR B 540 18.22 9.82 -19.87
N THR B 541 19.25 9.55 -20.68
CA THR B 541 19.73 8.18 -20.87
C THR B 541 20.37 7.64 -19.59
N LYS B 542 21.19 8.47 -18.93
CA LYS B 542 21.86 8.10 -17.69
C LYS B 542 20.87 7.85 -16.56
N SER B 543 19.75 8.60 -16.53
CA SER B 543 18.69 8.51 -15.51
C SER B 543 17.96 7.17 -15.49
N GLN B 544 17.53 6.69 -16.67
CA GLN B 544 16.72 5.48 -16.87
C GLN B 544 17.23 4.22 -16.17
N ILE B 545 18.54 3.97 -16.17
CA ILE B 545 19.11 2.79 -15.50
C ILE B 545 18.95 2.89 -13.97
N PRO B 546 19.51 3.90 -13.25
CA PRO B 546 19.28 3.96 -11.79
C PRO B 546 17.80 4.13 -11.43
N LEU B 547 17.00 4.75 -12.33
CA LEU B 547 15.55 4.94 -12.19
C LEU B 547 14.92 3.55 -12.15
N SER B 548 15.36 2.63 -13.03
CA SER B 548 14.86 1.25 -13.08
C SER B 548 15.12 0.52 -11.76
N LYS B 549 16.33 0.70 -11.18
CA LYS B 549 16.71 0.10 -9.90
C LYS B 549 15.86 0.68 -8.76
N ILE B 550 15.52 1.98 -8.83
CA ILE B 550 14.69 2.68 -7.85
C ILE B 550 13.26 2.14 -7.84
N LYS B 551 12.70 1.85 -9.03
CA LYS B 551 11.34 1.32 -9.15
C LYS B 551 11.18 -0.03 -8.45
N THR B 552 12.24 -0.85 -8.45
CA THR B 552 12.23 -2.17 -7.81
C THR B 552 12.52 -2.09 -6.31
N LEU B 553 13.38 -1.14 -5.89
CA LEU B 553 13.76 -0.98 -4.49
C LEU B 553 12.74 -0.23 -3.65
N PHE B 554 12.01 0.72 -4.26
CA PHE B 554 11.01 1.52 -3.54
C PHE B 554 9.58 1.18 -3.95
N PRO B 555 8.88 0.32 -3.18
CA PRO B 555 7.50 -0.01 -3.56
C PRO B 555 6.58 1.19 -3.46
N LEU B 556 5.81 1.44 -4.52
CA LEU B 556 4.87 2.56 -4.58
C LEU B 556 3.52 2.09 -5.08
N ILE B 557 2.47 2.31 -4.29
CA ILE B 557 1.11 1.91 -4.64
C ILE B 557 0.07 2.87 -4.06
N GLU B 558 -0.95 3.20 -4.87
CA GLU B 558 -2.03 4.10 -4.48
C GLU B 558 -2.97 3.48 -3.43
N ALA B 559 -3.31 4.25 -2.38
CA ALA B 559 -4.19 3.81 -1.29
C ALA B 559 -5.65 3.66 -1.74
N LYS C 7 -14.35 -45.26 33.61
CA LYS C 7 -15.26 -45.98 32.72
C LYS C 7 -16.73 -45.54 32.92
N PRO C 8 -17.30 -44.73 31.99
CA PRO C 8 -18.70 -44.27 32.13
C PRO C 8 -19.73 -45.38 31.99
N ARG C 9 -20.80 -45.31 32.79
CA ARG C 9 -21.88 -46.30 32.81
C ARG C 9 -23.27 -45.66 32.81
N GLY C 10 -24.25 -46.43 32.34
CA GLY C 10 -25.67 -46.11 32.28
C GLY C 10 -26.06 -44.75 31.73
N LEU C 11 -26.26 -43.76 32.62
CA LEU C 11 -26.70 -42.42 32.24
C LEU C 11 -25.58 -41.62 31.53
N PHE C 12 -24.33 -41.79 31.97
CA PHE C 12 -23.18 -41.06 31.43
C PHE C 12 -22.54 -41.70 30.21
N SER C 13 -22.66 -43.04 30.06
CA SER C 13 -22.10 -43.77 28.92
C SER C 13 -22.75 -43.39 27.58
N TYR D 32 -11.14 -18.63 -18.07
CA TYR D 32 -10.14 -19.68 -18.32
C TYR D 32 -8.74 -19.11 -18.48
N SER D 33 -8.63 -17.95 -19.16
CA SER D 33 -7.43 -17.19 -19.58
C SER D 33 -6.68 -17.89 -20.73
N GLY D 34 -6.76 -19.21 -20.78
CA GLY D 34 -6.19 -20.03 -21.84
C GLY D 34 -5.42 -21.25 -21.38
N ARG D 35 -4.63 -21.81 -22.30
CA ARG D 35 -3.75 -22.97 -22.06
C ARG D 35 -2.32 -22.46 -22.04
N ASP D 36 -1.47 -22.91 -21.09
CA ASP D 36 -0.08 -22.47 -21.06
C ASP D 36 0.74 -23.18 -22.15
N SER D 37 1.82 -22.55 -22.62
CA SER D 37 2.67 -23.09 -23.68
C SER D 37 4.12 -23.20 -23.30
N LEU D 38 4.70 -24.35 -23.62
CA LEU D 38 6.09 -24.65 -23.33
C LEU D 38 6.78 -25.24 -24.55
N ILE D 39 7.85 -24.58 -25.00
CA ILE D 39 8.64 -25.02 -26.15
C ILE D 39 9.96 -25.53 -25.62
N PHE D 40 10.29 -26.79 -25.95
CA PHE D 40 11.56 -27.38 -25.57
C PHE D 40 12.52 -27.20 -26.73
N LEU D 41 13.57 -26.40 -26.50
CA LEU D 41 14.59 -26.08 -27.49
C LEU D 41 15.87 -26.82 -27.15
N VAL D 42 16.29 -27.75 -28.03
CA VAL D 42 17.46 -28.58 -27.79
C VAL D 42 18.60 -28.29 -28.75
N ASP D 43 19.80 -28.07 -28.20
CA ASP D 43 21.02 -27.83 -28.98
C ASP D 43 21.47 -29.17 -29.56
N ALA D 44 21.81 -29.19 -30.85
CA ALA D 44 22.28 -30.40 -31.52
C ALA D 44 23.74 -30.27 -31.95
N SER D 45 24.51 -29.39 -31.26
CA SER D 45 25.93 -29.19 -31.52
C SER D 45 26.74 -30.42 -31.08
N LYS D 46 28.00 -30.49 -31.54
CA LYS D 46 28.93 -31.59 -31.28
C LYS D 46 29.04 -31.96 -29.78
N ALA D 47 29.17 -30.92 -28.92
CA ALA D 47 29.31 -31.03 -27.47
C ALA D 47 28.12 -31.68 -26.76
N MET D 48 26.91 -31.60 -27.36
CA MET D 48 25.69 -32.18 -26.78
C MET D 48 25.68 -33.71 -26.78
N PHE D 49 26.49 -34.32 -27.64
CA PHE D 49 26.58 -35.78 -27.75
C PHE D 49 27.86 -36.32 -27.09
N GLU D 50 28.56 -35.45 -26.34
CA GLU D 50 29.80 -35.79 -25.64
C GLU D 50 29.54 -35.94 -24.14
N SER D 51 29.74 -37.15 -23.60
CA SER D 51 29.56 -37.40 -22.18
C SER D 51 30.81 -36.97 -21.42
N GLN D 52 30.62 -36.32 -20.25
CA GLN D 52 31.70 -35.88 -19.36
C GLN D 52 32.27 -37.11 -18.66
N SER D 53 31.36 -38.00 -18.20
CA SER D 53 31.65 -39.29 -17.58
C SER D 53 31.03 -40.36 -18.48
N GLU D 54 31.80 -41.41 -18.81
CA GLU D 54 31.37 -42.52 -19.67
C GLU D 54 30.08 -43.23 -19.18
N ASP D 55 29.92 -43.35 -17.85
CA ASP D 55 28.75 -43.95 -17.20
C ASP D 55 27.56 -42.99 -17.23
N GLU D 56 27.83 -41.67 -17.27
CA GLU D 56 26.81 -40.62 -17.29
C GLU D 56 26.28 -40.36 -18.69
N LEU D 57 24.97 -40.02 -18.78
CA LEU D 57 24.30 -39.74 -20.05
C LEU D 57 24.81 -38.46 -20.68
N THR D 58 24.77 -38.37 -22.02
CA THR D 58 25.20 -37.18 -22.76
C THR D 58 24.20 -36.05 -22.48
N PRO D 59 24.60 -34.75 -22.53
CA PRO D 59 23.62 -33.68 -22.30
C PRO D 59 22.37 -33.79 -23.20
N PHE D 60 22.52 -34.32 -24.43
CA PHE D 60 21.41 -34.53 -25.37
C PHE D 60 20.44 -35.60 -24.86
N ASP D 61 20.97 -36.79 -24.49
CA ASP D 61 20.19 -37.91 -23.98
C ASP D 61 19.44 -37.47 -22.73
N MET D 62 20.13 -36.72 -21.86
CA MET D 62 19.61 -36.14 -20.62
C MET D 62 18.41 -35.24 -20.95
N SER D 63 18.56 -34.37 -21.96
CA SER D 63 17.52 -33.45 -22.43
C SER D 63 16.31 -34.21 -22.96
N ILE D 64 16.51 -35.15 -23.90
CA ILE D 64 15.46 -35.99 -24.49
C ILE D 64 14.65 -36.70 -23.38
N GLN D 65 15.36 -37.40 -22.47
CA GLN D 65 14.76 -38.11 -21.35
C GLN D 65 13.96 -37.20 -20.42
N CYS D 66 14.46 -35.98 -20.18
CA CYS D 66 13.81 -34.99 -19.35
C CYS D 66 12.50 -34.51 -20.01
N ILE D 67 12.55 -34.27 -21.33
CA ILE D 67 11.39 -33.81 -22.13
C ILE D 67 10.29 -34.88 -22.12
N GLN D 68 10.68 -36.15 -22.38
CA GLN D 68 9.78 -37.29 -22.38
C GLN D 68 9.03 -37.37 -21.04
N SER D 69 9.78 -37.20 -19.94
CA SER D 69 9.26 -37.22 -18.57
C SER D 69 8.18 -36.18 -18.37
N VAL D 70 8.43 -34.94 -18.83
CA VAL D 70 7.46 -33.83 -18.74
C VAL D 70 6.21 -34.19 -19.52
N TYR D 71 6.39 -34.73 -20.75
CA TYR D 71 5.29 -35.17 -21.61
C TYR D 71 4.40 -36.18 -20.87
N ILE D 72 5.01 -37.20 -20.24
CA ILE D 72 4.31 -38.25 -19.48
C ILE D 72 3.61 -37.67 -18.24
N SER D 73 4.31 -36.84 -17.45
CA SER D 73 3.78 -36.20 -16.24
C SER D 73 2.56 -35.35 -16.57
N LYS D 74 2.61 -34.62 -17.69
CA LYS D 74 1.50 -33.77 -18.16
C LYS D 74 0.29 -34.62 -18.54
N ILE D 75 0.53 -35.89 -18.91
CA ILE D 75 -0.54 -36.81 -19.24
C ILE D 75 -1.13 -37.39 -17.94
N ILE D 76 -0.25 -37.81 -17.00
CA ILE D 76 -0.64 -38.37 -15.70
C ILE D 76 -1.59 -37.42 -14.96
N SER D 77 -1.28 -36.11 -14.97
CA SER D 77 -2.07 -35.09 -14.28
C SER D 77 -3.16 -34.42 -15.14
N SER D 78 -3.45 -34.99 -16.33
CA SER D 78 -4.48 -34.49 -17.28
C SER D 78 -4.34 -32.97 -17.55
N ASP D 79 -3.08 -32.50 -17.70
CA ASP D 79 -2.76 -31.10 -17.95
C ASP D 79 -3.13 -30.72 -19.38
N ARG D 80 -3.72 -29.52 -19.54
CA ARG D 80 -4.15 -29.01 -20.85
C ARG D 80 -3.07 -28.18 -21.57
N ASP D 81 -1.85 -28.11 -21.02
CA ASP D 81 -0.77 -27.32 -21.63
C ASP D 81 -0.30 -27.87 -22.97
N LEU D 82 0.22 -26.98 -23.82
CA LEU D 82 0.72 -27.31 -25.15
C LEU D 82 2.22 -27.40 -25.14
N LEU D 83 2.74 -28.48 -25.72
CA LEU D 83 4.18 -28.72 -25.75
C LEU D 83 4.72 -28.75 -27.17
N ALA D 84 5.98 -28.30 -27.33
CA ALA D 84 6.67 -28.26 -28.61
C ALA D 84 8.11 -28.73 -28.45
N VAL D 85 8.68 -29.31 -29.52
CA VAL D 85 10.05 -29.82 -29.52
C VAL D 85 10.80 -29.30 -30.75
N VAL D 86 11.79 -28.45 -30.51
CA VAL D 86 12.61 -27.85 -31.57
C VAL D 86 14.08 -28.18 -31.32
N PHE D 87 14.82 -28.39 -32.41
CA PHE D 87 16.26 -28.65 -32.40
C PHE D 87 16.95 -27.65 -33.28
N TYR D 88 18.16 -27.24 -32.89
CA TYR D 88 18.95 -26.30 -33.69
C TYR D 88 20.38 -26.78 -33.80
N GLY D 89 21.05 -26.44 -34.89
CA GLY D 89 22.41 -26.88 -35.15
C GLY D 89 22.40 -28.16 -35.95
N THR D 90 21.21 -28.59 -36.39
CA THR D 90 21.01 -29.77 -37.22
C THR D 90 21.33 -29.42 -38.66
N GLU D 91 21.77 -30.40 -39.46
CA GLU D 91 22.07 -30.16 -40.88
C GLU D 91 20.75 -29.96 -41.64
N LYS D 92 19.70 -30.70 -41.24
CA LYS D 92 18.37 -30.63 -41.83
C LYS D 92 17.53 -29.56 -41.16
N ASP D 93 16.68 -28.89 -41.93
CA ASP D 93 15.79 -27.86 -41.42
C ASP D 93 14.33 -28.17 -41.74
N LYS D 94 13.45 -27.93 -40.77
CA LYS D 94 12.01 -28.15 -40.91
C LYS D 94 11.26 -27.08 -40.14
N ASN D 95 10.91 -25.98 -40.84
CA ASN D 95 10.20 -24.86 -40.24
C ASN D 95 9.55 -23.97 -41.28
N SER D 96 8.49 -23.26 -40.83
CA SER D 96 7.76 -22.26 -41.59
C SER D 96 8.82 -21.14 -41.57
N VAL D 97 9.21 -20.75 -42.73
CA VAL D 97 10.11 -19.70 -43.22
C VAL D 97 11.42 -20.29 -43.76
N ASN D 98 11.60 -21.62 -43.60
CA ASN D 98 12.75 -22.36 -44.11
C ASN D 98 14.10 -21.81 -43.62
N PHE D 99 14.15 -21.39 -42.33
CA PHE D 99 15.38 -20.92 -41.70
C PHE D 99 16.29 -22.12 -41.61
N LYS D 100 17.56 -21.95 -41.98
CA LYS D 100 18.53 -23.03 -41.99
C LYS D 100 18.91 -23.53 -40.60
N ASN D 101 19.15 -24.85 -40.50
CA ASN D 101 19.63 -25.56 -39.32
C ASN D 101 18.72 -25.50 -38.09
N ILE D 102 17.40 -25.44 -38.31
CA ILE D 102 16.39 -25.43 -37.25
C ILE D 102 15.36 -26.48 -37.62
N TYR D 103 15.15 -27.46 -36.73
CA TYR D 103 14.22 -28.56 -36.99
C TYR D 103 13.10 -28.60 -35.97
N VAL D 104 11.88 -28.28 -36.42
CA VAL D 104 10.70 -28.34 -35.56
C VAL D 104 10.18 -29.77 -35.62
N LEU D 105 10.60 -30.58 -34.64
CA LEU D 105 10.18 -31.97 -34.53
C LEU D 105 8.68 -32.02 -34.21
N GLN D 106 8.25 -31.28 -33.18
CA GLN D 106 6.86 -31.22 -32.76
C GLN D 106 6.39 -29.79 -32.55
N GLU D 107 5.35 -29.39 -33.30
CA GLU D 107 4.72 -28.07 -33.17
C GLU D 107 3.97 -28.01 -31.84
N LEU D 108 3.52 -26.82 -31.42
CA LEU D 108 2.78 -26.69 -30.17
C LEU D 108 1.44 -27.40 -30.24
N ASP D 109 1.25 -28.42 -29.39
CA ASP D 109 0.03 -29.23 -29.32
C ASP D 109 -0.01 -30.06 -28.03
N ASN D 110 -1.19 -30.62 -27.71
CA ASN D 110 -1.41 -31.48 -26.55
C ASN D 110 -0.53 -32.72 -26.67
N PRO D 111 0.12 -33.17 -25.57
CA PRO D 111 0.94 -34.38 -25.66
C PRO D 111 0.10 -35.63 -25.89
N GLY D 112 0.71 -36.66 -26.47
CA GLY D 112 0.05 -37.92 -26.78
C GLY D 112 1.02 -39.08 -26.85
N ALA D 113 0.50 -40.26 -27.20
CA ALA D 113 1.26 -41.51 -27.31
C ALA D 113 2.33 -41.46 -28.40
N LYS D 114 1.93 -41.07 -29.63
CA LYS D 114 2.83 -40.98 -30.80
C LYS D 114 3.97 -40.00 -30.58
N ARG D 115 3.68 -38.84 -29.99
CA ARG D 115 4.69 -37.81 -29.71
C ARG D 115 5.72 -38.31 -28.72
N ILE D 116 5.28 -39.06 -27.67
CA ILE D 116 6.17 -39.67 -26.68
C ILE D 116 7.03 -40.74 -27.36
N LEU D 117 6.39 -41.60 -28.18
CA LEU D 117 7.07 -42.66 -28.93
C LEU D 117 8.16 -42.06 -29.83
N GLU D 118 7.85 -40.92 -30.47
CA GLU D 118 8.78 -40.21 -31.37
C GLU D 118 10.03 -39.77 -30.62
N LEU D 119 9.86 -39.24 -29.39
CA LEU D 119 10.96 -38.78 -28.56
C LEU D 119 11.83 -39.95 -28.12
N ASP D 120 11.22 -41.13 -27.89
CA ASP D 120 11.89 -42.36 -27.48
C ASP D 120 12.88 -42.87 -28.54
N GLN D 121 12.71 -42.44 -29.80
CA GLN D 121 13.59 -42.82 -30.91
C GLN D 121 14.98 -42.18 -30.82
N PHE D 122 15.12 -41.14 -29.98
CA PHE D 122 16.39 -40.42 -29.81
C PHE D 122 17.02 -40.68 -28.44
N LYS D 123 16.43 -41.59 -27.67
CA LYS D 123 16.87 -42.02 -26.34
C LYS D 123 18.06 -42.97 -26.44
N GLY D 124 19.04 -42.78 -25.57
CA GLY D 124 20.24 -43.60 -25.48
C GLY D 124 21.23 -43.44 -26.62
N GLN D 125 22.20 -44.36 -26.68
CA GLN D 125 23.27 -44.41 -27.70
C GLN D 125 22.73 -44.74 -29.09
N GLN D 126 21.73 -45.65 -29.16
CA GLN D 126 21.08 -46.05 -30.41
C GLN D 126 20.31 -44.86 -30.97
N GLY D 127 19.64 -44.12 -30.06
CA GLY D 127 18.88 -42.92 -30.38
C GLY D 127 19.73 -41.80 -30.94
N GLN D 128 20.93 -41.60 -30.35
CA GLN D 128 21.92 -40.61 -30.79
C GLN D 128 22.23 -40.83 -32.27
N LYS D 129 22.40 -42.11 -32.67
CA LYS D 129 22.67 -42.50 -34.05
C LYS D 129 21.46 -42.23 -34.93
N ARG D 130 20.24 -42.54 -34.44
CA ARG D 130 18.98 -42.29 -35.16
C ARG D 130 18.79 -40.80 -35.43
N PHE D 131 19.06 -39.93 -34.43
CA PHE D 131 18.94 -38.48 -34.56
C PHE D 131 19.91 -37.92 -35.59
N GLN D 132 21.21 -38.21 -35.42
CA GLN D 132 22.28 -37.71 -36.29
C GLN D 132 22.14 -38.14 -37.74
N ASP D 133 21.63 -39.34 -37.99
CA ASP D 133 21.45 -39.82 -39.35
C ASP D 133 20.16 -39.29 -39.97
N MET D 134 19.17 -38.96 -39.12
CA MET D 134 17.86 -38.46 -39.53
C MET D 134 17.90 -36.96 -39.82
N MET D 135 18.64 -36.19 -38.99
CA MET D 135 18.71 -34.73 -39.09
C MET D 135 20.09 -34.12 -39.23
N GLY D 136 21.11 -34.86 -38.83
CA GLY D 136 22.47 -34.33 -38.86
C GLY D 136 22.72 -33.53 -37.60
N HIS D 137 23.97 -33.04 -37.45
CA HIS D 137 24.37 -32.27 -36.27
C HIS D 137 25.64 -31.46 -36.53
N GLY D 138 26.01 -30.64 -35.55
CA GLY D 138 27.20 -29.80 -35.57
C GLY D 138 27.23 -28.68 -36.59
N SER D 139 26.12 -28.47 -37.34
CA SER D 139 26.05 -27.41 -38.34
C SER D 139 25.91 -26.02 -37.69
N ASP D 140 26.30 -24.96 -38.42
CA ASP D 140 26.24 -23.58 -37.94
C ASP D 140 24.81 -23.07 -37.88
N TYR D 141 24.53 -22.18 -36.93
CA TYR D 141 23.21 -21.62 -36.65
C TYR D 141 23.32 -20.18 -36.15
N SER D 142 22.17 -19.52 -35.96
CA SER D 142 22.08 -18.16 -35.42
C SER D 142 20.89 -18.11 -34.48
N LEU D 143 21.17 -18.02 -33.16
CA LEU D 143 20.15 -18.01 -32.10
C LEU D 143 18.97 -17.08 -32.36
N SER D 144 19.20 -15.95 -33.05
CA SER D 144 18.17 -15.00 -33.43
C SER D 144 17.11 -15.69 -34.31
N GLU D 145 17.55 -16.44 -35.35
CA GLU D 145 16.68 -17.20 -36.25
C GLU D 145 15.96 -18.30 -35.48
N VAL D 146 16.67 -18.94 -34.53
CA VAL D 146 16.16 -20.01 -33.67
C VAL D 146 15.00 -19.51 -32.84
N LEU D 147 15.17 -18.33 -32.21
CA LEU D 147 14.15 -17.72 -31.37
C LEU D 147 12.95 -17.25 -32.17
N TRP D 148 13.18 -16.80 -33.43
CA TRP D 148 12.10 -16.36 -34.31
C TRP D 148 11.16 -17.54 -34.57
N VAL D 149 11.72 -18.72 -34.90
CA VAL D 149 10.99 -19.95 -35.17
C VAL D 149 10.13 -20.32 -33.98
N CYS D 150 10.71 -20.25 -32.77
CA CYS D 150 10.03 -20.56 -31.51
C CYS D 150 8.87 -19.59 -31.25
N ALA D 151 9.14 -18.27 -31.34
CA ALA D 151 8.13 -17.24 -31.15
C ALA D 151 6.96 -17.42 -32.11
N ASN D 152 7.25 -17.80 -33.37
CA ASN D 152 6.25 -18.04 -34.41
C ASN D 152 5.33 -19.21 -34.06
N LEU D 153 5.85 -20.24 -33.34
CA LEU D 153 5.06 -21.40 -32.93
C LEU D 153 3.95 -21.01 -31.98
N PHE D 154 4.19 -19.97 -31.16
CA PHE D 154 3.20 -19.42 -30.23
C PHE D 154 2.10 -18.70 -31.03
N SER D 155 2.50 -17.96 -32.08
CA SER D 155 1.59 -17.21 -32.95
C SER D 155 0.64 -18.10 -33.75
N ASP D 156 1.11 -19.28 -34.20
CA ASP D 156 0.32 -20.23 -35.00
C ASP D 156 -0.81 -20.91 -34.20
N VAL D 157 -0.74 -20.88 -32.86
CA VAL D 157 -1.76 -21.51 -32.00
C VAL D 157 -3.09 -20.75 -32.09
N GLN D 158 -4.14 -21.48 -32.52
CA GLN D 158 -5.51 -20.97 -32.69
C GLN D 158 -6.15 -20.55 -31.36
N PHE D 159 -5.98 -21.38 -30.30
CA PHE D 159 -6.49 -21.08 -28.96
C PHE D 159 -5.61 -20.03 -28.30
N LYS D 160 -6.18 -19.21 -27.39
CA LYS D 160 -5.47 -18.18 -26.65
C LYS D 160 -4.59 -18.84 -25.59
N MET D 161 -3.42 -18.24 -25.34
CA MET D 161 -2.45 -18.76 -24.38
C MET D 161 -2.17 -17.80 -23.24
N SER D 162 -2.12 -18.33 -22.02
CA SER D 162 -1.87 -17.55 -20.81
C SER D 162 -0.37 -17.28 -20.68
N HIS D 163 0.44 -18.35 -20.61
CA HIS D 163 1.89 -18.26 -20.50
C HIS D 163 2.57 -18.85 -21.71
N LYS D 164 3.62 -18.17 -22.18
CA LYS D 164 4.41 -18.58 -23.33
C LYS D 164 5.83 -18.72 -22.81
N ARG D 165 6.35 -19.96 -22.80
CA ARG D 165 7.66 -20.25 -22.24
C ARG D 165 8.56 -21.07 -23.16
N ILE D 166 9.83 -20.63 -23.32
CA ILE D 166 10.86 -21.32 -24.10
C ILE D 166 11.91 -21.82 -23.14
N MET D 167 12.17 -23.13 -23.19
CA MET D 167 13.13 -23.80 -22.34
C MET D 167 14.29 -24.28 -23.19
N LEU D 168 15.48 -23.68 -22.99
CA LEU D 168 16.66 -23.99 -23.78
C LEU D 168 17.62 -24.97 -23.09
N PHE D 169 17.93 -26.08 -23.78
CA PHE D 169 18.84 -27.11 -23.28
C PHE D 169 20.14 -27.05 -24.08
N THR D 170 21.25 -26.67 -23.42
CA THR D 170 22.57 -26.54 -24.04
C THR D 170 23.69 -26.60 -23.01
N ASN D 171 24.87 -27.03 -23.46
CA ASN D 171 26.06 -27.09 -22.63
C ASN D 171 27.10 -26.12 -23.21
N GLU D 172 26.63 -25.22 -24.09
CA GLU D 172 27.43 -24.20 -24.77
C GLU D 172 27.10 -22.85 -24.13
N ASP D 173 28.07 -22.23 -23.44
CA ASP D 173 27.86 -20.95 -22.74
C ASP D 173 28.23 -19.71 -23.56
N ASN D 174 28.77 -19.90 -24.79
CA ASN D 174 29.15 -18.79 -25.67
C ASN D 174 28.96 -19.16 -27.16
N PRO D 175 27.68 -19.27 -27.61
CA PRO D 175 27.40 -19.68 -29.00
C PRO D 175 27.97 -18.80 -30.10
N HIS D 176 27.90 -17.47 -29.91
CA HIS D 176 28.38 -16.54 -30.93
C HIS D 176 29.54 -15.67 -30.45
N GLY D 177 30.46 -16.29 -29.71
CA GLY D 177 31.67 -15.64 -29.21
C GLY D 177 32.69 -15.36 -30.29
N ASN D 178 32.38 -15.76 -31.53
CA ASN D 178 33.20 -15.59 -32.73
C ASN D 178 32.47 -14.75 -33.79
N ASP D 179 31.17 -14.47 -33.58
CA ASP D 179 30.36 -13.72 -34.52
C ASP D 179 29.49 -12.66 -33.81
N SER D 180 30.02 -11.44 -33.70
CA SER D 180 29.35 -10.29 -33.07
C SER D 180 27.99 -10.00 -33.71
N ALA D 181 27.91 -10.06 -35.07
CA ALA D 181 26.70 -9.84 -35.86
C ALA D 181 25.56 -10.77 -35.43
N LYS D 182 25.89 -12.04 -35.09
CA LYS D 182 24.91 -13.02 -34.64
C LYS D 182 24.56 -12.80 -33.17
N ALA D 183 25.60 -12.59 -32.31
CA ALA D 183 25.44 -12.36 -30.88
C ALA D 183 24.52 -11.15 -30.62
N SER D 184 24.74 -10.04 -31.35
CA SER D 184 23.94 -8.81 -31.24
C SER D 184 22.49 -9.02 -31.67
N ARG D 185 22.26 -9.73 -32.79
CA ARG D 185 20.91 -10.02 -33.28
C ARG D 185 20.15 -10.88 -32.29
N ALA D 186 20.85 -11.84 -31.64
CA ALA D 186 20.29 -12.75 -30.64
C ALA D 186 19.80 -11.97 -29.42
N ARG D 187 20.60 -11.00 -28.93
CA ARG D 187 20.26 -10.15 -27.78
C ARG D 187 19.01 -9.32 -28.06
N THR D 188 18.95 -8.69 -29.25
CA THR D 188 17.82 -7.87 -29.71
C THR D 188 16.55 -8.73 -29.76
N LYS D 189 16.63 -9.90 -30.42
CA LYS D 189 15.50 -10.83 -30.54
C LYS D 189 15.07 -11.33 -29.17
N ALA D 190 16.04 -11.70 -28.29
CA ALA D 190 15.76 -12.17 -26.94
C ALA D 190 15.05 -11.08 -26.15
N GLY D 191 15.51 -9.83 -26.32
CA GLY D 191 14.93 -8.66 -25.70
C GLY D 191 13.50 -8.45 -26.14
N ASP D 192 13.25 -8.60 -27.46
CA ASP D 192 11.93 -8.47 -28.07
C ASP D 192 10.93 -9.48 -27.52
N LEU D 193 11.38 -10.74 -27.32
CA LEU D 193 10.56 -11.82 -26.77
C LEU D 193 10.14 -11.53 -25.35
N ARG D 194 11.11 -11.14 -24.50
CA ARG D 194 10.90 -10.80 -23.09
C ARG D 194 9.90 -9.65 -22.97
N ASP D 195 10.00 -8.64 -23.85
CA ASP D 195 9.06 -7.52 -23.88
C ASP D 195 7.67 -7.96 -24.33
N THR D 196 7.59 -8.96 -25.24
CA THR D 196 6.32 -9.50 -25.75
C THR D 196 5.54 -10.25 -24.65
N GLY D 197 6.26 -10.88 -23.73
CA GLY D 197 5.68 -11.65 -22.65
C GLY D 197 6.02 -13.13 -22.75
N ILE D 198 7.04 -13.46 -23.55
CA ILE D 198 7.53 -14.82 -23.73
C ILE D 198 8.73 -14.97 -22.79
N PHE D 199 8.68 -15.99 -21.92
CA PHE D 199 9.76 -16.26 -20.97
C PHE D 199 10.78 -17.18 -21.59
N LEU D 200 12.08 -16.84 -21.45
CA LEU D 200 13.19 -17.65 -21.96
C LEU D 200 13.98 -18.20 -20.79
N ASP D 201 13.81 -19.50 -20.49
CA ASP D 201 14.53 -20.13 -19.39
C ASP D 201 15.67 -20.99 -19.91
N LEU D 202 16.83 -20.93 -19.23
CA LEU D 202 18.02 -21.70 -19.59
C LEU D 202 18.21 -22.91 -18.70
N MET D 203 18.31 -24.07 -19.35
CA MET D 203 18.55 -25.36 -18.72
C MET D 203 19.97 -25.77 -19.11
N HIS D 204 20.94 -25.00 -18.62
CA HIS D 204 22.36 -25.19 -18.87
C HIS D 204 22.89 -26.51 -18.33
N LEU D 205 23.57 -27.25 -19.21
CA LEU D 205 24.11 -28.58 -18.93
C LEU D 205 25.63 -28.52 -18.77
N LYS D 206 26.21 -29.55 -18.10
CA LYS D 206 27.64 -29.64 -17.79
C LYS D 206 28.58 -29.47 -19.01
N LYS D 207 29.64 -28.69 -18.82
CA LYS D 207 30.68 -28.36 -19.78
C LYS D 207 32.02 -28.40 -19.05
N PRO D 208 33.13 -28.90 -19.66
CA PRO D 208 34.42 -28.89 -18.94
C PRO D 208 34.87 -27.46 -18.65
N GLY D 209 35.17 -27.21 -17.38
CA GLY D 209 35.54 -25.89 -16.89
C GLY D 209 34.32 -25.12 -16.41
N GLY D 210 33.19 -25.80 -16.34
CA GLY D 210 31.91 -25.26 -15.91
C GLY D 210 31.17 -24.43 -16.95
N PHE D 211 29.88 -24.16 -16.69
CA PHE D 211 29.04 -23.35 -17.55
C PHE D 211 28.92 -21.93 -16.95
N ASP D 212 29.39 -20.92 -17.69
CA ASP D 212 29.35 -19.52 -17.23
C ASP D 212 28.24 -18.75 -17.94
N ILE D 213 27.16 -18.46 -17.18
CA ILE D 213 25.99 -17.73 -17.67
C ILE D 213 26.33 -16.27 -17.98
N SER D 214 27.20 -15.64 -17.18
CA SER D 214 27.59 -14.24 -17.34
C SER D 214 28.25 -13.90 -18.69
N LEU D 215 28.83 -14.89 -19.38
CA LEU D 215 29.50 -14.70 -20.67
C LEU D 215 28.55 -14.28 -21.79
N PHE D 216 27.34 -14.86 -21.85
CA PHE D 216 26.39 -14.54 -22.91
C PHE D 216 24.91 -14.58 -22.51
N TYR D 217 24.44 -15.73 -21.97
CA TYR D 217 23.04 -15.95 -21.63
C TYR D 217 22.46 -15.04 -20.56
N ARG D 218 23.32 -14.35 -19.79
CA ARG D 218 22.91 -13.41 -18.74
C ARG D 218 21.98 -12.34 -19.30
N ASP D 219 22.21 -11.96 -20.58
CA ASP D 219 21.45 -10.95 -21.30
C ASP D 219 20.28 -11.51 -22.13
N ILE D 220 20.16 -12.85 -22.22
CA ILE D 220 19.11 -13.53 -22.99
C ILE D 220 17.98 -14.03 -22.09
N ILE D 221 18.33 -14.76 -21.02
CA ILE D 221 17.40 -15.38 -20.08
C ILE D 221 16.52 -14.36 -19.37
N SER D 222 15.27 -14.77 -19.11
CA SER D 222 14.28 -13.96 -18.40
C SER D 222 14.62 -13.98 -16.91
N ILE D 223 14.85 -12.79 -16.33
CA ILE D 223 15.21 -12.60 -14.92
C ILE D 223 14.13 -11.79 -14.21
N ALA D 224 13.60 -12.34 -13.10
CA ALA D 224 12.59 -11.67 -12.27
C ALA D 224 13.25 -10.57 -11.45
N GLU D 225 12.53 -9.46 -11.26
CA GLU D 225 12.96 -8.24 -10.58
C GLU D 225 13.50 -8.39 -9.13
N ASP D 226 13.06 -9.41 -8.37
CA ASP D 226 13.52 -9.59 -6.98
C ASP D 226 14.51 -10.77 -6.80
N GLU D 227 14.97 -11.39 -7.90
CA GLU D 227 15.90 -12.53 -7.89
C GLU D 227 17.36 -12.09 -7.76
N ASP D 228 17.84 -11.22 -8.67
CA ASP D 228 19.20 -10.68 -8.77
C ASP D 228 20.28 -11.78 -8.91
N LEU D 229 20.00 -12.77 -9.80
CA LEU D 229 20.82 -13.92 -10.22
C LEU D 229 21.15 -14.97 -9.12
N ARG D 230 20.71 -14.74 -7.87
CA ARG D 230 20.93 -15.67 -6.75
C ARG D 230 20.03 -16.92 -6.91
N VAL D 231 18.79 -16.70 -7.39
CA VAL D 231 17.76 -17.74 -7.59
C VAL D 231 18.11 -18.69 -8.76
N HIS D 232 19.09 -18.33 -9.62
CA HIS D 232 19.43 -19.23 -10.72
C HIS D 232 20.15 -20.48 -10.27
N PHE D 233 19.64 -21.61 -10.77
CA PHE D 233 20.12 -22.95 -10.52
C PHE D 233 21.50 -23.17 -11.06
N GLU D 234 22.19 -24.17 -10.52
CA GLU D 234 23.52 -24.57 -10.94
C GLU D 234 23.38 -25.39 -12.24
N GLU D 235 24.50 -25.68 -12.91
CA GLU D 235 24.48 -26.49 -14.13
C GLU D 235 24.01 -27.93 -13.80
N SER D 236 23.29 -28.58 -14.72
CA SER D 236 22.80 -29.94 -14.49
C SER D 236 23.81 -30.96 -15.01
N SER D 237 24.09 -31.98 -14.19
CA SER D 237 25.02 -33.07 -14.54
C SER D 237 24.35 -34.43 -14.40
N LYS D 238 23.16 -34.45 -13.77
CA LYS D 238 22.33 -35.65 -13.57
C LYS D 238 20.94 -35.37 -14.12
N LEU D 239 20.30 -36.39 -14.70
CA LEU D 239 18.95 -36.29 -15.25
C LEU D 239 17.96 -35.84 -14.17
N GLU D 240 18.10 -36.41 -12.97
CA GLU D 240 17.28 -36.15 -11.78
C GLU D 240 17.20 -34.65 -11.47
N ASP D 241 18.36 -33.96 -11.49
CA ASP D 241 18.47 -32.53 -11.24
C ASP D 241 17.85 -31.71 -12.37
N LEU D 242 18.18 -32.05 -13.63
CA LEU D 242 17.62 -31.37 -14.81
C LEU D 242 16.10 -31.46 -14.80
N LEU D 243 15.56 -32.63 -14.41
CA LEU D 243 14.13 -32.90 -14.35
C LEU D 243 13.40 -31.98 -13.35
N ARG D 244 13.91 -31.89 -12.11
CA ARG D 244 13.34 -31.05 -11.05
C ARG D 244 13.38 -29.59 -11.44
N LYS D 245 14.54 -29.13 -11.96
CA LYS D 245 14.74 -27.75 -12.41
C LYS D 245 13.73 -27.39 -13.49
N VAL D 246 13.47 -28.31 -14.42
CA VAL D 246 12.50 -28.12 -15.51
C VAL D 246 11.08 -28.10 -14.92
N ARG D 247 10.74 -29.12 -14.10
CA ARG D 247 9.43 -29.25 -13.46
C ARG D 247 9.10 -28.03 -12.59
N ALA D 248 10.13 -27.40 -11.98
CA ALA D 248 10.00 -26.24 -11.11
C ALA D 248 9.52 -25.00 -11.85
N LYS D 249 9.95 -24.82 -13.10
CA LYS D 249 9.58 -23.69 -13.94
C LYS D 249 8.36 -23.97 -14.85
N GLU D 250 8.16 -25.24 -15.22
CA GLU D 250 7.07 -25.73 -16.09
C GLU D 250 5.67 -25.44 -15.54
N THR D 251 5.48 -25.61 -14.23
CA THR D 251 4.17 -25.41 -13.62
C THR D 251 4.10 -24.14 -12.79
N ARG D 252 3.02 -23.37 -13.01
CA ARG D 252 2.76 -22.13 -12.28
C ARG D 252 1.96 -22.44 -11.03
N LYS D 253 2.15 -21.61 -9.97
CA LYS D 253 1.45 -21.71 -8.70
C LYS D 253 -0.06 -21.65 -8.95
N ARG D 254 -0.82 -22.52 -8.29
CA ARG D 254 -2.26 -22.54 -8.42
C ARG D 254 -2.88 -22.61 -7.03
N ALA D 255 -3.35 -21.45 -6.53
CA ALA D 255 -3.95 -21.34 -5.20
C ALA D 255 -5.26 -22.09 -5.11
N LEU D 256 -5.45 -22.77 -3.99
CA LEU D 256 -6.64 -23.52 -3.66
C LEU D 256 -7.74 -22.55 -3.21
N SER D 257 -7.33 -21.43 -2.58
CA SER D 257 -8.18 -20.34 -2.10
C SER D 257 -7.35 -19.16 -1.64
N ARG D 258 -7.89 -17.96 -1.83
CA ARG D 258 -7.28 -16.72 -1.37
C ARG D 258 -8.14 -16.28 -0.19
N LEU D 259 -7.55 -16.30 1.01
CA LEU D 259 -8.28 -15.99 2.23
C LEU D 259 -7.67 -14.88 3.02
N LYS D 260 -8.45 -14.39 3.98
CA LYS D 260 -8.03 -13.35 4.90
C LYS D 260 -7.53 -14.03 6.17
N LEU D 261 -6.37 -13.60 6.71
CA LEU D 261 -5.83 -14.10 7.97
C LEU D 261 -6.04 -12.96 8.96
N LYS D 262 -7.07 -13.09 9.80
CA LYS D 262 -7.49 -12.09 10.76
C LYS D 262 -6.82 -12.24 12.12
N LEU D 263 -5.97 -11.26 12.47
CA LEU D 263 -5.29 -11.20 13.77
C LEU D 263 -6.33 -10.75 14.79
N ASN D 264 -7.28 -9.94 14.30
CA ASN D 264 -8.48 -9.45 14.95
C ASN D 264 -9.42 -8.94 13.85
N LYS D 265 -10.58 -8.38 14.22
CA LYS D 265 -11.58 -7.85 13.28
C LYS D 265 -11.01 -6.80 12.31
N ASP D 266 -10.09 -5.93 12.81
CA ASP D 266 -9.49 -4.81 12.08
C ASP D 266 -8.20 -5.12 11.31
N ILE D 267 -7.33 -5.98 11.88
CA ILE D 267 -6.03 -6.37 11.32
C ILE D 267 -6.20 -7.62 10.49
N VAL D 268 -6.33 -7.43 9.18
CA VAL D 268 -6.56 -8.52 8.24
C VAL D 268 -5.49 -8.48 7.14
N ILE D 269 -4.79 -9.61 6.96
CA ILE D 269 -3.79 -9.77 5.91
C ILE D 269 -4.33 -10.77 4.89
N SER D 270 -3.90 -10.67 3.64
CA SER D 270 -4.38 -11.59 2.63
C SER D 270 -3.36 -12.68 2.42
N VAL D 271 -3.83 -13.92 2.30
CA VAL D 271 -2.99 -15.10 2.12
C VAL D 271 -3.52 -16.00 1.02
N GLY D 272 -2.62 -16.75 0.42
CA GLY D 272 -2.92 -17.77 -0.56
C GLY D 272 -2.73 -19.11 0.09
N ILE D 273 -3.65 -20.04 -0.15
CA ILE D 273 -3.59 -21.40 0.40
C ILE D 273 -3.23 -22.31 -0.77
N TYR D 274 -2.16 -23.10 -0.61
CA TYR D 274 -1.69 -23.98 -1.67
C TYR D 274 -1.54 -25.41 -1.18
N ASN D 275 -1.75 -26.37 -2.09
CA ASN D 275 -1.63 -27.78 -1.76
C ASN D 275 -0.26 -28.28 -2.21
N LEU D 276 0.64 -28.52 -1.26
CA LEU D 276 2.00 -29.00 -1.50
C LEU D 276 1.98 -30.43 -2.07
N VAL D 277 1.08 -31.28 -1.53
CA VAL D 277 0.91 -32.67 -1.94
C VAL D 277 -0.54 -32.92 -2.29
N GLN D 278 -0.81 -33.40 -3.52
CA GLN D 278 -2.16 -33.68 -3.98
C GLN D 278 -2.20 -35.08 -4.55
N LYS D 279 -3.00 -35.96 -3.93
CA LYS D 279 -3.10 -37.36 -4.33
C LYS D 279 -3.50 -37.53 -5.79
N ALA D 280 -2.56 -37.99 -6.62
CA ALA D 280 -2.79 -38.25 -8.03
C ALA D 280 -3.56 -39.56 -8.10
N LEU D 281 -4.82 -39.46 -8.54
CA LEU D 281 -5.73 -40.60 -8.64
C LEU D 281 -5.86 -41.06 -10.09
N LYS D 282 -6.32 -42.31 -10.26
CA LYS D 282 -6.60 -42.93 -11.55
C LYS D 282 -7.68 -42.05 -12.21
N PRO D 283 -7.40 -41.40 -13.35
CA PRO D 283 -8.43 -40.55 -13.99
C PRO D 283 -9.75 -41.30 -14.21
N PRO D 284 -10.89 -40.65 -13.92
CA PRO D 284 -12.18 -41.34 -14.09
C PRO D 284 -12.48 -41.62 -15.56
N PRO D 285 -13.23 -42.70 -15.85
CA PRO D 285 -13.56 -43.02 -17.25
C PRO D 285 -14.44 -41.96 -17.91
N ILE D 286 -14.43 -41.94 -19.24
CA ILE D 286 -15.22 -40.99 -20.03
C ILE D 286 -16.13 -41.74 -20.98
N LYS D 287 -17.40 -41.34 -21.01
CA LYS D 287 -18.42 -41.97 -21.83
C LYS D 287 -18.30 -41.60 -23.31
N LEU D 288 -18.28 -42.63 -24.18
CA LEU D 288 -18.14 -42.48 -25.63
C LEU D 288 -19.21 -43.27 -26.38
N TYR D 289 -19.54 -42.84 -27.61
CA TYR D 289 -20.48 -43.55 -28.48
C TYR D 289 -19.64 -44.57 -29.25
N ARG D 290 -20.11 -45.82 -29.37
CA ARG D 290 -19.38 -46.88 -30.09
C ARG D 290 -19.13 -46.56 -31.58
N GLU D 291 -20.19 -46.10 -32.29
CA GLU D 291 -20.12 -45.78 -33.72
C GLU D 291 -19.28 -44.53 -34.05
N THR D 292 -19.31 -43.49 -33.20
CA THR D 292 -18.60 -42.22 -33.45
C THR D 292 -17.24 -42.14 -32.74
N ASN D 293 -17.04 -42.92 -31.64
CA ASN D 293 -15.83 -42.95 -30.79
C ASN D 293 -15.47 -41.55 -30.29
N GLU D 294 -16.51 -40.76 -29.98
CA GLU D 294 -16.41 -39.37 -29.55
C GLU D 294 -16.95 -39.19 -28.13
N PRO D 295 -16.32 -38.35 -27.29
CA PRO D 295 -16.84 -38.12 -25.92
C PRO D 295 -18.25 -37.53 -25.89
N VAL D 296 -19.03 -37.91 -24.87
CA VAL D 296 -20.42 -37.50 -24.69
C VAL D 296 -20.61 -36.65 -23.43
N LYS D 297 -21.39 -35.56 -23.55
CA LYS D 297 -21.78 -34.64 -22.46
C LYS D 297 -22.84 -35.34 -21.60
N THR D 298 -22.85 -35.06 -20.28
CA THR D 298 -23.82 -35.68 -19.37
C THR D 298 -24.59 -34.63 -18.56
N LYS D 299 -25.94 -34.66 -18.71
CA LYS D 299 -26.85 -33.76 -18.01
C LYS D 299 -27.68 -34.54 -16.98
N THR D 300 -27.58 -34.15 -15.70
CA THR D 300 -28.32 -34.77 -14.61
C THR D 300 -29.45 -33.85 -14.17
N ARG D 301 -30.69 -34.27 -14.45
CA ARG D 301 -31.90 -33.51 -14.11
C ARG D 301 -32.72 -34.22 -13.03
N THR D 302 -33.56 -33.45 -12.33
CA THR D 302 -34.47 -33.93 -11.28
C THR D 302 -35.90 -33.61 -11.73
N PHE D 303 -36.76 -34.62 -11.78
CA PHE D 303 -38.14 -34.45 -12.22
C PHE D 303 -39.12 -35.19 -11.33
N ASN D 304 -40.34 -34.66 -11.20
CA ASN D 304 -41.38 -35.31 -10.41
C ASN D 304 -41.74 -36.61 -11.13
N THR D 305 -41.83 -37.73 -10.40
CA THR D 305 -42.15 -39.05 -10.95
C THR D 305 -43.54 -39.08 -11.59
N SER D 306 -44.54 -38.50 -10.91
CA SER D 306 -45.94 -38.46 -11.36
C SER D 306 -46.16 -37.53 -12.56
N THR D 307 -45.83 -36.23 -12.40
CA THR D 307 -46.04 -35.22 -13.44
C THR D 307 -45.05 -35.35 -14.60
N GLY D 308 -43.80 -35.72 -14.29
CA GLY D 308 -42.72 -35.84 -15.26
C GLY D 308 -41.99 -34.54 -15.51
N GLY D 309 -42.48 -33.47 -14.90
CA GLY D 309 -41.93 -32.13 -15.04
C GLY D 309 -40.67 -31.88 -14.25
N LEU D 310 -39.79 -31.03 -14.82
CA LEU D 310 -38.51 -30.62 -14.23
C LEU D 310 -38.75 -29.94 -12.87
N LEU D 311 -37.92 -30.28 -11.88
CA LEU D 311 -38.02 -29.75 -10.52
C LEU D 311 -37.05 -28.62 -10.23
N LEU D 312 -37.62 -27.45 -9.88
CA LEU D 312 -36.84 -26.27 -9.50
C LEU D 312 -36.28 -26.49 -8.10
N PRO D 313 -35.13 -25.88 -7.73
CA PRO D 313 -34.61 -26.08 -6.36
C PRO D 313 -35.58 -25.60 -5.28
N SER D 314 -36.50 -24.69 -5.65
CA SER D 314 -37.54 -24.11 -4.79
C SER D 314 -38.80 -25.00 -4.72
N ASP D 315 -38.77 -26.17 -5.39
CA ASP D 315 -39.87 -27.13 -5.42
C ASP D 315 -39.57 -28.38 -4.57
N THR D 316 -38.41 -28.38 -3.89
CA THR D 316 -37.97 -29.50 -3.05
C THR D 316 -37.47 -29.02 -1.68
N LYS D 317 -37.62 -29.88 -0.66
CA LYS D 317 -37.19 -29.60 0.72
C LYS D 317 -36.27 -30.69 1.24
N ARG D 318 -35.64 -30.44 2.40
CA ARG D 318 -34.70 -31.38 3.02
C ARG D 318 -35.27 -32.02 4.27
N SER D 319 -35.19 -33.36 4.36
CA SER D 319 -35.74 -34.14 5.47
C SER D 319 -34.70 -35.02 6.15
N GLN D 320 -34.94 -35.29 7.44
CA GLN D 320 -34.14 -36.18 8.31
C GLN D 320 -35.09 -36.76 9.36
N ILE D 321 -34.98 -38.06 9.61
CA ILE D 321 -35.88 -38.75 10.54
C ILE D 321 -35.16 -39.17 11.82
N TYR D 322 -35.61 -38.61 12.94
CA TYR D 322 -35.08 -38.91 14.27
C TYR D 322 -36.24 -39.10 15.22
N GLY D 323 -36.09 -39.99 16.19
CA GLY D 323 -37.10 -40.28 17.20
C GLY D 323 -38.52 -40.32 16.69
N SER D 324 -38.79 -41.22 15.71
CA SER D 324 -40.07 -41.45 15.03
C SER D 324 -40.77 -40.15 14.54
N ARG D 325 -39.95 -39.19 14.07
CA ARG D 325 -40.41 -37.91 13.57
C ARG D 325 -39.68 -37.46 12.34
N GLN D 326 -40.40 -36.81 11.41
CA GLN D 326 -39.80 -36.26 10.21
C GLN D 326 -39.52 -34.78 10.47
N ILE D 327 -38.23 -34.40 10.36
CA ILE D 327 -37.77 -33.04 10.60
C ILE D 327 -37.49 -32.43 9.24
N ILE D 328 -38.24 -31.38 8.87
CA ILE D 328 -38.11 -30.73 7.56
C ILE D 328 -37.43 -29.36 7.67
N LEU D 329 -36.41 -29.15 6.83
CA LEU D 329 -35.71 -27.87 6.70
C LEU D 329 -35.69 -27.48 5.23
N GLU D 330 -35.53 -26.17 4.97
CA GLU D 330 -35.40 -25.65 3.60
C GLU D 330 -33.94 -25.84 3.19
N LYS D 331 -33.64 -25.83 1.87
CA LYS D 331 -32.25 -25.97 1.42
C LYS D 331 -31.38 -24.88 2.06
N GLU D 332 -31.90 -23.64 2.06
CA GLU D 332 -31.29 -22.45 2.64
C GLU D 332 -30.92 -22.65 4.12
N GLU D 333 -31.77 -23.38 4.85
CA GLU D 333 -31.57 -23.65 6.27
C GLU D 333 -30.51 -24.69 6.55
N THR D 334 -30.36 -25.69 5.65
CA THR D 334 -29.36 -26.74 5.80
C THR D 334 -27.96 -26.16 5.59
N GLU D 335 -27.89 -25.00 4.93
CA GLU D 335 -26.65 -24.28 4.69
C GLU D 335 -26.41 -23.37 5.90
N GLU D 336 -27.45 -22.66 6.36
CA GLU D 336 -27.40 -21.74 7.51
C GLU D 336 -26.94 -22.43 8.79
N LEU D 337 -27.40 -23.66 9.01
CA LEU D 337 -27.05 -24.45 10.19
C LEU D 337 -25.57 -24.91 10.15
N LYS D 338 -24.90 -24.68 9.01
CA LYS D 338 -23.49 -25.03 8.82
C LYS D 338 -22.59 -23.78 9.01
N ARG D 339 -23.19 -22.58 9.00
CA ARG D 339 -22.46 -21.31 9.14
C ARG D 339 -22.05 -20.99 10.58
N PHE D 340 -20.77 -20.69 10.76
CA PHE D 340 -20.17 -20.27 12.03
C PHE D 340 -19.38 -18.99 11.76
N ASP D 341 -18.13 -19.12 11.28
CA ASP D 341 -17.27 -17.98 10.93
C ASP D 341 -17.41 -17.62 9.46
N ASP D 342 -17.00 -16.38 9.11
CA ASP D 342 -16.93 -15.96 7.74
C ASP D 342 -15.65 -16.61 7.17
N PRO D 343 -15.53 -16.88 5.85
CA PRO D 343 -14.33 -17.56 5.35
C PRO D 343 -13.02 -16.87 5.71
N GLY D 344 -12.03 -17.69 6.06
CA GLY D 344 -10.71 -17.21 6.43
C GLY D 344 -10.04 -17.96 7.56
N LEU D 345 -9.02 -17.34 8.14
CA LEU D 345 -8.25 -17.87 9.25
C LEU D 345 -8.30 -16.88 10.39
N MET D 346 -8.88 -17.29 11.51
CA MET D 346 -8.99 -16.42 12.68
C MET D 346 -7.96 -16.83 13.70
N LEU D 347 -7.06 -15.90 14.03
CA LEU D 347 -5.99 -16.15 15.00
C LEU D 347 -6.56 -16.33 16.41
N MET D 348 -6.26 -17.49 16.99
CA MET D 348 -6.67 -17.88 18.33
C MET D 348 -5.56 -17.54 19.31
N GLY D 349 -4.33 -17.74 18.89
CA GLY D 349 -3.16 -17.46 19.69
C GLY D 349 -1.96 -18.22 19.20
N PHE D 350 -0.94 -18.33 20.06
CA PHE D 350 0.29 -18.99 19.73
C PHE D 350 0.59 -20.11 20.69
N LYS D 351 0.75 -21.32 20.14
CA LYS D 351 1.00 -22.54 20.88
C LYS D 351 2.39 -23.10 20.56
N PRO D 352 3.22 -23.40 21.58
CA PRO D 352 4.55 -23.98 21.32
C PRO D 352 4.46 -25.31 20.56
N LEU D 353 5.32 -25.45 19.53
CA LEU D 353 5.38 -26.60 18.62
C LEU D 353 5.41 -27.97 19.30
N VAL D 354 6.04 -28.06 20.50
CA VAL D 354 6.16 -29.29 21.29
C VAL D 354 4.80 -29.85 21.71
N LEU D 355 3.77 -28.98 21.75
CA LEU D 355 2.40 -29.35 22.12
C LEU D 355 1.61 -29.92 20.95
N LEU D 356 2.17 -29.89 19.73
CA LEU D 356 1.51 -30.43 18.55
C LEU D 356 2.04 -31.81 18.29
N LYS D 357 1.16 -32.81 18.41
CA LYS D 357 1.53 -34.22 18.27
C LYS D 357 1.62 -34.67 16.82
N LYS D 358 2.69 -35.42 16.52
CA LYS D 358 2.99 -35.98 15.20
C LYS D 358 1.92 -36.98 14.79
N HIS D 359 1.39 -37.75 15.76
CA HIS D 359 0.36 -38.77 15.55
C HIS D 359 -1.07 -38.22 15.52
N HIS D 360 -1.22 -36.88 15.47
CA HIS D 360 -2.54 -36.25 15.39
C HIS D 360 -2.79 -35.77 13.97
N TYR D 361 -2.34 -36.58 13.01
CA TYR D 361 -2.54 -36.31 11.61
C TYR D 361 -4.00 -36.61 11.29
N LEU D 362 -4.67 -35.74 10.55
CA LEU D 362 -6.07 -35.96 10.21
C LEU D 362 -6.24 -36.05 8.68
N ARG D 363 -5.70 -35.06 7.98
CA ARG D 363 -5.75 -34.92 6.53
C ARG D 363 -4.53 -34.13 6.05
N PRO D 364 -4.12 -34.24 4.75
CA PRO D 364 -2.89 -33.54 4.30
C PRO D 364 -2.87 -32.05 4.57
N SER D 365 -1.72 -31.58 5.07
CA SER D 365 -1.46 -30.18 5.41
C SER D 365 -1.35 -29.32 4.16
N LEU D 366 -1.66 -28.03 4.32
CA LEU D 366 -1.61 -27.06 3.24
C LEU D 366 -0.45 -26.08 3.45
N PHE D 367 -0.26 -25.14 2.51
CA PHE D 367 0.79 -24.14 2.58
C PHE D 367 0.21 -22.74 2.50
N VAL D 368 0.64 -21.86 3.41
CA VAL D 368 0.14 -20.49 3.49
C VAL D 368 1.24 -19.50 3.06
N TYR D 369 0.92 -18.64 2.09
CA TYR D 369 1.84 -17.65 1.55
C TYR D 369 1.12 -16.31 1.38
N PRO D 370 1.76 -15.14 1.63
CA PRO D 370 1.05 -13.86 1.50
C PRO D 370 0.63 -13.50 0.08
N GLU D 371 -0.54 -12.85 -0.05
CA GLU D 371 -1.09 -12.40 -1.32
C GLU D 371 -1.10 -10.86 -1.32
N GLU D 372 0.01 -10.27 -1.80
CA GLU D 372 0.20 -8.81 -1.84
C GLU D 372 -0.78 -8.09 -2.75
N SER D 373 -1.28 -8.77 -3.81
CA SER D 373 -2.23 -8.23 -4.78
C SER D 373 -3.59 -7.84 -4.19
N LEU D 374 -4.00 -8.42 -3.05
CA LEU D 374 -5.29 -8.12 -2.44
C LEU D 374 -5.17 -7.08 -1.31
N VAL D 375 -4.34 -7.35 -0.30
CA VAL D 375 -4.11 -6.42 0.82
C VAL D 375 -2.66 -5.98 0.81
N ILE D 376 -2.41 -4.70 0.52
CA ILE D 376 -1.06 -4.14 0.51
C ILE D 376 -0.55 -4.05 1.95
N GLY D 377 0.63 -4.62 2.19
CA GLY D 377 1.26 -4.65 3.50
C GLY D 377 1.24 -6.03 4.13
N SER D 378 0.54 -6.99 3.48
CA SER D 378 0.40 -8.38 3.92
C SER D 378 1.74 -9.09 4.08
N SER D 379 2.64 -8.99 3.07
CA SER D 379 3.93 -9.66 3.07
C SER D 379 4.85 -9.24 4.21
N THR D 380 4.90 -7.93 4.53
CA THR D 380 5.70 -7.39 5.63
C THR D 380 5.27 -8.01 6.96
N LEU D 381 3.96 -7.95 7.30
CA LEU D 381 3.37 -8.51 8.51
C LEU D 381 3.58 -10.01 8.55
N PHE D 382 3.36 -10.68 7.40
CA PHE D 382 3.55 -12.12 7.25
C PHE D 382 4.99 -12.49 7.60
N SER D 383 5.98 -11.82 6.98
CA SER D 383 7.41 -12.03 7.20
C SER D 383 7.77 -11.87 8.66
N ALA D 384 7.21 -10.83 9.33
CA ALA D 384 7.43 -10.55 10.74
C ALA D 384 6.93 -11.70 11.61
N LEU D 385 5.70 -12.18 11.33
CA LEU D 385 5.07 -13.29 12.05
C LEU D 385 5.89 -14.55 11.89
N LEU D 386 6.34 -14.81 10.65
CA LEU D 386 7.16 -15.96 10.31
C LEU D 386 8.51 -15.92 11.03
N ILE D 387 9.20 -14.76 11.01
CA ILE D 387 10.50 -14.59 11.67
C ILE D 387 10.39 -14.88 13.17
N LYS D 388 9.38 -14.29 13.83
CA LYS D 388 9.19 -14.42 15.27
C LYS D 388 8.65 -15.78 15.69
N CYS D 389 7.79 -16.43 14.87
CA CYS D 389 7.29 -17.77 15.19
C CYS D 389 8.43 -18.78 15.17
N LEU D 390 9.37 -18.57 14.23
CA LEU D 390 10.56 -19.42 14.10
C LEU D 390 11.48 -19.27 15.30
N GLU D 391 11.79 -18.01 15.70
CA GLU D 391 12.64 -17.68 16.84
C GLU D 391 12.11 -18.26 18.16
N LYS D 392 10.78 -18.24 18.32
CA LYS D 392 10.14 -18.68 19.54
C LYS D 392 9.70 -20.14 19.54
N GLU D 393 9.86 -20.84 18.38
CA GLU D 393 9.49 -22.24 18.18
C GLU D 393 8.01 -22.46 18.58
N VAL D 394 7.17 -21.56 18.06
CA VAL D 394 5.74 -21.50 18.34
C VAL D 394 4.93 -21.54 17.05
N ALA D 395 3.69 -22.04 17.12
CA ALA D 395 2.74 -22.11 16.00
C ALA D 395 1.54 -21.19 16.24
N ALA D 396 1.03 -20.60 15.16
CA ALA D 396 -0.13 -19.72 15.22
C ALA D 396 -1.40 -20.57 15.09
N LEU D 397 -2.09 -20.78 16.22
CA LEU D 397 -3.33 -21.55 16.22
C LEU D 397 -4.46 -20.71 15.65
N CYS D 398 -5.20 -21.27 14.69
CA CYS D 398 -6.29 -20.59 14.00
C CYS D 398 -7.55 -21.41 13.90
N ARG D 399 -8.67 -20.73 13.74
CA ARG D 399 -9.96 -21.33 13.47
C ARG D 399 -10.15 -21.11 11.95
N TYR D 400 -10.14 -22.21 11.18
CA TYR D 400 -10.15 -22.20 9.73
C TYR D 400 -11.50 -22.51 9.08
N THR D 401 -11.91 -21.62 8.17
CA THR D 401 -13.16 -21.69 7.40
C THR D 401 -12.78 -21.52 5.90
N PRO D 402 -12.62 -22.65 5.17
CA PRO D 402 -12.19 -22.57 3.75
C PRO D 402 -13.12 -21.83 2.79
N ARG D 403 -14.42 -21.92 3.02
CA ARG D 403 -15.42 -21.30 2.16
C ARG D 403 -16.66 -20.94 2.96
N ARG D 404 -17.63 -20.26 2.34
CA ARG D 404 -18.87 -19.88 3.00
C ARG D 404 -19.66 -21.12 3.37
N ASN D 405 -20.42 -21.03 4.48
CA ASN D 405 -21.31 -22.08 5.00
C ASN D 405 -20.59 -23.43 5.24
N ILE D 406 -19.51 -23.38 6.05
CA ILE D 406 -18.75 -24.55 6.47
C ILE D 406 -18.32 -24.39 7.94
N PRO D 407 -18.53 -25.42 8.78
CA PRO D 407 -18.13 -25.31 10.19
C PRO D 407 -16.62 -25.20 10.33
N PRO D 408 -16.12 -24.60 11.43
CA PRO D 408 -14.67 -24.41 11.54
C PRO D 408 -13.91 -25.63 12.00
N TYR D 409 -12.59 -25.58 11.76
CA TYR D 409 -11.62 -26.59 12.17
C TYR D 409 -10.43 -25.88 12.72
N PHE D 410 -9.84 -26.42 13.79
CA PHE D 410 -8.65 -25.80 14.35
C PHE D 410 -7.44 -26.25 13.58
N VAL D 411 -6.59 -25.29 13.22
CA VAL D 411 -5.39 -25.56 12.44
C VAL D 411 -4.21 -24.88 13.09
N ALA D 412 -3.03 -25.47 12.97
CA ALA D 412 -1.81 -24.89 13.52
C ALA D 412 -0.95 -24.44 12.36
N LEU D 413 -0.67 -23.13 12.27
CA LEU D 413 0.18 -22.60 11.22
C LEU D 413 1.61 -22.77 11.70
N VAL D 414 2.29 -23.80 11.17
CA VAL D 414 3.64 -24.14 11.56
C VAL D 414 4.65 -23.35 10.75
N PRO D 415 5.49 -22.52 11.43
CA PRO D 415 6.52 -21.75 10.70
C PRO D 415 7.45 -22.64 9.90
N GLN D 416 7.67 -22.27 8.65
CA GLN D 416 8.48 -23.02 7.72
C GLN D 416 9.53 -22.11 7.09
N GLU D 417 10.81 -22.39 7.38
CA GLU D 417 11.94 -21.64 6.85
C GLU D 417 12.34 -22.20 5.49
N GLU D 418 12.71 -21.30 4.57
CA GLU D 418 13.16 -21.65 3.22
C GLU D 418 14.41 -22.51 3.25
N GLU D 419 14.49 -23.48 2.32
CA GLU D 419 15.64 -24.37 2.17
C GLU D 419 15.93 -24.64 0.70
N LEU D 420 17.20 -24.42 0.30
CA LEU D 420 17.68 -24.67 -1.05
C LEU D 420 18.72 -25.78 -1.02
N ASP D 421 18.69 -26.71 -1.98
CA ASP D 421 19.66 -27.81 -2.01
C ASP D 421 20.96 -27.40 -2.71
N ASP D 422 21.86 -28.38 -2.92
CA ASP D 422 23.16 -28.22 -3.60
C ASP D 422 23.04 -27.63 -5.01
N GLN D 423 21.91 -27.89 -5.69
CA GLN D 423 21.64 -27.42 -7.06
C GLN D 423 20.95 -26.06 -7.08
N LYS D 424 20.63 -25.50 -5.89
CA LYS D 424 19.95 -24.21 -5.69
C LYS D 424 18.43 -24.31 -5.96
N ILE D 425 17.87 -25.54 -5.86
CA ILE D 425 16.43 -25.80 -6.04
C ILE D 425 15.75 -25.58 -4.67
N GLN D 426 14.57 -24.95 -4.69
CA GLN D 426 13.82 -24.70 -3.46
C GLN D 426 13.17 -26.00 -2.97
N VAL D 427 13.83 -26.65 -2.00
CA VAL D 427 13.37 -27.89 -1.38
C VAL D 427 12.18 -27.57 -0.45
N THR D 428 12.31 -26.49 0.35
CA THR D 428 11.29 -26.07 1.29
C THR D 428 10.95 -24.58 1.08
N PRO D 429 9.69 -24.25 0.69
CA PRO D 429 9.33 -22.85 0.48
C PRO D 429 9.10 -22.09 1.79
N PRO D 430 9.42 -20.78 1.88
CA PRO D 430 9.18 -20.05 3.14
C PRO D 430 7.71 -19.68 3.33
N GLY D 431 7.18 -19.99 4.52
CA GLY D 431 5.79 -19.69 4.87
C GLY D 431 5.28 -20.46 6.07
N PHE D 432 3.98 -20.82 6.06
CA PHE D 432 3.38 -21.58 7.15
C PHE D 432 2.74 -22.87 6.67
N GLN D 433 2.98 -23.94 7.41
CA GLN D 433 2.41 -25.24 7.12
C GLN D 433 1.07 -25.28 7.84
N LEU D 434 -0.02 -25.30 7.09
CA LEU D 434 -1.36 -25.34 7.68
C LEU D 434 -1.63 -26.79 8.10
N VAL D 435 -1.47 -27.08 9.41
CA VAL D 435 -1.67 -28.41 9.97
C VAL D 435 -3.04 -28.52 10.60
N PHE D 436 -3.90 -29.41 10.05
CA PHE D 436 -5.25 -29.65 10.57
C PHE D 436 -5.18 -30.40 11.89
N LEU D 437 -5.95 -29.93 12.88
CA LEU D 437 -6.01 -30.54 14.20
C LEU D 437 -7.34 -31.27 14.41
N PRO D 438 -7.31 -32.55 14.88
CA PRO D 438 -8.56 -33.31 15.03
C PRO D 438 -9.41 -32.88 16.23
N PHE D 439 -10.74 -33.01 16.11
CA PHE D 439 -11.67 -32.76 17.21
C PHE D 439 -11.77 -34.06 17.97
N ALA D 440 -12.39 -34.03 19.15
CA ALA D 440 -12.55 -35.22 19.99
C ALA D 440 -13.17 -36.40 19.23
N ASP D 441 -14.11 -36.10 18.30
CA ASP D 441 -14.82 -37.09 17.49
C ASP D 441 -13.90 -37.85 16.54
N ASP D 442 -12.87 -37.17 16.04
CA ASP D 442 -11.91 -37.72 15.08
C ASP D 442 -10.94 -38.72 15.68
N LYS D 443 -10.79 -38.68 17.00
CA LYS D 443 -9.90 -39.56 17.76
C LYS D 443 -10.58 -40.87 18.13
N ARG D 444 -9.81 -41.96 18.13
CA ARG D 444 -10.33 -43.27 18.47
C ARG D 444 -9.55 -43.92 19.59
N LYS D 445 -10.28 -44.41 20.61
CA LYS D 445 -9.71 -45.09 21.77
C LYS D 445 -9.21 -46.47 21.36
N MET D 446 -8.03 -46.84 21.88
CA MET D 446 -7.41 -48.12 21.55
C MET D 446 -7.81 -49.23 22.50
N PRO D 447 -7.89 -50.50 22.04
CA PRO D 447 -8.23 -51.61 22.96
C PRO D 447 -7.15 -51.83 24.01
N PHE D 448 -7.52 -52.28 25.21
CA PHE D 448 -6.58 -52.52 26.28
C PHE D 448 -5.55 -53.60 25.96
N THR D 449 -4.27 -53.23 26.08
CA THR D 449 -3.13 -54.10 25.85
C THR D 449 -2.20 -53.99 27.05
N GLU D 450 -1.86 -55.13 27.67
CA GLU D 450 -0.94 -55.17 28.81
C GLU D 450 0.45 -54.77 28.30
N LYS D 451 1.15 -53.92 29.05
CA LYS D 451 2.47 -53.45 28.63
C LYS D 451 3.55 -54.52 28.84
N ILE D 452 4.22 -54.90 27.73
CA ILE D 452 5.31 -55.87 27.69
C ILE D 452 6.50 -55.17 27.03
N MET D 453 7.61 -55.03 27.77
CA MET D 453 8.81 -54.37 27.25
C MET D 453 9.98 -55.34 27.00
N ALA D 454 10.75 -55.07 25.93
CA ALA D 454 11.92 -55.86 25.55
C ALA D 454 13.14 -55.50 26.40
N THR D 455 14.08 -56.47 26.53
CA THR D 455 15.32 -56.30 27.30
C THR D 455 16.35 -55.50 26.48
N PRO D 456 17.37 -54.87 27.12
CA PRO D 456 18.38 -54.13 26.34
C PRO D 456 19.12 -55.00 25.31
N GLU D 457 19.28 -56.31 25.61
CA GLU D 457 19.93 -57.29 24.73
C GLU D 457 19.13 -57.48 23.43
N GLN D 458 17.79 -57.51 23.53
CA GLN D 458 16.89 -57.65 22.40
C GLN D 458 16.83 -56.36 21.57
N VAL D 459 16.72 -55.20 22.26
CA VAL D 459 16.70 -53.86 21.66
C VAL D 459 18.02 -53.63 20.90
N GLY D 460 19.12 -54.08 21.50
CA GLY D 460 20.45 -54.01 20.92
C GLY D 460 20.54 -54.72 19.59
N LYS D 461 20.00 -55.96 19.53
CA LYS D 461 19.98 -56.76 18.31
C LYS D 461 19.17 -56.06 17.22
N MET D 462 18.01 -55.49 17.61
CA MET D 462 17.14 -54.77 16.69
C MET D 462 17.82 -53.49 16.18
N LYS D 463 18.53 -52.77 17.07
CA LYS D 463 19.28 -51.56 16.73
C LYS D 463 20.26 -51.87 15.61
N ALA D 464 21.02 -52.98 15.74
CA ALA D 464 21.99 -53.45 14.75
C ALA D 464 21.31 -53.76 13.42
N ILE D 465 20.07 -54.30 13.46
CA ILE D 465 19.27 -54.61 12.26
C ILE D 465 18.85 -53.31 11.59
N VAL D 466 18.34 -52.35 12.39
CA VAL D 466 17.89 -51.02 11.94
C VAL D 466 19.04 -50.31 11.22
N GLU D 467 20.23 -50.29 11.83
CA GLU D 467 21.44 -49.66 11.28
C GLU D 467 21.91 -50.31 9.98
N LYS D 468 21.65 -51.63 9.81
CA LYS D 468 22.02 -52.36 8.59
C LYS D 468 21.17 -51.95 7.39
N LEU D 469 19.86 -51.72 7.62
CA LEU D 469 18.92 -51.35 6.56
C LEU D 469 18.64 -49.84 6.47
N ARG D 470 19.63 -49.03 6.89
CA ARG D 470 19.58 -47.57 6.86
C ARG D 470 19.69 -47.09 5.42
N PHE D 471 18.88 -46.08 5.06
CA PHE D 471 18.89 -45.47 3.73
C PHE D 471 18.41 -44.02 3.81
N THR D 472 18.67 -43.24 2.76
CA THR D 472 18.27 -41.84 2.70
C THR D 472 16.91 -41.72 2.01
N TYR D 473 15.89 -41.32 2.76
CA TYR D 473 14.54 -41.14 2.24
C TYR D 473 14.37 -39.79 1.55
N ARG D 474 13.76 -39.82 0.37
CA ARG D 474 13.43 -38.66 -0.45
C ARG D 474 11.97 -38.85 -0.86
N SER D 475 11.14 -37.80 -0.66
CA SER D 475 9.71 -37.83 -0.99
C SER D 475 9.35 -38.26 -2.43
N ASP D 476 10.32 -38.16 -3.36
CA ASP D 476 10.16 -38.50 -4.78
C ASP D 476 10.79 -39.84 -5.21
N SER D 477 11.13 -40.73 -4.24
CA SER D 477 11.78 -42.01 -4.51
C SER D 477 10.83 -43.07 -5.12
N PHE D 478 9.55 -43.03 -4.76
CA PHE D 478 8.58 -44.03 -5.20
C PHE D 478 7.52 -43.51 -6.14
N GLU D 479 7.21 -44.32 -7.15
CA GLU D 479 6.17 -44.05 -8.14
C GLU D 479 4.98 -44.93 -7.82
N ASN D 480 3.76 -44.45 -8.11
CA ASN D 480 2.52 -45.19 -7.86
C ASN D 480 2.41 -46.36 -8.83
N PRO D 481 2.52 -47.62 -8.34
CA PRO D 481 2.46 -48.77 -9.26
C PRO D 481 1.17 -48.85 -10.05
N VAL D 482 0.04 -48.53 -9.40
CA VAL D 482 -1.29 -48.55 -9.99
C VAL D 482 -1.40 -47.53 -11.13
N LEU D 483 -1.00 -46.26 -10.88
CA LEU D 483 -1.05 -45.21 -11.89
C LEU D 483 -0.17 -45.53 -13.07
N GLN D 484 1.11 -45.90 -12.81
CA GLN D 484 2.09 -46.26 -13.83
C GLN D 484 1.55 -47.33 -14.76
N GLN D 485 1.04 -48.43 -14.20
CA GLN D 485 0.47 -49.53 -14.98
C GLN D 485 -0.73 -49.09 -15.82
N HIS D 486 -1.62 -48.24 -15.25
CA HIS D 486 -2.80 -47.73 -15.93
C HIS D 486 -2.45 -46.99 -17.22
N PHE D 487 -1.41 -46.15 -17.18
CA PHE D 487 -0.98 -45.38 -18.35
C PHE D 487 -0.14 -46.20 -19.30
N ARG D 488 0.58 -47.23 -18.80
CA ARG D 488 1.31 -48.15 -19.66
C ARG D 488 0.27 -48.90 -20.50
N ASN D 489 -0.86 -49.26 -19.86
CA ASN D 489 -2.00 -49.93 -20.50
C ASN D 489 -2.60 -49.05 -21.59
N LEU D 490 -2.79 -47.75 -21.30
CA LEU D 490 -3.34 -46.79 -22.27
C LEU D 490 -2.40 -46.57 -23.45
N GLU D 491 -1.07 -46.60 -23.21
CA GLU D 491 -0.03 -46.47 -24.24
C GLU D 491 -0.14 -47.58 -25.28
N ALA D 492 -0.28 -48.83 -24.81
CA ALA D 492 -0.44 -50.01 -25.65
C ALA D 492 -1.70 -49.94 -26.49
N LEU D 493 -2.79 -49.37 -25.94
CA LEU D 493 -4.05 -49.27 -26.67
C LEU D 493 -4.08 -48.13 -27.68
N ALA D 494 -3.40 -47.01 -27.37
CA ALA D 494 -3.34 -45.83 -28.24
C ALA D 494 -2.38 -46.02 -29.42
N LEU D 495 -1.34 -46.85 -29.24
CA LEU D 495 -0.34 -47.14 -30.27
C LEU D 495 -0.57 -48.48 -30.96
N ASP D 496 -1.67 -49.16 -30.57
CA ASP D 496 -2.14 -50.46 -31.07
C ASP D 496 -1.09 -51.56 -30.90
N LEU D 497 -0.36 -51.52 -29.77
CA LEU D 497 0.64 -52.51 -29.40
C LEU D 497 -0.09 -53.78 -29.00
N MET D 498 0.49 -54.93 -29.37
CA MET D 498 -0.12 -56.22 -29.04
C MET D 498 -0.05 -56.51 -27.54
N GLU D 499 1.01 -56.04 -26.87
CA GLU D 499 1.18 -56.23 -25.42
C GLU D 499 1.46 -54.94 -24.64
N PRO D 500 0.80 -54.76 -23.47
CA PRO D 500 1.09 -53.59 -22.65
C PRO D 500 2.43 -53.70 -21.92
N GLU D 501 3.13 -52.57 -21.79
CA GLU D 501 4.40 -52.45 -21.08
C GLU D 501 4.15 -52.74 -19.60
N GLN D 502 5.07 -53.46 -18.95
CA GLN D 502 4.92 -53.77 -17.54
C GLN D 502 5.75 -52.86 -16.64
N ALA D 503 5.08 -52.18 -15.70
CA ALA D 503 5.73 -51.27 -14.76
C ALA D 503 6.54 -52.05 -13.73
N VAL D 504 7.63 -51.42 -13.23
CA VAL D 504 8.51 -51.99 -12.21
C VAL D 504 8.05 -51.48 -10.84
N ASP D 505 7.53 -52.38 -9.99
CA ASP D 505 7.05 -52.02 -8.66
C ASP D 505 8.22 -51.64 -7.76
N LEU D 506 8.40 -50.33 -7.60
CA LEU D 506 9.46 -49.74 -6.78
C LEU D 506 9.13 -49.86 -5.29
N THR D 507 7.86 -50.17 -4.97
CA THR D 507 7.37 -50.28 -3.59
C THR D 507 7.70 -51.61 -2.95
N LEU D 508 8.02 -52.64 -3.77
CA LEU D 508 8.36 -53.96 -3.25
C LEU D 508 9.78 -53.97 -2.66
N PRO D 509 9.97 -54.51 -1.44
CA PRO D 509 11.31 -54.51 -0.82
C PRO D 509 12.33 -55.34 -1.59
N LYS D 510 13.59 -54.90 -1.55
CA LYS D 510 14.71 -55.57 -2.20
C LYS D 510 15.15 -56.72 -1.28
N VAL D 511 14.26 -57.73 -1.14
CA VAL D 511 14.37 -58.91 -0.30
C VAL D 511 15.77 -59.55 -0.29
N GLU D 512 16.26 -60.04 -1.45
CA GLU D 512 17.56 -60.73 -1.60
C GLU D 512 18.70 -59.90 -1.01
N ALA D 513 18.79 -58.62 -1.42
CA ALA D 513 19.81 -57.68 -0.97
C ALA D 513 19.75 -57.51 0.55
N MET D 514 18.53 -57.31 1.10
CA MET D 514 18.27 -57.13 2.53
C MET D 514 18.73 -58.35 3.33
N ASN D 515 18.40 -59.56 2.86
CA ASN D 515 18.77 -60.82 3.50
C ASN D 515 20.29 -60.95 3.63
N LYS D 516 21.02 -60.69 2.53
CA LYS D 516 22.48 -60.73 2.48
C LYS D 516 23.08 -59.68 3.40
N ARG D 517 22.52 -58.45 3.37
CA ARG D 517 22.91 -57.30 4.17
C ARG D 517 22.76 -57.58 5.67
N LEU D 518 21.73 -58.37 6.06
CA LEU D 518 21.46 -58.71 7.45
C LEU D 518 22.25 -59.92 7.95
N GLY D 519 22.45 -60.90 7.08
CA GLY D 519 23.18 -62.12 7.42
C GLY D 519 22.52 -62.93 8.52
N SER D 520 23.27 -63.16 9.62
CA SER D 520 22.82 -63.94 10.77
C SER D 520 22.07 -63.14 11.84
N LEU D 521 22.02 -61.80 11.70
CA LEU D 521 21.34 -60.88 12.64
C LEU D 521 19.88 -61.28 12.88
N VAL D 522 19.20 -61.78 11.83
CA VAL D 522 17.80 -62.22 11.87
C VAL D 522 17.68 -63.43 12.80
N ASP D 523 18.49 -64.48 12.54
CA ASP D 523 18.51 -65.70 13.34
C ASP D 523 18.90 -65.42 14.79
N GLU D 524 19.80 -64.43 15.00
CA GLU D 524 20.26 -63.99 16.31
C GLU D 524 19.09 -63.38 17.09
N PHE D 525 18.35 -62.45 16.46
CA PHE D 525 17.18 -61.79 17.03
C PHE D 525 16.12 -62.82 17.44
N LYS D 526 15.83 -63.77 16.55
CA LYS D 526 14.86 -64.84 16.75
C LYS D 526 15.14 -65.67 18.00
N GLU D 527 16.41 -66.06 18.22
CA GLU D 527 16.83 -66.85 19.38
C GLU D 527 16.57 -66.11 20.69
N LEU D 528 16.69 -64.76 20.66
CA LEU D 528 16.46 -63.91 21.82
C LEU D 528 14.98 -63.64 22.10
N VAL D 529 14.10 -63.78 21.08
CA VAL D 529 12.69 -63.44 21.23
C VAL D 529 11.72 -64.63 21.04
N TYR D 530 11.79 -65.33 19.89
CA TYR D 530 10.86 -66.42 19.57
C TYR D 530 11.26 -67.79 20.12
N PRO D 531 10.39 -68.43 20.94
CA PRO D 531 10.70 -69.78 21.42
C PRO D 531 10.65 -70.77 20.25
N PRO D 532 11.46 -71.86 20.25
CA PRO D 532 11.40 -72.82 19.13
C PRO D 532 9.99 -73.39 18.93
N ASP D 533 9.18 -73.33 20.00
CA ASP D 533 7.79 -73.77 20.01
C ASP D 533 6.86 -72.57 19.77
N TYR D 534 7.00 -71.94 18.58
CA TYR D 534 6.19 -70.79 18.18
C TYR D 534 5.42 -71.06 16.89
N MET E 1 -6.76 -44.89 24.68
CA MET E 1 -6.64 -46.18 25.35
C MET E 1 -7.83 -46.45 26.28
N HIS E 2 -8.46 -47.63 26.08
CA HIS E 2 -9.63 -48.12 26.80
C HIS E 2 -9.26 -48.75 28.15
N HIS E 3 -10.29 -49.04 28.96
CA HIS E 3 -10.20 -49.71 30.26
C HIS E 3 -9.98 -51.21 30.00
N HIS E 4 -9.49 -51.96 31.01
CA HIS E 4 -9.26 -53.40 30.87
C HIS E 4 -10.55 -54.23 30.76
N HIS E 5 -11.67 -53.70 31.32
CA HIS E 5 -12.99 -54.35 31.29
C HIS E 5 -13.61 -54.35 29.88
N HIS E 6 -13.19 -53.40 29.02
CA HIS E 6 -13.64 -53.28 27.63
C HIS E 6 -13.02 -54.42 26.80
N HIS E 7 -13.88 -55.34 26.33
CA HIS E 7 -13.47 -56.52 25.55
C HIS E 7 -13.00 -56.16 24.15
N HIS E 8 -12.02 -56.94 23.63
CA HIS E 8 -11.46 -56.76 22.29
C HIS E 8 -12.49 -57.15 21.22
N HIS E 9 -13.53 -57.94 21.59
CA HIS E 9 -14.61 -58.38 20.73
C HIS E 9 -15.25 -57.23 19.96
N HIS E 10 -15.43 -56.08 20.64
CA HIS E 10 -15.99 -54.84 20.08
C HIS E 10 -15.22 -54.31 18.87
N HIS E 11 -13.95 -54.72 18.71
CA HIS E 11 -13.08 -54.30 17.61
C HIS E 11 -12.92 -55.31 16.48
N GLU E 12 -13.29 -56.58 16.68
CA GLU E 12 -13.14 -57.59 15.63
C GLU E 12 -14.41 -57.82 14.82
N ASN E 13 -14.26 -57.78 13.47
CA ASN E 13 -15.33 -57.97 12.48
C ASN E 13 -15.71 -59.45 12.34
N LEU E 14 -16.91 -59.78 12.82
CA LEU E 14 -17.50 -61.12 12.76
C LEU E 14 -18.96 -60.96 12.30
N TYR E 15 -19.53 -62.00 11.68
CA TYR E 15 -20.90 -62.01 11.18
C TYR E 15 -21.94 -61.78 12.30
N PHE E 16 -22.41 -60.52 12.40
CA PHE E 16 -23.38 -60.01 13.39
C PHE E 16 -22.88 -60.21 14.83
N GLN E 17 -21.55 -60.12 14.98
CA GLN E 17 -20.81 -60.29 16.22
C GLN E 17 -19.68 -59.26 16.30
N GLY E 18 -19.25 -58.95 17.52
CA GLY E 18 -18.18 -57.99 17.77
C GLY E 18 -18.60 -56.57 17.48
N VAL E 19 -18.04 -55.99 16.40
CA VAL E 19 -18.37 -54.63 15.96
C VAL E 19 -19.78 -54.67 15.38
N ARG E 20 -20.06 -55.70 14.57
CA ARG E 20 -21.34 -55.92 13.91
C ARG E 20 -22.46 -56.29 14.89
N SER E 21 -22.15 -56.83 16.09
CA SER E 21 -23.20 -57.17 17.06
C SER E 21 -23.81 -55.90 17.65
N GLY E 22 -25.13 -55.82 17.57
CA GLY E 22 -25.92 -54.70 18.08
C GLY E 22 -25.84 -54.58 19.58
N ASN E 23 -25.08 -53.57 20.06
CA ASN E 23 -24.92 -53.34 21.50
C ASN E 23 -26.12 -52.53 21.97
N LYS E 24 -27.11 -53.22 22.56
CA LYS E 24 -28.33 -52.60 23.06
C LYS E 24 -28.38 -52.58 24.58
N ALA E 25 -28.98 -51.51 25.17
CA ALA E 25 -29.11 -51.36 26.62
C ALA E 25 -30.50 -50.90 27.04
N ALA E 26 -31.00 -51.44 28.16
CA ALA E 26 -32.32 -51.11 28.71
C ALA E 26 -32.12 -50.21 29.91
N VAL E 27 -32.72 -49.01 29.89
CA VAL E 27 -32.59 -48.02 30.94
C VAL E 27 -33.95 -47.61 31.51
N VAL E 28 -34.11 -47.68 32.83
CA VAL E 28 -35.33 -47.25 33.52
C VAL E 28 -34.96 -46.04 34.35
N LEU E 29 -35.55 -44.90 34.02
CA LEU E 29 -35.32 -43.67 34.75
C LEU E 29 -36.39 -43.62 35.83
N CYS E 30 -35.97 -43.70 37.09
CA CYS E 30 -36.85 -43.73 38.24
C CYS E 30 -36.81 -42.37 38.93
N MET E 31 -37.77 -41.49 38.60
CA MET E 31 -37.80 -40.13 39.09
C MET E 31 -38.72 -39.88 40.27
N ASP E 32 -38.24 -39.12 41.27
CA ASP E 32 -39.00 -38.71 42.43
C ASP E 32 -39.69 -37.40 42.08
N VAL E 33 -41.02 -37.41 42.10
CA VAL E 33 -41.81 -36.21 41.82
C VAL E 33 -42.63 -35.82 43.07
N GLY E 34 -42.26 -36.41 44.22
CA GLY E 34 -42.91 -36.16 45.51
C GLY E 34 -42.87 -34.71 45.96
N PHE E 35 -43.79 -34.35 46.87
CA PHE E 35 -43.95 -33.01 47.43
C PHE E 35 -42.62 -32.29 47.71
N THR E 36 -41.73 -32.91 48.51
CA THR E 36 -40.42 -32.37 48.91
C THR E 36 -39.48 -32.05 47.74
N MET E 37 -39.65 -32.74 46.59
CA MET E 37 -38.82 -32.50 45.40
C MET E 37 -39.00 -31.07 44.86
N SER E 38 -40.13 -30.43 45.21
CA SER E 38 -40.45 -29.08 44.77
C SER E 38 -39.94 -28.04 45.78
N ASN E 39 -39.72 -28.46 47.03
CA ASN E 39 -39.22 -27.61 48.11
C ASN E 39 -37.72 -27.38 47.91
N SER E 40 -37.32 -26.11 47.83
CA SER E 40 -35.93 -25.72 47.63
C SER E 40 -35.59 -24.46 48.41
N ILE E 41 -34.30 -24.18 48.53
CA ILE E 41 -33.80 -22.98 49.18
C ILE E 41 -33.91 -21.85 48.13
N PRO E 42 -34.39 -20.64 48.51
CA PRO E 42 -34.54 -19.55 47.51
C PRO E 42 -33.36 -19.28 46.56
N GLY E 43 -32.16 -19.71 46.92
CA GLY E 43 -30.96 -19.54 46.10
C GLY E 43 -30.75 -20.57 45.01
N ILE E 44 -31.12 -21.86 45.26
CA ILE E 44 -30.90 -22.94 44.29
C ILE E 44 -32.22 -23.54 43.77
N GLU E 45 -32.19 -24.06 42.51
CA GLU E 45 -33.28 -24.74 41.81
C GLU E 45 -33.78 -25.95 42.59
N SER E 46 -35.08 -26.25 42.48
CA SER E 46 -35.66 -27.38 43.19
C SER E 46 -35.14 -28.69 42.66
N PRO E 47 -35.00 -29.73 43.52
CA PRO E 47 -34.52 -31.03 43.02
C PRO E 47 -35.34 -31.54 41.85
N PHE E 48 -36.67 -31.28 41.84
CA PHE E 48 -37.57 -31.69 40.77
C PHE E 48 -37.16 -31.08 39.43
N GLU E 49 -36.89 -29.76 39.41
CA GLU E 49 -36.48 -29.06 38.20
C GLU E 49 -35.11 -29.52 37.76
N GLN E 50 -34.18 -29.74 38.72
CA GLN E 50 -32.82 -30.20 38.45
C GLN E 50 -32.84 -31.58 37.83
N ALA E 51 -33.57 -32.52 38.44
CA ALA E 51 -33.71 -33.89 37.96
C ALA E 51 -34.39 -33.92 36.61
N LYS E 52 -35.37 -33.01 36.37
CA LYS E 52 -36.09 -32.90 35.10
C LYS E 52 -35.15 -32.54 33.96
N LYS E 53 -34.20 -31.63 34.23
CA LYS E 53 -33.22 -31.15 33.26
C LYS E 53 -32.22 -32.23 32.91
N VAL E 54 -31.79 -33.02 33.92
CA VAL E 54 -30.84 -34.13 33.76
C VAL E 54 -31.46 -35.15 32.82
N ILE E 55 -32.71 -35.56 33.12
CA ILE E 55 -33.48 -36.54 32.35
C ILE E 55 -33.67 -36.06 30.90
N THR E 56 -34.05 -34.78 30.71
CA THR E 56 -34.22 -34.20 29.38
C THR E 56 -32.91 -34.30 28.60
N MET E 57 -31.79 -33.85 29.23
CA MET E 57 -30.45 -33.91 28.64
C MET E 57 -30.13 -35.31 28.21
N PHE E 58 -30.36 -36.31 29.08
CA PHE E 58 -30.10 -37.73 28.77
C PHE E 58 -30.92 -38.21 27.58
N VAL E 59 -32.24 -38.00 27.61
CA VAL E 59 -33.14 -38.42 26.54
C VAL E 59 -32.78 -37.73 25.21
N GLN E 60 -32.49 -36.41 25.22
CA GLN E 60 -32.10 -35.61 24.05
C GLN E 60 -30.89 -36.21 23.35
N ARG E 61 -29.84 -36.54 24.12
CA ARG E 61 -28.60 -37.13 23.67
C ARG E 61 -28.86 -38.48 23.04
N GLN E 62 -29.78 -39.27 23.65
CA GLN E 62 -30.13 -40.60 23.16
C GLN E 62 -30.91 -40.59 21.88
N VAL E 63 -31.76 -39.57 21.69
CA VAL E 63 -32.58 -39.43 20.48
C VAL E 63 -31.70 -39.34 19.21
N PHE E 64 -30.62 -38.54 19.29
CA PHE E 64 -29.70 -38.33 18.19
C PHE E 64 -28.56 -39.34 18.10
N ALA E 65 -28.33 -40.13 19.16
CA ALA E 65 -27.29 -41.15 19.17
C ALA E 65 -27.70 -42.39 18.38
N GLU E 66 -26.69 -43.13 17.89
CA GLU E 66 -26.84 -44.34 17.08
C GLU E 66 -27.14 -45.63 17.88
N ASN E 67 -26.91 -45.61 19.21
CA ASN E 67 -27.01 -46.73 20.17
C ASN E 67 -28.18 -47.72 20.03
N LYS E 68 -29.43 -47.23 19.81
CA LYS E 68 -30.68 -48.04 19.74
C LYS E 68 -31.11 -48.61 21.12
N ASP E 69 -30.61 -47.97 22.20
CA ASP E 69 -30.94 -48.30 23.58
C ASP E 69 -32.41 -47.97 23.84
N GLU E 70 -33.05 -48.73 24.74
CA GLU E 70 -34.46 -48.54 25.07
C GLU E 70 -34.60 -47.84 26.43
N ILE E 71 -35.55 -46.90 26.53
CA ILE E 71 -35.74 -46.11 27.76
C ILE E 71 -37.18 -46.16 28.28
N ALA E 72 -37.33 -46.38 29.59
CA ALA E 72 -38.60 -46.39 30.32
C ALA E 72 -38.55 -45.33 31.41
N LEU E 73 -39.72 -44.82 31.84
CA LEU E 73 -39.77 -43.80 32.88
C LEU E 73 -40.83 -44.11 33.95
N VAL E 74 -40.34 -44.28 35.20
CA VAL E 74 -41.15 -44.54 36.39
C VAL E 74 -41.09 -43.30 37.27
N LEU E 75 -42.24 -42.83 37.75
CA LEU E 75 -42.34 -41.65 38.59
C LEU E 75 -42.90 -42.02 39.94
N PHE E 76 -42.38 -41.45 41.03
CA PHE E 76 -42.91 -41.76 42.35
C PHE E 76 -43.12 -40.52 43.20
N GLY E 77 -44.25 -40.50 43.90
CA GLY E 77 -44.67 -39.35 44.70
C GLY E 77 -45.79 -38.62 43.98
N THR E 78 -46.33 -39.25 42.91
CA THR E 78 -47.43 -38.74 42.10
C THR E 78 -48.74 -38.86 42.86
N ASP E 79 -49.75 -38.04 42.50
CA ASP E 79 -51.05 -38.07 43.13
C ASP E 79 -51.79 -39.38 42.85
N GLY E 80 -51.70 -39.86 41.61
CA GLY E 80 -52.32 -41.11 41.18
C GLY E 80 -51.41 -42.32 41.34
N THR E 81 -51.92 -43.50 40.93
CA THR E 81 -51.17 -44.77 40.99
C THR E 81 -51.49 -45.61 39.74
N ASP E 82 -50.45 -45.94 38.95
CA ASP E 82 -50.53 -46.79 37.76
C ASP E 82 -49.35 -47.77 37.80
N ASN E 83 -49.62 -48.98 38.30
CA ASN E 83 -48.63 -50.03 38.51
C ASN E 83 -49.13 -51.41 38.15
N PRO E 84 -48.24 -52.27 37.61
CA PRO E 84 -48.64 -53.67 37.42
C PRO E 84 -48.52 -54.46 38.73
N LEU E 85 -48.01 -53.81 39.81
CA LEU E 85 -47.79 -54.35 41.16
C LEU E 85 -48.69 -53.71 42.24
N SER E 86 -49.51 -52.72 41.85
CA SER E 86 -50.42 -51.97 42.73
C SER E 86 -51.32 -52.83 43.61
N GLY E 87 -51.91 -53.87 43.01
CA GLY E 87 -52.83 -54.78 43.69
C GLY E 87 -54.01 -54.02 44.26
N GLY E 88 -54.05 -53.94 45.59
CA GLY E 88 -55.09 -53.23 46.32
C GLY E 88 -54.60 -51.95 46.94
N ASP E 89 -53.69 -52.09 47.94
CA ASP E 89 -53.12 -50.95 48.65
C ASP E 89 -51.59 -51.03 48.78
N GLN E 90 -50.91 -51.61 47.77
CA GLN E 90 -49.46 -51.72 47.74
C GLN E 90 -48.88 -50.84 46.64
N TYR E 91 -47.57 -50.50 46.76
CA TYR E 91 -46.82 -49.67 45.81
C TYR E 91 -47.66 -48.48 45.35
N GLN E 92 -48.19 -47.71 46.31
CA GLN E 92 -49.04 -46.57 46.00
C GLN E 92 -48.22 -45.35 45.60
N ASN E 93 -48.82 -44.47 44.77
CA ASN E 93 -48.23 -43.21 44.29
C ASN E 93 -46.98 -43.41 43.42
N ILE E 94 -46.91 -44.53 42.70
CA ILE E 94 -45.81 -44.90 41.80
C ILE E 94 -46.46 -45.11 40.43
N THR E 95 -46.00 -44.36 39.41
CA THR E 95 -46.55 -44.40 38.06
C THR E 95 -45.52 -44.79 37.00
N VAL E 96 -45.88 -45.75 36.13
CA VAL E 96 -45.05 -46.14 35.00
C VAL E 96 -45.50 -45.22 33.87
N HIS E 97 -44.87 -44.05 33.80
CA HIS E 97 -45.18 -43.03 32.80
C HIS E 97 -44.90 -43.49 31.37
N ARG E 98 -43.77 -44.18 31.17
CA ARG E 98 -43.35 -44.67 29.86
C ARG E 98 -42.79 -46.09 29.97
N HIS E 99 -43.21 -46.96 29.07
CA HIS E 99 -42.73 -48.34 29.03
C HIS E 99 -41.46 -48.43 28.17
N LEU E 100 -40.68 -49.50 28.33
CA LEU E 100 -39.43 -49.72 27.59
C LEU E 100 -39.63 -49.67 26.10
N MET E 101 -39.01 -48.67 25.45
CA MET E 101 -39.06 -48.44 24.00
C MET E 101 -38.06 -47.37 23.61
N LEU E 102 -37.71 -47.33 22.31
CA LEU E 102 -36.79 -46.33 21.76
C LEU E 102 -37.27 -44.93 22.13
N PRO E 103 -36.35 -44.03 22.57
CA PRO E 103 -36.79 -42.68 22.92
C PRO E 103 -37.18 -41.90 21.66
N ASP E 104 -38.11 -40.95 21.81
CA ASP E 104 -38.59 -40.15 20.69
C ASP E 104 -38.91 -38.73 21.12
N PHE E 105 -39.28 -37.89 20.15
CA PHE E 105 -39.64 -36.50 20.43
C PHE E 105 -40.95 -36.38 21.17
N ASP E 106 -41.82 -37.41 21.03
CA ASP E 106 -43.11 -37.46 21.71
C ASP E 106 -42.85 -37.60 23.22
N LEU E 107 -41.78 -38.34 23.62
CA LEU E 107 -41.37 -38.51 25.02
C LEU E 107 -40.87 -37.19 25.56
N LEU E 108 -39.94 -36.52 24.86
CA LEU E 108 -39.35 -35.24 25.28
C LEU E 108 -40.40 -34.15 25.47
N GLU E 109 -41.38 -34.08 24.54
CA GLU E 109 -42.47 -33.12 24.58
C GLU E 109 -43.35 -33.39 25.81
N ASP E 110 -43.58 -34.69 26.08
CA ASP E 110 -44.34 -35.24 27.19
C ASP E 110 -43.66 -34.85 28.53
N ILE E 111 -42.32 -35.02 28.61
CA ILE E 111 -41.52 -34.67 29.80
C ILE E 111 -41.72 -33.20 30.12
N GLU E 112 -41.55 -32.35 29.11
CA GLU E 112 -41.63 -30.89 29.20
C GLU E 112 -43.00 -30.34 29.63
N SER E 113 -44.10 -30.92 29.12
CA SER E 113 -45.44 -30.39 29.39
C SER E 113 -46.34 -31.24 30.31
N LYS E 114 -46.36 -32.56 30.13
CA LYS E 114 -47.24 -33.45 30.89
C LYS E 114 -46.77 -33.75 32.32
N ILE E 115 -45.46 -33.93 32.55
CA ILE E 115 -44.98 -34.22 33.92
C ILE E 115 -45.02 -32.98 34.81
N GLN E 116 -45.87 -33.05 35.83
CA GLN E 116 -46.06 -31.99 36.83
C GLN E 116 -45.64 -32.52 38.20
N PRO E 117 -45.16 -31.66 39.13
CA PRO E 117 -44.76 -32.15 40.46
C PRO E 117 -45.95 -32.66 41.26
N GLY E 118 -45.73 -33.74 41.99
CA GLY E 118 -46.74 -34.39 42.81
C GLY E 118 -46.91 -33.73 44.17
N SER E 119 -48.00 -34.10 44.86
CA SER E 119 -48.36 -33.59 46.17
C SER E 119 -48.18 -34.66 47.26
N GLN E 120 -47.84 -35.89 46.84
CA GLN E 120 -47.65 -37.04 47.72
C GLN E 120 -46.16 -37.37 47.95
N GLN E 121 -45.91 -38.52 48.58
CA GLN E 121 -44.57 -39.04 48.87
C GLN E 121 -44.62 -40.57 48.73
N ALA E 122 -43.63 -41.16 48.05
CA ALA E 122 -43.61 -42.61 47.91
C ALA E 122 -42.31 -43.23 48.45
N ASP E 123 -42.35 -44.55 48.66
CA ASP E 123 -41.22 -45.34 49.14
C ASP E 123 -40.30 -45.53 47.94
N PHE E 124 -39.06 -45.01 48.01
CA PHE E 124 -38.13 -45.10 46.87
C PHE E 124 -37.70 -46.54 46.59
N LEU E 125 -37.63 -47.37 47.63
CA LEU E 125 -37.28 -48.78 47.46
C LEU E 125 -38.43 -49.54 46.78
N ASP E 126 -39.69 -49.09 46.98
CA ASP E 126 -40.87 -49.67 46.33
C ASP E 126 -40.85 -49.27 44.85
N ALA E 127 -40.44 -48.02 44.55
CA ALA E 127 -40.32 -47.49 43.19
C ALA E 127 -39.25 -48.24 42.44
N LEU E 128 -38.17 -48.63 43.13
CA LEU E 128 -37.08 -49.40 42.58
C LEU E 128 -37.58 -50.80 42.20
N ILE E 129 -38.46 -51.40 43.04
CA ILE E 129 -39.05 -52.72 42.77
C ILE E 129 -39.92 -52.69 41.51
N VAL E 130 -40.70 -51.61 41.35
CA VAL E 130 -41.54 -51.38 40.18
C VAL E 130 -40.64 -51.22 38.95
N SER E 131 -39.51 -50.50 39.10
CA SER E 131 -38.53 -50.29 38.04
C SER E 131 -37.92 -51.60 37.61
N MET E 132 -37.60 -52.47 38.57
CA MET E 132 -37.04 -53.79 38.30
C MET E 132 -38.04 -54.66 37.56
N ASP E 133 -39.34 -54.50 37.87
CA ASP E 133 -40.42 -55.22 37.22
C ASP E 133 -40.49 -54.85 35.73
N VAL E 134 -40.28 -53.56 35.40
CA VAL E 134 -40.28 -53.06 34.02
C VAL E 134 -39.20 -53.77 33.21
N ILE E 135 -37.97 -53.86 33.75
CA ILE E 135 -36.88 -54.55 33.09
C ILE E 135 -37.16 -56.05 32.97
N GLN E 136 -37.68 -56.67 34.02
CA GLN E 136 -37.96 -58.10 34.01
C GLN E 136 -39.05 -58.53 33.03
N HIS E 137 -40.12 -57.74 32.93
CA HIS E 137 -41.27 -58.05 32.08
C HIS E 137 -41.19 -57.54 30.64
N GLU E 138 -40.28 -56.58 30.35
CA GLU E 138 -40.21 -56.00 29.00
C GLU E 138 -38.92 -56.28 28.22
N THR E 139 -37.89 -56.86 28.88
CA THR E 139 -36.67 -57.24 28.16
C THR E 139 -36.88 -58.60 27.47
N ILE E 140 -38.06 -59.22 27.70
CA ILE E 140 -38.49 -60.49 27.12
C ILE E 140 -38.39 -60.46 25.58
N GLY E 141 -37.66 -61.42 25.02
CA GLY E 141 -37.44 -61.53 23.58
C GLY E 141 -36.36 -60.61 23.05
N LYS E 142 -36.39 -59.32 23.46
CA LYS E 142 -35.41 -58.31 23.06
C LYS E 142 -34.04 -58.68 23.63
N LYS E 143 -32.98 -58.44 22.85
CA LYS E 143 -31.63 -58.76 23.30
C LYS E 143 -30.95 -57.51 23.84
N PHE E 144 -30.68 -57.50 25.16
CA PHE E 144 -29.99 -56.38 25.82
C PHE E 144 -28.69 -56.86 26.45
N GLU E 145 -27.60 -56.17 26.11
CA GLU E 145 -26.28 -56.48 26.69
C GLU E 145 -26.25 -55.94 28.12
N LYS E 146 -26.92 -54.79 28.36
CA LYS E 146 -26.95 -54.12 29.65
C LYS E 146 -28.35 -53.68 30.09
N ARG E 147 -28.59 -53.70 31.41
CA ARG E 147 -29.85 -53.28 32.03
C ARG E 147 -29.49 -52.32 33.16
N HIS E 148 -29.99 -51.06 33.13
CA HIS E 148 -29.68 -50.06 34.14
C HIS E 148 -30.93 -49.37 34.71
N ILE E 149 -30.87 -48.98 35.98
CA ILE E 149 -31.92 -48.24 36.66
C ILE E 149 -31.30 -47.01 37.28
N GLU E 150 -31.75 -45.83 36.87
CA GLU E 150 -31.26 -44.55 37.34
C GLU E 150 -32.29 -43.89 38.26
N ILE E 151 -31.95 -43.74 39.56
CA ILE E 151 -32.87 -43.18 40.55
C ILE E 151 -32.53 -41.75 40.89
N PHE E 152 -33.50 -40.84 40.72
CA PHE E 152 -33.39 -39.41 40.98
C PHE E 152 -34.31 -39.10 42.13
N THR E 153 -33.74 -38.83 43.31
CA THR E 153 -34.49 -38.56 44.54
C THR E 153 -33.74 -37.60 45.47
N ASP E 154 -34.44 -37.08 46.48
CA ASP E 154 -33.85 -36.19 47.48
C ASP E 154 -33.67 -36.92 48.81
N LEU E 155 -34.15 -38.19 48.88
CA LEU E 155 -34.11 -39.08 50.06
C LEU E 155 -34.74 -38.44 51.32
N SER E 156 -35.68 -37.51 51.11
CA SER E 156 -36.34 -36.75 52.17
C SER E 156 -37.40 -37.51 52.97
N SER E 157 -38.09 -38.46 52.33
CA SER E 157 -39.21 -39.19 52.94
C SER E 157 -38.87 -40.54 53.56
N ARG E 158 -39.77 -41.04 54.42
CA ARG E 158 -39.71 -42.33 55.09
C ARG E 158 -39.89 -43.44 54.07
N PHE E 159 -39.40 -44.64 54.39
CA PHE E 159 -39.47 -45.82 53.54
C PHE E 159 -39.25 -47.08 54.38
N SER E 160 -39.70 -48.22 53.87
CA SER E 160 -39.55 -49.51 54.53
C SER E 160 -38.23 -50.15 54.09
N LYS E 161 -37.55 -50.81 55.02
CA LYS E 161 -36.27 -51.48 54.79
C LYS E 161 -36.45 -53.01 54.69
N SER E 162 -37.72 -53.46 54.71
CA SER E 162 -38.13 -54.86 54.67
C SER E 162 -37.78 -55.58 53.37
N GLN E 163 -37.76 -54.87 52.24
CA GLN E 163 -37.52 -55.47 50.92
C GLN E 163 -36.08 -55.35 50.41
N LEU E 164 -35.16 -54.88 51.27
CA LEU E 164 -33.76 -54.72 50.90
C LEU E 164 -33.13 -55.97 50.32
N ASP E 165 -33.37 -57.13 50.95
CA ASP E 165 -32.81 -58.41 50.50
C ASP E 165 -33.39 -58.88 49.18
N ILE E 166 -34.71 -58.70 48.94
CA ILE E 166 -35.28 -59.09 47.65
C ILE E 166 -34.79 -58.12 46.55
N ILE E 167 -34.57 -56.84 46.89
CA ILE E 167 -34.06 -55.82 45.97
C ILE E 167 -32.67 -56.23 45.48
N ILE E 168 -31.74 -56.48 46.43
CA ILE E 168 -30.36 -56.85 46.12
C ILE E 168 -30.29 -58.17 45.36
N HIS E 169 -31.04 -59.19 45.78
CA HIS E 169 -31.07 -60.49 45.14
C HIS E 169 -31.52 -60.40 43.68
N SER E 170 -32.56 -59.60 43.39
CA SER E 170 -33.06 -59.45 42.03
C SER E 170 -32.14 -58.66 41.13
N LEU E 171 -31.45 -57.65 41.68
CA LEU E 171 -30.52 -56.84 40.91
C LEU E 171 -29.30 -57.67 40.49
N LYS E 172 -28.81 -58.52 41.41
CA LYS E 172 -27.66 -59.39 41.19
C LYS E 172 -28.00 -60.49 40.20
N LYS E 173 -29.15 -61.16 40.40
CA LYS E 173 -29.62 -62.25 39.54
C LYS E 173 -29.92 -61.80 38.12
N CYS E 174 -30.56 -60.63 37.97
CA CYS E 174 -30.92 -60.09 36.66
C CYS E 174 -29.83 -59.22 36.04
N ASP E 175 -28.68 -59.09 36.73
CA ASP E 175 -27.53 -58.29 36.30
C ASP E 175 -27.96 -56.87 35.90
N ILE E 176 -28.64 -56.20 36.84
CA ILE E 176 -29.13 -54.84 36.68
C ILE E 176 -28.22 -53.94 37.50
N SER E 177 -27.65 -52.92 36.85
CA SER E 177 -26.78 -51.99 37.53
C SER E 177 -27.60 -50.79 38.03
N LEU E 178 -27.14 -50.16 39.10
CA LEU E 178 -27.83 -49.06 39.71
C LEU E 178 -27.00 -47.81 39.77
N GLN E 179 -27.67 -46.64 39.70
CA GLN E 179 -27.05 -45.32 39.79
C GLN E 179 -28.01 -44.39 40.50
N PHE E 180 -27.50 -43.60 41.44
CA PHE E 180 -28.30 -42.67 42.24
C PHE E 180 -27.94 -41.24 41.90
N PHE E 181 -28.96 -40.38 41.83
CA PHE E 181 -28.81 -38.97 41.51
C PHE E 181 -29.53 -38.16 42.56
N LEU E 182 -28.76 -37.38 43.33
CA LEU E 182 -29.28 -36.63 44.46
C LEU E 182 -29.04 -35.13 44.33
N PRO E 183 -29.70 -34.27 45.15
CA PRO E 183 -29.46 -32.82 45.04
C PRO E 183 -28.08 -32.41 45.55
N PHE E 184 -27.45 -33.25 46.38
CA PHE E 184 -26.16 -33.01 47.01
C PHE E 184 -25.07 -33.98 46.56
N SER E 185 -23.80 -33.53 46.64
CA SER E 185 -22.61 -34.31 46.31
C SER E 185 -22.19 -35.15 47.52
N LEU E 186 -21.73 -36.38 47.25
CA LEU E 186 -21.31 -37.33 48.28
C LEU E 186 -19.93 -36.96 48.86
N GLY E 187 -19.83 -36.95 50.18
CA GLY E 187 -18.61 -36.60 50.90
C GLY E 187 -17.59 -37.73 50.94
N LYS E 212 -22.47 -30.01 55.76
CA LYS E 212 -23.59 -30.48 54.95
C LYS E 212 -24.87 -30.61 55.80
N GLY E 213 -25.80 -29.69 55.57
CA GLY E 213 -27.05 -29.59 56.30
C GLY E 213 -28.24 -30.37 55.75
N ILE E 214 -28.05 -31.67 55.48
CA ILE E 214 -29.15 -32.53 55.02
C ILE E 214 -29.96 -32.96 56.24
N THR E 215 -31.26 -33.31 56.07
CA THR E 215 -32.12 -33.73 57.18
C THR E 215 -31.64 -35.06 57.78
N GLU E 216 -32.24 -35.46 58.91
CA GLU E 216 -31.90 -36.72 59.56
C GLU E 216 -32.42 -37.88 58.73
N GLN E 217 -33.61 -37.69 58.10
CA GLN E 217 -34.23 -38.69 57.22
C GLN E 217 -33.34 -38.92 56.00
N GLN E 218 -32.75 -37.83 55.47
CA GLN E 218 -31.83 -37.89 54.34
C GLN E 218 -30.57 -38.67 54.71
N LYS E 219 -30.08 -38.53 55.96
CA LYS E 219 -28.90 -39.24 56.46
C LYS E 219 -29.17 -40.73 56.56
N GLU E 220 -30.41 -41.09 56.97
CA GLU E 220 -30.87 -42.48 57.10
C GLU E 220 -30.99 -43.09 55.70
N GLY E 221 -31.68 -42.39 54.81
CA GLY E 221 -31.87 -42.79 53.42
C GLY E 221 -30.55 -43.01 52.71
N LEU E 222 -29.59 -42.08 52.92
CA LEU E 222 -28.26 -42.16 52.31
C LEU E 222 -27.48 -43.37 52.77
N GLU E 223 -27.57 -43.74 54.05
CA GLU E 223 -26.87 -44.91 54.59
C GLU E 223 -27.32 -46.19 53.91
N ILE E 224 -28.63 -46.31 53.65
CA ILE E 224 -29.24 -47.45 52.97
C ILE E 224 -28.77 -47.48 51.51
N VAL E 225 -28.79 -46.32 50.83
CA VAL E 225 -28.32 -46.16 49.46
C VAL E 225 -26.86 -46.61 49.38
N LYS E 226 -26.03 -46.17 50.34
CA LYS E 226 -24.62 -46.55 50.44
C LYS E 226 -24.48 -48.07 50.59
N MET E 227 -25.26 -48.69 51.50
CA MET E 227 -25.26 -50.13 51.75
C MET E 227 -25.61 -50.90 50.48
N VAL E 228 -26.69 -50.47 49.79
CA VAL E 228 -27.16 -51.07 48.54
C VAL E 228 -26.04 -51.07 47.51
N MET E 229 -25.45 -49.90 47.25
CA MET E 229 -24.37 -49.74 46.28
C MET E 229 -23.13 -50.58 46.61
N ILE E 230 -22.78 -50.68 47.90
CA ILE E 230 -21.64 -51.47 48.37
C ILE E 230 -21.93 -52.97 48.21
N SER E 231 -23.18 -53.39 48.47
CA SER E 231 -23.60 -54.79 48.31
C SER E 231 -23.48 -55.20 46.84
N LEU E 232 -23.90 -54.32 45.93
CA LEU E 232 -23.90 -54.56 44.49
C LEU E 232 -22.53 -54.44 43.82
N GLU E 233 -21.75 -53.40 44.17
CA GLU E 233 -20.48 -53.14 43.49
C GLU E 233 -19.23 -53.09 44.38
N GLY E 234 -19.41 -53.09 45.69
CA GLY E 234 -18.30 -53.00 46.63
C GLY E 234 -17.89 -51.57 46.87
N GLU E 235 -16.60 -51.35 47.19
CA GLU E 235 -16.04 -50.02 47.46
C GLU E 235 -16.30 -49.03 46.30
N ASP E 236 -16.31 -49.53 45.06
CA ASP E 236 -16.57 -48.74 43.84
C ASP E 236 -18.04 -48.30 43.72
N GLY E 237 -18.93 -48.92 44.50
CA GLY E 237 -20.35 -48.60 44.52
C GLY E 237 -20.65 -47.14 44.82
N LEU E 238 -19.88 -46.55 45.76
CA LEU E 238 -19.99 -45.16 46.19
C LEU E 238 -19.77 -44.20 45.04
N ASP E 239 -18.98 -44.63 44.02
CA ASP E 239 -18.69 -43.85 42.81
C ASP E 239 -19.93 -43.71 41.92
N GLU E 240 -20.96 -44.53 42.15
CA GLU E 240 -22.20 -44.49 41.36
C GLU E 240 -23.30 -43.62 41.99
N ILE E 241 -22.91 -42.76 42.94
CA ILE E 241 -23.80 -41.81 43.60
C ILE E 241 -23.39 -40.42 43.11
N TYR E 242 -24.29 -39.74 42.39
CA TYR E 242 -24.05 -38.43 41.79
C TYR E 242 -25.00 -37.33 42.25
N SER E 243 -24.58 -36.08 42.04
CA SER E 243 -25.39 -34.91 42.31
C SER E 243 -26.00 -34.52 40.97
N PHE E 244 -27.19 -33.92 40.97
CA PHE E 244 -27.80 -33.47 39.72
C PHE E 244 -26.88 -32.46 39.06
N SER E 245 -26.25 -31.58 39.87
CA SER E 245 -25.31 -30.54 39.42
C SER E 245 -24.19 -31.10 38.57
N GLU E 246 -23.49 -32.15 39.03
CA GLU E 246 -22.39 -32.75 38.27
C GLU E 246 -22.87 -33.49 37.03
N SER E 247 -24.10 -34.01 37.08
CA SER E 247 -24.72 -34.74 35.97
C SER E 247 -25.09 -33.77 34.81
N LEU E 248 -25.51 -32.54 35.13
CA LEU E 248 -25.87 -31.51 34.14
C LEU E 248 -24.62 -30.97 33.44
N ARG E 249 -23.48 -30.98 34.16
CA ARG E 249 -22.17 -30.52 33.70
C ARG E 249 -21.64 -31.46 32.62
N LYS E 250 -21.93 -32.77 32.73
CA LYS E 250 -21.46 -33.82 31.82
C LYS E 250 -22.41 -34.08 30.65
N LEU E 251 -23.71 -33.81 30.82
CA LEU E 251 -24.74 -34.08 29.82
C LEU E 251 -25.15 -32.89 28.96
N CYS E 252 -24.64 -31.67 29.27
CA CYS E 252 -25.02 -30.46 28.52
C CYS E 252 -24.62 -30.49 27.03
N VAL E 253 -23.48 -31.10 26.71
CA VAL E 253 -23.00 -31.24 25.33
C VAL E 253 -23.63 -32.51 24.71
N PHE E 254 -23.79 -32.55 23.38
CA PHE E 254 -24.32 -33.75 22.70
C PHE E 254 -23.24 -34.81 22.66
N LYS E 255 -23.66 -36.08 22.62
CA LYS E 255 -22.80 -37.26 22.61
C LYS E 255 -21.83 -37.21 21.44
N LYS E 256 -20.49 -37.13 21.73
CA LYS E 256 -19.45 -37.10 20.69
C LYS E 256 -19.47 -38.41 19.89
N ILE E 257 -18.99 -38.40 18.63
CA ILE E 257 -19.05 -39.62 17.82
C ILE E 257 -17.95 -40.60 18.25
N GLU E 258 -18.41 -41.75 18.77
CA GLU E 258 -17.58 -42.85 19.22
C GLU E 258 -17.93 -44.08 18.40
N ARG E 259 -16.93 -44.61 17.68
CA ARG E 259 -17.03 -45.81 16.87
C ARG E 259 -15.84 -46.68 17.24
N HIS E 260 -15.99 -48.00 17.15
CA HIS E 260 -14.89 -48.91 17.47
C HIS E 260 -14.10 -49.21 16.21
N SER E 261 -12.77 -49.00 16.23
CA SER E 261 -11.91 -49.30 15.09
C SER E 261 -11.81 -50.79 14.86
N ILE E 262 -11.96 -51.24 13.60
CA ILE E 262 -11.87 -52.67 13.28
C ILE E 262 -10.42 -53.13 13.36
N HIS E 263 -10.22 -54.24 14.07
CA HIS E 263 -8.94 -54.92 14.28
C HIS E 263 -8.42 -55.43 12.94
N TRP E 264 -7.24 -54.95 12.53
CA TRP E 264 -6.63 -55.33 11.27
C TRP E 264 -5.42 -56.25 11.53
N PRO E 265 -5.61 -57.58 11.41
CA PRO E 265 -4.48 -58.49 11.64
C PRO E 265 -3.60 -58.59 10.40
N CYS E 266 -2.27 -58.66 10.60
CA CYS E 266 -1.27 -58.76 9.55
C CYS E 266 0.10 -59.10 10.13
N ARG E 267 1.14 -59.16 9.28
CA ARG E 267 2.51 -59.45 9.68
C ARG E 267 3.45 -58.36 9.19
N LEU E 268 4.23 -57.76 10.10
CA LEU E 268 5.24 -56.75 9.77
C LEU E 268 6.47 -57.54 9.35
N THR E 269 6.88 -57.39 8.09
CA THR E 269 8.02 -58.14 7.57
C THR E 269 9.26 -57.29 7.37
N ILE E 270 10.41 -57.86 7.76
CA ILE E 270 11.75 -57.29 7.61
C ILE E 270 12.50 -58.34 6.80
N GLY E 271 12.58 -58.12 5.49
CA GLY E 271 13.16 -59.07 4.55
C GLY E 271 12.13 -60.14 4.25
N SER E 272 12.56 -61.41 4.12
CA SER E 272 11.64 -62.52 3.86
C SER E 272 11.75 -63.61 4.93
N ASN E 273 12.67 -63.43 5.88
CA ASN E 273 12.90 -64.39 6.96
C ASN E 273 12.41 -63.92 8.33
N LEU E 274 12.13 -62.61 8.48
CA LEU E 274 11.64 -62.07 9.74
C LEU E 274 10.22 -61.55 9.61
N SER E 275 9.29 -62.15 10.36
CA SER E 275 7.88 -61.78 10.37
C SER E 275 7.43 -61.49 11.81
N ILE E 276 6.64 -60.43 12.00
CA ILE E 276 6.12 -60.05 13.31
C ILE E 276 4.61 -59.92 13.22
N ARG E 277 3.88 -60.77 13.95
CA ARG E 277 2.42 -60.75 13.95
C ARG E 277 1.95 -59.46 14.63
N ILE E 278 1.17 -58.65 13.89
CA ILE E 278 0.70 -57.35 14.36
C ILE E 278 -0.82 -57.19 14.21
N ALA E 279 -1.40 -56.20 14.90
CA ALA E 279 -2.81 -55.85 14.84
C ALA E 279 -2.91 -54.33 14.80
N ALA E 280 -3.47 -53.79 13.72
CA ALA E 280 -3.60 -52.34 13.54
C ALA E 280 -5.04 -51.87 13.69
N TYR E 281 -5.21 -50.62 14.16
CA TYR E 281 -6.51 -49.99 14.34
C TYR E 281 -6.40 -48.51 13.92
N LYS E 282 -7.50 -47.91 13.44
CA LYS E 282 -7.52 -46.49 13.05
C LYS E 282 -7.50 -45.60 14.29
N SER E 283 -6.41 -44.86 14.49
CA SER E 283 -6.23 -43.95 15.61
C SER E 283 -7.01 -42.67 15.38
N ILE E 284 -6.81 -42.03 14.20
CA ILE E 284 -7.41 -40.76 13.79
C ILE E 284 -8.03 -40.90 12.42
N LEU E 285 -9.16 -40.22 12.20
CA LEU E 285 -9.87 -40.14 10.93
C LEU E 285 -10.84 -38.99 10.93
N GLN E 286 -11.19 -38.48 9.74
CA GLN E 286 -12.17 -37.42 9.63
C GLN E 286 -13.55 -38.06 9.86
N GLU E 287 -14.01 -38.00 11.12
CA GLU E 287 -15.26 -38.57 11.58
C GLU E 287 -16.44 -37.78 11.07
N ARG E 288 -17.51 -38.48 10.69
CA ARG E 288 -18.73 -37.87 10.20
C ARG E 288 -19.97 -38.61 10.67
N VAL E 289 -21.12 -37.91 10.67
CA VAL E 289 -22.43 -38.49 10.96
C VAL E 289 -22.81 -39.27 9.69
N LYS E 290 -23.39 -40.46 9.84
CA LYS E 290 -23.78 -41.29 8.70
C LYS E 290 -25.06 -40.73 8.07
N LYS E 291 -26.08 -40.48 8.89
CA LYS E 291 -27.39 -39.96 8.51
C LYS E 291 -27.28 -38.52 7.98
N THR E 292 -27.85 -38.27 6.79
CA THR E 292 -27.86 -36.97 6.13
C THR E 292 -29.24 -36.64 5.56
N TRP E 293 -29.34 -35.51 4.85
CA TRP E 293 -30.58 -34.99 4.26
C TRP E 293 -31.11 -35.85 3.13
N THR E 294 -32.43 -36.08 3.17
CA THR E 294 -33.18 -36.80 2.13
C THR E 294 -33.96 -35.74 1.37
N VAL E 295 -33.72 -35.65 0.06
CA VAL E 295 -34.38 -34.66 -0.80
C VAL E 295 -35.80 -35.14 -1.02
N VAL E 296 -36.78 -34.36 -0.51
CA VAL E 296 -38.21 -34.70 -0.61
C VAL E 296 -39.01 -33.59 -1.29
N ASP E 297 -40.16 -33.95 -1.88
CA ASP E 297 -41.03 -32.97 -2.52
C ASP E 297 -41.56 -32.00 -1.47
N ALA E 298 -41.53 -30.70 -1.78
CA ALA E 298 -41.98 -29.64 -0.88
C ALA E 298 -43.47 -29.76 -0.51
N LYS E 299 -44.25 -30.48 -1.33
CA LYS E 299 -45.69 -30.67 -1.12
C LYS E 299 -46.01 -32.00 -0.46
N THR E 300 -45.62 -33.13 -1.08
CA THR E 300 -45.90 -34.48 -0.58
C THR E 300 -45.04 -34.82 0.63
N LEU E 301 -43.83 -34.22 0.70
CA LEU E 301 -42.81 -34.43 1.73
C LEU E 301 -42.31 -35.89 1.73
N LYS E 302 -42.33 -36.51 0.54
CA LYS E 302 -41.88 -37.88 0.33
C LYS E 302 -40.71 -37.98 -0.64
N LYS E 303 -39.84 -38.99 -0.43
CA LYS E 303 -38.62 -39.28 -1.19
C LYS E 303 -38.90 -39.86 -2.58
N GLU E 304 -39.82 -40.84 -2.66
CA GLU E 304 -40.19 -41.57 -3.87
C GLU E 304 -40.75 -40.70 -5.00
N ASP E 305 -41.27 -39.51 -4.64
CA ASP E 305 -41.81 -38.55 -5.62
C ASP E 305 -40.71 -37.85 -6.42
N ILE E 306 -39.45 -38.04 -6.02
CA ILE E 306 -38.28 -37.45 -6.68
C ILE E 306 -37.50 -38.57 -7.38
N GLN E 307 -37.14 -38.36 -8.65
CA GLN E 307 -36.40 -39.33 -9.44
C GLN E 307 -35.34 -38.64 -10.27
N LYS E 308 -34.14 -39.25 -10.33
CA LYS E 308 -33.00 -38.73 -11.07
C LYS E 308 -32.78 -39.49 -12.37
N GLU E 309 -32.86 -38.77 -13.50
CA GLU E 309 -32.66 -39.30 -14.84
C GLU E 309 -31.49 -38.55 -15.46
N THR E 310 -30.34 -39.24 -15.57
CA THR E 310 -29.12 -38.70 -16.17
C THR E 310 -29.11 -39.02 -17.66
N VAL E 311 -29.26 -37.99 -18.51
CA VAL E 311 -29.32 -38.18 -19.97
C VAL E 311 -27.97 -37.86 -20.62
N TYR E 312 -27.74 -38.43 -21.81
CA TYR E 312 -26.54 -38.27 -22.62
C TYR E 312 -26.88 -37.62 -23.96
N CYS E 313 -26.10 -36.60 -24.35
CA CYS E 313 -26.30 -35.84 -25.58
C CYS E 313 -24.97 -35.39 -26.21
N LEU E 314 -24.96 -35.15 -27.53
CA LEU E 314 -23.79 -34.69 -28.28
C LEU E 314 -23.42 -33.22 -27.97
N ASN E 315 -22.13 -32.97 -27.61
CA ASN E 315 -21.54 -31.66 -27.25
C ASN E 315 -21.68 -30.61 -28.36
N ASP E 316 -21.29 -30.97 -29.60
CA ASP E 316 -21.31 -30.09 -30.75
C ASP E 316 -22.71 -29.90 -31.32
N ASP E 317 -23.02 -28.64 -31.71
CA ASP E 317 -24.28 -28.19 -32.32
C ASP E 317 -25.51 -28.56 -31.48
N ASP E 318 -26.56 -29.13 -32.12
CA ASP E 318 -27.79 -29.57 -31.47
C ASP E 318 -27.48 -30.74 -30.57
N GLU E 319 -27.83 -30.58 -29.29
CA GLU E 319 -27.62 -31.54 -28.21
C GLU E 319 -27.96 -32.99 -28.59
N THR E 320 -29.17 -33.21 -29.11
CA THR E 320 -29.77 -34.49 -29.53
C THR E 320 -30.03 -35.31 -28.23
N GLU E 321 -29.74 -36.61 -28.24
CA GLU E 321 -29.84 -37.60 -27.15
C GLU E 321 -29.18 -38.91 -27.63
N VAL E 322 -28.58 -39.65 -26.69
CA VAL E 322 -27.92 -40.93 -26.94
C VAL E 322 -28.47 -41.98 -25.95
N LEU E 323 -28.77 -43.18 -26.47
CA LEU E 323 -29.29 -44.27 -25.67
C LEU E 323 -28.15 -45.07 -25.03
N LYS E 324 -28.36 -45.55 -23.80
CA LYS E 324 -27.42 -46.34 -23.00
C LYS E 324 -26.89 -47.58 -23.76
N GLU E 325 -27.66 -48.07 -24.74
CA GLU E 325 -27.30 -49.21 -25.58
C GLU E 325 -26.31 -48.82 -26.71
N ASP E 326 -25.73 -47.61 -26.63
CA ASP E 326 -24.78 -47.10 -27.61
C ASP E 326 -23.53 -46.45 -26.99
N ILE E 327 -23.37 -46.54 -25.66
CA ILE E 327 -22.22 -45.95 -24.96
C ILE E 327 -21.24 -47.00 -24.43
N ILE E 328 -19.94 -46.80 -24.71
CA ILE E 328 -18.84 -47.65 -24.25
C ILE E 328 -17.89 -46.84 -23.36
N GLN E 329 -17.08 -47.54 -22.55
CA GLN E 329 -16.12 -46.91 -21.66
C GLN E 329 -14.83 -46.55 -22.41
N GLY E 330 -14.22 -45.44 -22.02
CA GLY E 330 -12.97 -44.95 -22.58
C GLY E 330 -12.18 -44.10 -21.61
N PHE E 331 -10.93 -43.81 -21.98
CA PHE E 331 -10.03 -42.98 -21.18
C PHE E 331 -9.26 -42.05 -22.08
N ARG E 332 -8.86 -40.89 -21.55
CA ARG E 332 -8.06 -39.96 -22.32
C ARG E 332 -6.60 -40.17 -21.98
N TYR E 333 -5.75 -40.17 -23.01
CA TYR E 333 -4.30 -40.26 -22.89
C TYR E 333 -3.82 -39.03 -23.63
N GLY E 334 -3.85 -37.90 -22.94
CA GLY E 334 -3.52 -36.59 -23.51
C GLY E 334 -4.56 -36.24 -24.57
N SER E 335 -4.10 -36.08 -25.82
CA SER E 335 -4.96 -35.77 -26.96
C SER E 335 -5.68 -37.02 -27.49
N ASP E 336 -5.15 -38.21 -27.16
CA ASP E 336 -5.71 -39.49 -27.59
C ASP E 336 -6.90 -39.92 -26.74
N ILE E 337 -7.90 -40.53 -27.39
CA ILE E 337 -9.09 -41.07 -26.76
C ILE E 337 -8.99 -42.57 -26.94
N VAL E 338 -8.93 -43.30 -25.82
CA VAL E 338 -8.72 -44.74 -25.81
C VAL E 338 -9.92 -45.54 -25.27
N PRO E 339 -10.65 -46.26 -26.14
CA PRO E 339 -11.75 -47.09 -25.64
C PRO E 339 -11.19 -48.28 -24.85
N PHE E 340 -11.70 -48.47 -23.62
CA PHE E 340 -11.22 -49.52 -22.72
C PHE E 340 -12.39 -49.98 -21.86
N SER E 341 -12.96 -51.16 -22.16
CA SER E 341 -14.09 -51.73 -21.41
C SER E 341 -13.68 -52.11 -19.97
N LYS E 342 -14.66 -52.18 -19.05
CA LYS E 342 -14.44 -52.54 -17.65
C LYS E 342 -13.94 -53.98 -17.50
N VAL E 343 -14.28 -54.84 -18.49
CA VAL E 343 -13.88 -56.24 -18.57
C VAL E 343 -12.37 -56.33 -18.86
N ASP E 344 -11.91 -55.61 -19.91
CA ASP E 344 -10.51 -55.57 -20.33
C ASP E 344 -9.65 -54.92 -19.25
N GLU E 345 -10.17 -53.83 -18.65
CA GLU E 345 -9.53 -53.06 -17.57
C GLU E 345 -9.33 -53.93 -16.34
N GLU E 346 -10.27 -54.85 -16.07
CA GLU E 346 -10.25 -55.78 -14.94
C GLU E 346 -9.08 -56.77 -15.03
N GLN E 347 -8.73 -57.21 -16.25
CA GLN E 347 -7.66 -58.19 -16.49
C GLN E 347 -6.27 -57.57 -16.64
N MET E 348 -6.17 -56.39 -17.30
CA MET E 348 -4.91 -55.68 -17.50
C MET E 348 -4.52 -54.89 -16.24
N LYS E 349 -5.46 -54.74 -15.31
CA LYS E 349 -5.33 -54.05 -14.01
C LYS E 349 -4.12 -54.57 -13.24
N TYR E 350 -3.39 -53.65 -12.59
CA TYR E 350 -2.24 -53.97 -11.75
C TYR E 350 -2.67 -54.90 -10.61
N LYS E 351 -1.96 -56.03 -10.45
CA LYS E 351 -2.22 -57.06 -9.45
C LYS E 351 -1.02 -57.25 -8.53
N SER E 352 -1.24 -57.04 -7.23
CA SER E 352 -0.24 -57.17 -6.16
C SER E 352 -0.75 -58.14 -5.09
N GLU E 353 0.17 -58.69 -4.28
CA GLU E 353 -0.20 -59.54 -3.14
C GLU E 353 -0.83 -58.63 -2.08
N GLY E 354 -1.96 -59.07 -1.53
CA GLY E 354 -2.69 -58.26 -0.56
C GLY E 354 -2.37 -58.52 0.88
N LYS E 355 -2.89 -57.64 1.76
CA LYS E 355 -2.71 -57.64 3.22
C LYS E 355 -1.19 -57.76 3.55
N CYS E 356 -0.42 -56.81 2.98
CA CYS E 356 1.03 -56.76 3.09
C CYS E 356 1.53 -55.50 3.80
N PHE E 357 2.37 -55.69 4.83
CA PHE E 357 3.00 -54.63 5.63
C PHE E 357 4.48 -54.98 5.65
N SER E 358 5.26 -54.34 4.76
CA SER E 358 6.68 -54.66 4.60
C SER E 358 7.62 -53.48 4.76
N VAL E 359 8.65 -53.66 5.59
CA VAL E 359 9.69 -52.64 5.81
C VAL E 359 10.57 -52.57 4.57
N LEU E 360 10.79 -51.36 4.06
CA LEU E 360 11.64 -51.10 2.89
C LEU E 360 13.02 -50.70 3.36
N GLY E 361 13.06 -50.06 4.52
CA GLY E 361 14.27 -49.58 5.18
C GLY E 361 13.95 -48.64 6.32
N PHE E 362 15.00 -48.12 6.96
CA PHE E 362 14.87 -47.19 8.08
C PHE E 362 15.69 -45.95 7.79
N CYS E 363 15.24 -44.81 8.31
CA CYS E 363 15.93 -43.54 8.11
C CYS E 363 15.74 -42.64 9.32
N LYS E 364 16.52 -41.54 9.38
CA LYS E 364 16.42 -40.53 10.44
C LYS E 364 15.01 -39.94 10.37
N SER E 365 14.39 -39.70 11.54
CA SER E 365 13.04 -39.11 11.61
C SER E 365 13.00 -37.73 10.94
N SER E 366 14.16 -37.03 10.96
CA SER E 366 14.35 -35.72 10.34
C SER E 366 14.14 -35.77 8.82
N GLN E 367 14.46 -36.90 8.18
CA GLN E 367 14.30 -37.09 6.73
C GLN E 367 12.85 -37.27 6.32
N VAL E 368 11.95 -37.49 7.29
CA VAL E 368 10.52 -37.64 7.06
C VAL E 368 9.81 -36.44 7.67
N GLN E 369 9.47 -35.47 6.81
CA GLN E 369 8.82 -34.24 7.23
C GLN E 369 7.33 -34.44 7.29
N ARG E 370 6.72 -34.00 8.41
CA ARG E 370 5.27 -34.14 8.65
C ARG E 370 4.43 -33.42 7.58
N ARG E 371 5.04 -32.45 6.88
CA ARG E 371 4.41 -31.70 5.79
C ARG E 371 4.09 -32.60 4.59
N PHE E 372 4.72 -33.79 4.55
CA PHE E 372 4.53 -34.78 3.49
C PHE E 372 3.50 -35.83 3.84
N PHE E 373 2.99 -35.83 5.08
CA PHE E 373 1.97 -36.80 5.52
C PHE E 373 0.75 -36.76 4.62
N MET E 374 0.34 -37.92 4.17
CA MET E 374 -0.76 -38.11 3.24
C MET E 374 -1.81 -39.07 3.78
N GLY E 375 -2.94 -39.16 3.07
CA GLY E 375 -4.00 -40.08 3.42
C GLY E 375 -5.10 -39.52 4.31
N ASN E 376 -6.03 -40.41 4.66
CA ASN E 376 -7.20 -40.06 5.45
C ASN E 376 -7.26 -40.71 6.85
N GLN E 377 -6.19 -41.44 7.23
CA GLN E 377 -6.14 -42.16 8.49
C GLN E 377 -4.75 -42.16 9.12
N VAL E 378 -4.69 -42.60 10.37
CA VAL E 378 -3.47 -42.82 11.15
C VAL E 378 -3.69 -44.19 11.74
N LEU E 379 -2.73 -45.09 11.58
CA LEU E 379 -2.88 -46.44 12.13
C LEU E 379 -1.97 -46.64 13.31
N LYS E 380 -2.52 -47.14 14.41
CA LYS E 380 -1.69 -47.51 15.55
C LYS E 380 -1.52 -49.01 15.43
N VAL E 381 -0.26 -49.45 15.36
CA VAL E 381 0.11 -50.84 15.17
C VAL E 381 0.65 -51.46 16.45
N PHE E 382 -0.05 -52.48 16.96
CA PHE E 382 0.34 -53.21 18.15
C PHE E 382 0.69 -54.63 17.76
N ALA E 383 1.24 -55.41 18.70
CA ALA E 383 1.54 -56.81 18.44
C ALA E 383 0.21 -57.56 18.46
N ALA E 384 0.12 -58.70 17.73
CA ALA E 384 -1.08 -59.53 17.65
C ALA E 384 -1.62 -59.85 19.05
N ARG E 385 -2.94 -59.85 19.19
CA ARG E 385 -3.61 -60.08 20.45
C ARG E 385 -3.19 -61.39 21.12
N ASP E 386 -2.83 -61.29 22.42
CA ASP E 386 -2.42 -62.37 23.33
C ASP E 386 -1.11 -63.07 22.92
N ASP E 387 -0.31 -62.46 22.03
CA ASP E 387 0.96 -63.01 21.59
C ASP E 387 2.13 -62.25 22.25
N GLU E 388 2.70 -62.85 23.32
CA GLU E 388 3.81 -62.28 24.07
C GLU E 388 5.07 -62.18 23.22
N ALA E 389 5.39 -63.25 22.45
CA ALA E 389 6.55 -63.31 21.57
C ALA E 389 6.54 -62.16 20.57
N ALA E 390 5.38 -61.91 19.93
CA ALA E 390 5.18 -60.81 18.99
C ALA E 390 5.31 -59.46 19.70
N ALA E 391 4.79 -59.36 20.94
CA ALA E 391 4.84 -58.15 21.76
C ALA E 391 6.26 -57.73 22.08
N VAL E 392 7.12 -58.70 22.48
CA VAL E 392 8.54 -58.49 22.79
C VAL E 392 9.28 -58.05 21.52
N ALA E 393 9.03 -58.76 20.39
CA ALA E 393 9.64 -58.49 19.09
C ALA E 393 9.34 -57.08 18.64
N LEU E 394 8.06 -56.66 18.71
CA LEU E 394 7.67 -55.31 18.32
C LEU E 394 8.24 -54.26 19.26
N SER E 395 8.23 -54.53 20.59
CA SER E 395 8.80 -53.62 21.59
C SER E 395 10.28 -53.36 21.31
N SER E 396 11.00 -54.38 20.78
CA SER E 396 12.41 -54.25 20.41
C SER E 396 12.55 -53.21 19.31
N LEU E 397 11.71 -53.30 18.26
CA LEU E 397 11.70 -52.38 17.12
C LEU E 397 11.39 -50.96 17.56
N ILE E 398 10.29 -50.77 18.32
CA ILE E 398 9.83 -49.48 18.84
C ILE E 398 10.95 -48.74 19.57
N HIS E 399 11.53 -49.40 20.59
CA HIS E 399 12.60 -48.83 21.41
C HIS E 399 13.89 -48.58 20.64
N ALA E 400 14.23 -49.46 19.68
CA ALA E 400 15.43 -49.31 18.86
C ALA E 400 15.31 -48.04 18.02
N LEU E 401 14.16 -47.86 17.35
CA LEU E 401 13.90 -46.68 16.51
C LEU E 401 13.89 -45.41 17.35
N ASP E 402 13.28 -45.47 18.54
CA ASP E 402 13.20 -44.35 19.48
C ASP E 402 14.59 -43.96 19.97
N ASP E 403 15.39 -44.95 20.41
CA ASP E 403 16.76 -44.73 20.90
C ASP E 403 17.72 -44.31 19.79
N LEU E 404 17.38 -44.57 18.52
CA LEU E 404 18.21 -44.20 17.38
C LEU E 404 17.66 -42.96 16.68
N ASP E 405 16.50 -42.43 17.15
CA ASP E 405 15.79 -41.28 16.57
C ASP E 405 15.58 -41.54 15.06
N MET E 406 15.06 -42.74 14.77
CA MET E 406 14.80 -43.19 13.42
C MET E 406 13.37 -43.66 13.25
N VAL E 407 12.97 -43.88 11.99
CA VAL E 407 11.64 -44.32 11.60
C VAL E 407 11.76 -45.40 10.51
N ALA E 408 10.68 -46.16 10.30
CA ALA E 408 10.63 -47.19 9.27
C ALA E 408 9.83 -46.67 8.09
N ILE E 409 10.28 -47.00 6.87
CA ILE E 409 9.58 -46.65 5.64
C ILE E 409 9.00 -47.96 5.15
N VAL E 410 7.67 -48.05 5.13
CA VAL E 410 7.00 -49.31 4.80
C VAL E 410 6.05 -49.26 3.60
N ARG E 411 5.74 -50.44 3.06
CA ARG E 411 4.77 -50.66 2.00
C ARG E 411 3.54 -51.21 2.70
N TYR E 412 2.40 -50.52 2.58
CA TYR E 412 1.15 -50.92 3.22
C TYR E 412 0.05 -51.17 2.20
N ALA E 413 -0.65 -52.30 2.33
CA ALA E 413 -1.77 -52.69 1.48
C ALA E 413 -2.83 -53.33 2.36
N TYR E 414 -4.01 -52.70 2.43
CA TYR E 414 -5.16 -53.14 3.23
C TYR E 414 -5.58 -54.59 2.92
N ASP E 415 -5.82 -54.88 1.63
CA ASP E 415 -6.20 -56.21 1.13
C ASP E 415 -5.65 -56.47 -0.27
N LYS E 416 -6.04 -57.60 -0.89
CA LYS E 416 -5.62 -58.01 -2.24
C LYS E 416 -6.04 -57.04 -3.34
N ARG E 417 -7.14 -56.30 -3.12
CA ARG E 417 -7.67 -55.37 -4.09
C ARG E 417 -7.15 -53.94 -3.93
N ALA E 418 -6.96 -53.49 -2.67
CA ALA E 418 -6.50 -52.14 -2.32
C ALA E 418 -5.19 -51.73 -2.97
N ASN E 419 -5.13 -50.45 -3.38
CA ASN E 419 -3.94 -49.85 -4.00
C ASN E 419 -2.85 -49.74 -2.95
N PRO E 420 -1.63 -50.29 -3.22
CA PRO E 420 -0.56 -50.22 -2.21
C PRO E 420 -0.09 -48.80 -1.93
N GLN E 421 0.41 -48.57 -0.72
CA GLN E 421 0.88 -47.27 -0.28
C GLN E 421 2.29 -47.38 0.28
N VAL E 422 3.01 -46.27 0.25
CA VAL E 422 4.33 -46.16 0.87
C VAL E 422 4.06 -45.22 2.02
N GLY E 423 4.54 -45.57 3.20
CA GLY E 423 4.34 -44.74 4.39
C GLY E 423 5.42 -44.84 5.44
N VAL E 424 5.22 -44.14 6.54
CA VAL E 424 6.13 -44.10 7.68
C VAL E 424 5.53 -44.84 8.87
N ALA E 425 6.36 -45.56 9.62
CA ALA E 425 5.97 -46.25 10.85
C ALA E 425 6.92 -45.74 11.93
N PHE E 426 6.43 -44.88 12.82
CA PHE E 426 7.28 -44.29 13.84
C PHE E 426 6.92 -44.71 15.27
N PRO E 427 7.92 -44.77 16.19
CA PRO E 427 7.64 -45.18 17.58
C PRO E 427 6.72 -44.22 18.36
N HIS E 428 5.88 -44.78 19.25
CA HIS E 428 4.97 -44.02 20.12
C HIS E 428 5.25 -44.41 21.59
N ILE E 429 5.87 -43.50 22.37
CA ILE E 429 6.29 -44.01 23.69
C ILE E 429 5.51 -43.55 24.94
N LYS E 430 4.26 -44.01 24.97
CA LYS E 430 3.44 -43.94 26.20
C LYS E 430 3.75 -45.13 27.13
N HIS E 431 3.56 -44.92 28.45
CA HIS E 431 3.85 -45.92 29.49
C HIS E 431 2.83 -47.05 29.61
N ASN E 432 1.56 -46.79 29.25
CA ASN E 432 0.49 -47.78 29.29
C ASN E 432 0.49 -48.67 28.06
N TYR E 433 1.00 -48.14 26.93
CA TYR E 433 1.03 -48.83 25.66
C TYR E 433 2.15 -48.36 24.76
N GLU E 434 2.75 -49.31 24.05
CA GLU E 434 3.80 -49.06 23.07
C GLU E 434 3.31 -49.51 21.73
N CYS E 435 3.51 -48.67 20.71
CA CYS E 435 3.07 -48.97 19.35
C CYS E 435 3.82 -48.18 18.32
N LEU E 436 3.67 -48.61 17.06
CA LEU E 436 4.22 -47.93 15.91
C LEU E 436 3.03 -47.17 15.33
N VAL E 437 3.28 -45.94 14.86
CA VAL E 437 2.22 -45.14 14.27
C VAL E 437 2.47 -45.11 12.78
N TYR E 438 1.48 -45.55 12.00
CA TYR E 438 1.55 -45.56 10.55
C TYR E 438 0.80 -44.38 9.95
N VAL E 439 1.46 -43.66 9.03
CA VAL E 439 0.91 -42.54 8.26
C VAL E 439 1.46 -42.67 6.84
N GLN E 440 0.60 -42.51 5.82
CA GLN E 440 0.97 -42.62 4.42
C GLN E 440 1.88 -41.47 4.01
N LEU E 441 2.87 -41.75 3.15
CA LEU E 441 3.79 -40.78 2.58
C LEU E 441 3.44 -40.60 1.09
N PRO E 442 3.92 -39.54 0.41
CA PRO E 442 3.52 -39.36 -0.99
C PRO E 442 4.32 -40.13 -2.02
N PHE E 443 3.69 -40.34 -3.18
CA PHE E 443 4.32 -40.90 -4.37
C PHE E 443 4.80 -39.68 -5.16
N MET E 444 5.84 -39.85 -6.00
CA MET E 444 6.41 -38.80 -6.84
C MET E 444 5.31 -38.01 -7.61
N GLU E 445 4.31 -38.73 -8.11
CA GLU E 445 3.17 -38.21 -8.87
C GLU E 445 2.24 -37.33 -8.04
N ASP E 446 2.29 -37.46 -6.69
CA ASP E 446 1.45 -36.72 -5.76
C ASP E 446 2.03 -35.35 -5.41
N LEU E 447 3.36 -35.20 -5.51
CA LEU E 447 4.05 -33.97 -5.17
C LEU E 447 3.82 -32.86 -6.19
N ARG E 448 3.63 -31.62 -5.69
CA ARG E 448 3.42 -30.43 -6.53
C ARG E 448 4.53 -29.44 -6.28
N GLN E 449 5.43 -29.29 -7.26
CA GLN E 449 6.61 -28.44 -7.20
C GLN E 449 6.33 -26.97 -7.53
N TYR E 450 6.03 -26.15 -6.50
CA TYR E 450 5.77 -24.71 -6.65
C TYR E 450 6.89 -23.90 -6.01
N MET E 451 7.44 -22.94 -6.77
CA MET E 451 8.49 -22.06 -6.29
C MET E 451 7.88 -20.78 -5.76
N PHE E 452 8.34 -20.34 -4.58
CA PHE E 452 7.84 -19.14 -3.92
C PHE E 452 9.01 -18.19 -3.65
N SER E 453 8.75 -16.88 -3.76
CA SER E 453 9.78 -15.87 -3.54
C SER E 453 10.27 -15.88 -2.09
N SER E 454 11.58 -15.71 -1.91
CA SER E 454 12.20 -15.65 -0.58
C SER E 454 11.68 -14.41 0.12
N LEU E 455 11.33 -14.53 1.39
CA LEU E 455 10.80 -13.40 2.17
C LEU E 455 11.88 -12.79 3.05
N LYS E 456 12.83 -13.62 3.51
CA LYS E 456 13.97 -13.22 4.31
C LYS E 456 14.88 -12.37 3.40
N ASN E 457 15.09 -12.87 2.16
CA ASN E 457 15.89 -12.20 1.13
C ASN E 457 15.02 -11.24 0.27
N SER E 458 14.11 -10.50 0.93
CA SER E 458 13.26 -9.53 0.24
C SER E 458 13.70 -8.12 0.59
N LYS E 459 13.85 -7.28 -0.43
CA LYS E 459 14.24 -5.87 -0.24
C LYS E 459 13.00 -5.02 -0.04
N LYS E 460 11.84 -5.50 -0.54
CA LYS E 460 10.55 -4.82 -0.51
C LYS E 460 9.73 -4.98 0.78
N TYR E 461 9.70 -6.20 1.35
CA TYR E 461 8.85 -6.51 2.50
C TYR E 461 9.59 -6.83 3.80
N ALA E 462 10.86 -6.41 3.93
CA ALA E 462 11.62 -6.65 5.15
C ALA E 462 11.07 -5.76 6.28
N PRO E 463 10.62 -6.36 7.41
CA PRO E 463 10.08 -5.53 8.50
C PRO E 463 11.14 -4.77 9.28
N THR E 464 10.74 -3.63 9.86
CA THR E 464 11.63 -2.81 10.68
C THR E 464 11.81 -3.47 12.05
N GLU E 465 12.75 -2.97 12.85
CA GLU E 465 13.02 -3.46 14.20
C GLU E 465 11.79 -3.29 15.09
N ALA E 466 11.10 -2.13 14.99
CA ALA E 466 9.90 -1.81 15.76
C ALA E 466 8.75 -2.76 15.44
N GLN E 467 8.58 -3.09 14.15
CA GLN E 467 7.55 -3.99 13.64
C GLN E 467 7.75 -5.40 14.22
N LEU E 468 9.01 -5.87 14.22
CA LEU E 468 9.40 -7.17 14.75
C LEU E 468 9.19 -7.26 16.26
N ASN E 469 9.45 -6.16 16.99
CA ASN E 469 9.26 -6.10 18.45
C ASN E 469 7.79 -6.14 18.84
N ALA E 470 6.90 -5.55 18.00
CA ALA E 470 5.46 -5.54 18.23
C ALA E 470 4.90 -6.95 18.08
N VAL E 471 5.41 -7.71 17.08
CA VAL E 471 5.01 -9.09 16.82
C VAL E 471 5.54 -9.97 17.95
N ASP E 472 6.77 -9.69 18.43
CA ASP E 472 7.38 -10.40 19.56
C ASP E 472 6.49 -10.26 20.80
N ALA E 473 6.00 -9.02 21.07
CA ALA E 473 5.12 -8.74 22.20
C ALA E 473 3.76 -9.41 22.01
N LEU E 474 3.26 -9.47 20.75
CA LEU E 474 1.99 -10.12 20.42
C LEU E 474 2.03 -11.61 20.70
N ILE E 475 3.10 -12.30 20.28
CA ILE E 475 3.26 -13.75 20.47
C ILE E 475 3.33 -14.11 21.97
N ASP E 476 3.98 -13.25 22.79
CA ASP E 476 4.08 -13.44 24.23
C ASP E 476 2.74 -13.26 24.94
N SER E 477 1.99 -12.22 24.55
CA SER E 477 0.67 -11.92 25.13
C SER E 477 -0.35 -13.01 24.79
N MET E 478 -0.34 -13.48 23.53
CA MET E 478 -1.25 -14.51 23.02
C MET E 478 -0.79 -15.95 23.25
N SER E 479 0.05 -16.20 24.27
CA SER E 479 0.52 -17.55 24.57
C SER E 479 -0.63 -18.44 25.04
N LEU E 480 -0.74 -19.63 24.42
CA LEU E 480 -1.78 -20.61 24.72
C LEU E 480 -1.27 -21.74 25.62
N ALA E 481 -0.11 -21.51 26.26
CA ALA E 481 0.52 -22.46 27.18
C ALA E 481 1.05 -21.74 28.41
N LYS E 482 1.28 -22.48 29.50
CA LYS E 482 1.75 -21.92 30.76
C LYS E 482 2.51 -22.99 31.55
N LYS E 483 3.67 -22.62 32.10
CA LYS E 483 4.50 -23.52 32.90
C LYS E 483 4.11 -23.40 34.38
N ASP E 484 3.64 -24.51 34.99
CA ASP E 484 3.21 -24.52 36.40
C ASP E 484 4.34 -24.88 37.37
N GLU E 485 4.40 -24.14 38.50
CA GLU E 485 5.32 -24.28 39.64
C GLU E 485 6.82 -24.47 39.25
N LYS E 486 7.22 -23.99 38.06
CA LYS E 486 8.58 -24.09 37.49
C LYS E 486 9.11 -25.55 37.44
N THR E 487 8.19 -26.50 37.17
CA THR E 487 8.46 -27.94 37.10
C THR E 487 8.79 -28.38 35.66
N ASP E 488 9.04 -27.39 34.78
CA ASP E 488 9.36 -27.54 33.35
C ASP E 488 8.27 -28.32 32.62
N THR E 489 7.03 -28.24 33.14
CA THR E 489 5.84 -28.89 32.59
C THR E 489 4.93 -27.84 31.98
N LEU E 490 4.55 -28.03 30.70
CA LEU E 490 3.69 -27.10 29.98
C LEU E 490 2.24 -27.50 30.08
N GLU E 491 1.42 -26.53 30.51
CA GLU E 491 -0.02 -26.73 30.64
C GLU E 491 -0.68 -26.03 29.46
N ASP E 492 -1.32 -26.80 28.56
CA ASP E 492 -2.02 -26.28 27.37
C ASP E 492 -3.31 -25.59 27.81
N LEU E 493 -3.40 -24.28 27.57
CA LEU E 493 -4.55 -23.48 27.94
C LEU E 493 -5.70 -23.59 26.95
N PHE E 494 -5.45 -24.14 25.75
CA PHE E 494 -6.46 -24.29 24.71
C PHE E 494 -6.25 -25.61 23.93
N PRO E 495 -6.59 -26.78 24.53
CA PRO E 495 -6.29 -28.08 23.89
C PRO E 495 -6.83 -28.37 22.49
N THR E 496 -8.09 -28.01 22.17
CA THR E 496 -8.78 -28.19 20.86
C THR E 496 -9.03 -29.66 20.46
N THR E 497 -8.14 -30.61 20.80
CA THR E 497 -8.33 -32.03 20.48
C THR E 497 -9.30 -32.73 21.44
N LYS E 498 -9.67 -32.04 22.53
CA LYS E 498 -10.62 -32.52 23.55
C LYS E 498 -12.01 -31.98 23.23
N ILE E 499 -12.08 -30.92 22.42
CA ILE E 499 -13.31 -30.26 22.00
C ILE E 499 -14.07 -31.13 20.99
N PRO E 500 -15.39 -31.36 21.21
CA PRO E 500 -16.16 -32.08 20.20
C PRO E 500 -16.43 -31.20 18.97
N ASN E 501 -16.52 -31.82 17.77
CA ASN E 501 -16.75 -31.13 16.51
C ASN E 501 -18.05 -30.34 16.59
N PRO E 502 -17.98 -28.98 16.51
CA PRO E 502 -19.20 -28.17 16.63
C PRO E 502 -20.25 -28.38 15.55
N ARG E 503 -19.87 -28.92 14.37
CA ARG E 503 -20.80 -29.20 13.26
C ARG E 503 -21.95 -30.10 13.72
N PHE E 504 -21.62 -31.20 14.44
CA PHE E 504 -22.58 -32.18 14.92
C PHE E 504 -23.48 -31.59 15.98
N GLN E 505 -22.91 -30.90 16.97
CA GLN E 505 -23.60 -30.24 18.06
C GLN E 505 -24.60 -29.24 17.51
N ARG E 506 -24.19 -28.53 16.47
CA ARG E 506 -25.02 -27.52 15.82
C ARG E 506 -26.15 -28.16 15.04
N LEU E 507 -25.83 -29.22 14.27
CA LEU E 507 -26.83 -29.96 13.47
C LEU E 507 -27.91 -30.49 14.41
N PHE E 508 -27.49 -31.15 15.51
CA PHE E 508 -28.38 -31.74 16.49
C PHE E 508 -29.25 -30.72 17.20
N GLN E 509 -28.68 -29.57 17.59
CA GLN E 509 -29.42 -28.49 18.25
C GLN E 509 -30.58 -28.06 17.34
N CYS E 510 -30.28 -27.86 16.04
CA CYS E 510 -31.23 -27.42 15.03
C CYS E 510 -32.28 -28.45 14.74
N LEU E 511 -31.87 -29.73 14.55
CA LEU E 511 -32.78 -30.85 14.31
C LEU E 511 -33.76 -31.02 15.45
N LEU E 512 -33.28 -30.84 16.70
CA LEU E 512 -34.10 -30.91 17.92
C LEU E 512 -35.04 -29.72 17.96
N HIS E 513 -34.52 -28.50 17.71
CA HIS E 513 -35.32 -27.29 17.71
C HIS E 513 -36.47 -27.36 16.69
N ARG E 514 -36.20 -27.85 15.47
CA ARG E 514 -37.22 -27.98 14.45
C ARG E 514 -38.26 -29.06 14.83
N ALA E 515 -37.84 -30.09 15.56
CA ALA E 515 -38.74 -31.16 15.99
C ALA E 515 -39.71 -30.71 17.07
N LEU E 516 -39.21 -29.96 18.07
CA LEU E 516 -40.03 -29.49 19.18
C LEU E 516 -40.81 -28.20 18.86
N HIS E 517 -40.25 -27.35 17.96
CA HIS E 517 -40.86 -26.07 17.58
C HIS E 517 -40.86 -25.92 16.04
N PRO E 518 -41.78 -26.59 15.32
CA PRO E 518 -41.76 -26.54 13.84
C PRO E 518 -42.03 -25.17 13.21
N ARG E 519 -42.80 -24.32 13.89
CA ARG E 519 -43.18 -22.98 13.40
C ARG E 519 -42.04 -21.97 13.57
N GLU E 520 -41.20 -22.15 14.61
CA GLU E 520 -40.09 -21.26 14.95
C GLU E 520 -38.94 -21.36 13.97
N PRO E 521 -38.25 -20.25 13.61
CA PRO E 521 -37.07 -20.36 12.73
C PRO E 521 -35.90 -21.02 13.49
N LEU E 522 -34.80 -21.32 12.78
CA LEU E 522 -33.65 -21.97 13.41
C LEU E 522 -33.01 -21.10 14.50
N PRO E 523 -32.62 -21.73 15.64
CA PRO E 523 -32.04 -20.94 16.75
C PRO E 523 -30.61 -20.51 16.49
N PRO E 524 -30.09 -19.49 17.21
CA PRO E 524 -28.68 -19.11 17.01
C PRO E 524 -27.75 -20.10 17.72
N ILE E 525 -26.46 -20.07 17.38
CA ILE E 525 -25.45 -20.94 17.98
C ILE E 525 -25.41 -20.72 19.48
N GLN E 526 -25.48 -21.81 20.25
CA GLN E 526 -25.46 -21.80 21.72
C GLN E 526 -24.14 -21.25 22.22
N GLN E 527 -24.21 -20.37 23.23
CA GLN E 527 -23.05 -19.70 23.82
C GLN E 527 -21.95 -20.63 24.25
N HIS E 528 -22.27 -21.75 24.91
CA HIS E 528 -21.25 -22.70 25.36
C HIS E 528 -20.41 -23.22 24.20
N ILE E 529 -21.03 -23.40 23.01
CA ILE E 529 -20.35 -23.84 21.79
C ILE E 529 -19.32 -22.78 21.42
N TRP E 530 -19.74 -21.50 21.34
CA TRP E 530 -18.81 -20.41 21.04
C TRP E 530 -17.74 -20.32 22.10
N ASN E 531 -18.10 -20.49 23.38
CA ASN E 531 -17.18 -20.44 24.52
C ASN E 531 -16.07 -21.48 24.41
N MET E 532 -16.40 -22.68 23.89
CA MET E 532 -15.38 -23.72 23.76
C MET E 532 -14.53 -23.54 22.50
N LEU E 533 -15.05 -22.83 21.47
CA LEU E 533 -14.33 -22.57 20.23
C LEU E 533 -13.40 -21.35 20.31
N ASN E 534 -13.51 -20.56 21.39
CA ASN E 534 -12.70 -19.37 21.59
C ASN E 534 -11.60 -19.61 22.63
N PRO E 535 -10.45 -18.92 22.51
CA PRO E 535 -9.38 -19.10 23.51
C PRO E 535 -9.78 -18.51 24.87
N PRO E 536 -9.06 -18.84 25.97
CA PRO E 536 -9.41 -18.25 27.29
C PRO E 536 -9.49 -16.72 27.23
N ALA E 537 -10.50 -16.15 27.91
CA ALA E 537 -10.77 -14.71 27.97
C ALA E 537 -9.55 -13.89 28.39
N GLU E 538 -8.65 -14.53 29.15
CA GLU E 538 -7.39 -13.95 29.64
C GLU E 538 -6.51 -13.58 28.44
N VAL E 539 -6.38 -14.52 27.47
CA VAL E 539 -5.61 -14.40 26.23
C VAL E 539 -6.09 -13.21 25.38
N THR E 540 -7.43 -13.04 25.25
CA THR E 540 -8.08 -11.98 24.48
C THR E 540 -7.78 -10.58 25.02
N THR E 541 -7.76 -10.40 26.36
CA THR E 541 -7.45 -9.09 26.94
C THR E 541 -5.99 -8.71 26.70
N LYS E 542 -5.08 -9.69 26.88
CA LYS E 542 -3.65 -9.47 26.67
C LYS E 542 -3.33 -9.16 25.22
N SER E 543 -4.07 -9.76 24.27
CA SER E 543 -3.88 -9.61 22.82
C SER E 543 -4.16 -8.20 22.30
N GLN E 544 -5.30 -7.59 22.72
CA GLN E 544 -5.80 -6.30 22.27
C GLN E 544 -4.80 -5.15 22.30
N ILE E 545 -3.99 -5.06 23.37
CA ILE E 545 -2.99 -3.99 23.50
C ILE E 545 -1.86 -4.14 22.44
N PRO E 546 -1.07 -5.25 22.37
CA PRO E 546 -0.06 -5.35 21.31
C PRO E 546 -0.67 -5.37 19.91
N LEU E 547 -1.94 -5.84 19.79
CA LEU E 547 -2.71 -5.85 18.55
C LEU E 547 -2.90 -4.42 18.09
N SER E 548 -3.23 -3.52 19.03
CA SER E 548 -3.42 -2.09 18.75
C SER E 548 -2.14 -1.46 18.19
N LYS E 549 -0.98 -1.81 18.79
CA LYS E 549 0.35 -1.34 18.35
C LYS E 549 0.67 -1.87 16.94
N ILE E 550 0.27 -3.13 16.64
CA ILE E 550 0.47 -3.77 15.35
C ILE E 550 -0.32 -3.08 14.24
N LYS E 551 -1.56 -2.65 14.53
CA LYS E 551 -2.41 -1.96 13.57
C LYS E 551 -1.80 -0.64 13.09
N THR E 552 -1.06 0.04 13.97
CA THR E 552 -0.41 1.32 13.65
C THR E 552 0.94 1.12 12.97
N LEU E 553 1.68 0.06 13.34
CA LEU E 553 2.99 -0.24 12.77
C LEU E 553 2.95 -0.90 11.41
N PHE E 554 1.93 -1.71 11.14
CA PHE E 554 1.80 -2.44 9.86
C PHE E 554 0.66 -1.90 9.01
N PRO E 555 0.96 -1.02 8.03
CA PRO E 555 -0.11 -0.50 7.16
C PRO E 555 -0.71 -1.62 6.30
N LEU E 556 -2.04 -1.71 6.32
CA LEU E 556 -2.80 -2.69 5.54
C LEU E 556 -3.93 -1.98 4.81
N ILE E 557 -3.96 -2.10 3.48
CA ILE E 557 -4.99 -1.45 2.67
C ILE E 557 -5.37 -2.29 1.45
N GLU E 558 -6.68 -2.34 1.14
CA GLU E 558 -7.21 -3.10 0.00
C GLU E 558 -6.82 -2.46 -1.34
N ALA E 559 -6.36 -3.30 -2.31
CA ALA E 559 -5.96 -2.88 -3.65
C ALA E 559 -7.16 -2.51 -4.54
N LYS E 560 -6.89 -1.82 -5.68
CA LYS E 560 -7.91 -1.42 -6.65
C LYS E 560 -7.47 -1.72 -8.07
N LYS F 7 25.50 43.10 -27.95
CA LYS F 7 24.50 44.16 -28.09
C LYS F 7 23.67 43.99 -29.40
N PRO F 8 22.41 43.51 -29.33
CA PRO F 8 21.60 43.33 -30.55
C PRO F 8 21.19 44.64 -31.21
N ARG F 9 21.21 44.67 -32.55
CA ARG F 9 20.86 45.83 -33.37
C ARG F 9 19.91 45.48 -34.51
N GLY F 10 19.16 46.50 -34.95
CA GLY F 10 18.24 46.46 -36.09
C GLY F 10 17.27 45.31 -36.18
N LEU F 11 17.63 44.25 -36.95
CA LEU F 11 16.76 43.10 -37.15
C LEU F 11 16.63 42.22 -35.90
N PHE F 12 17.73 42.07 -35.14
CA PHE F 12 17.79 41.22 -33.95
C PHE F 12 17.32 41.90 -32.67
N SER F 13 17.45 43.24 -32.59
CA SER F 13 17.04 44.01 -31.40
C SER F 13 15.52 43.98 -31.17
S SO4 K . 22.51 38.39 -12.83
O1 SO4 K . 23.29 39.54 -13.30
O2 SO4 K . 21.22 38.85 -12.31
O3 SO4 K . 22.28 37.47 -13.94
O4 SO4 K . 23.24 37.71 -11.76
S SO4 L . -3.09 -40.07 22.47
O1 SO4 L . -2.39 -38.80 22.35
O2 SO4 L . -3.24 -40.42 23.88
O3 SO4 L . -4.41 -39.97 21.85
O4 SO4 L . -2.32 -41.12 21.79
S SO4 M . -18.16 -51.05 -21.78
O1 SO4 M . -17.82 -50.86 -20.37
O2 SO4 M . -19.42 -50.37 -22.06
O3 SO4 M . -18.30 -52.47 -22.06
O4 SO4 M . -17.11 -50.48 -22.61
#